data_2HLR
# 
_entry.id   2HLR 
# 
_audit_conform.dict_name       mmcif_pdbx.dic 
_audit_conform.dict_version    5.397 
_audit_conform.dict_location   http://mmcif.pdb.org/dictionaries/ascii/mmcif_pdbx.dic 
# 
loop_
_database_2.database_id 
_database_2.database_code 
_database_2.pdbx_database_accession 
_database_2.pdbx_DOI 
PDB   2HLR         pdb_00002hlr 10.2210/pdb2hlr/pdb 
RCSB  RCSB038491   ?            ?                   
WWPDB D_1000038491 ?            ?                   
# 
loop_
_pdbx_audit_revision_history.ordinal 
_pdbx_audit_revision_history.data_content_type 
_pdbx_audit_revision_history.major_revision 
_pdbx_audit_revision_history.minor_revision 
_pdbx_audit_revision_history.revision_date 
1 'Structure model' 1 0 2006-11-28 
2 'Structure model' 1 1 2008-05-01 
3 'Structure model' 1 2 2011-07-13 
4 'Structure model' 1 3 2017-10-18 
5 'Structure model' 1 4 2024-10-09 
# 
_pdbx_audit_revision_details.ordinal             1 
_pdbx_audit_revision_details.revision_ordinal    1 
_pdbx_audit_revision_details.data_content_type   'Structure model' 
_pdbx_audit_revision_details.provider            repository 
_pdbx_audit_revision_details.type                'Initial release' 
_pdbx_audit_revision_details.description         ? 
_pdbx_audit_revision_details.details             ? 
# 
loop_
_pdbx_audit_revision_group.ordinal 
_pdbx_audit_revision_group.revision_ordinal 
_pdbx_audit_revision_group.data_content_type 
_pdbx_audit_revision_group.group 
1 2 'Structure model' 'Version format compliance' 
2 3 'Structure model' 'Version format compliance' 
3 4 'Structure model' 'Refinement description'    
4 5 'Structure model' 'Data collection'           
5 5 'Structure model' 'Database references'       
6 5 'Structure model' 'Structure summary'         
# 
loop_
_pdbx_audit_revision_category.ordinal 
_pdbx_audit_revision_category.revision_ordinal 
_pdbx_audit_revision_category.data_content_type 
_pdbx_audit_revision_category.category 
1 4 'Structure model' software                  
2 5 'Structure model' chem_comp_atom            
3 5 'Structure model' chem_comp_bond            
4 5 'Structure model' database_2                
5 5 'Structure model' pdbx_entry_details        
6 5 'Structure model' pdbx_modification_feature 
# 
loop_
_pdbx_audit_revision_item.ordinal 
_pdbx_audit_revision_item.revision_ordinal 
_pdbx_audit_revision_item.data_content_type 
_pdbx_audit_revision_item.item 
1 5 'Structure model' '_database_2.pdbx_DOI'                
2 5 'Structure model' '_database_2.pdbx_database_accession' 
# 
_pdbx_database_status.entry_id                        2HLR 
_pdbx_database_status.deposit_site                    RCSB 
_pdbx_database_status.process_site                    PDBJ 
_pdbx_database_status.recvd_initial_deposition_date   2006-07-10 
_pdbx_database_status.status_code                     REL 
_pdbx_database_status.status_code_sf                  REL 
_pdbx_database_status.status_code_mr                  ? 
_pdbx_database_status.SG_entry                        ? 
_pdbx_database_status.pdb_format_compatible           Y 
_pdbx_database_status.status_code_cs                  ? 
_pdbx_database_status.methods_development_category    ? 
_pdbx_database_status.status_code_nmr_data            ? 
# 
_pdbx_database_related.db_name        PDB 
_pdbx_database_related.db_id          2HLQ 
_pdbx_database_related.details        'the same protein in Type A crystal form' 
_pdbx_database_related.content_type   unspecified 
# 
loop_
_audit_author.name 
_audit_author.pdbx_ordinal 
'Mace, P.D.'     1 
'Cutfield, J.F.' 2 
'Cutfield, S.M.' 3 
# 
_citation.id                        primary 
_citation.title                     
'High resolution structures of the bone morphogenetic protein type II receptor in two crystal forms: Implications for ligand binding' 
_citation.journal_abbrev            Biochem.Biophys.Res.Commun. 
_citation.journal_volume            351 
_citation.page_first                831 
_citation.page_last                 838 
_citation.year                      2006 
_citation.journal_id_ASTM           BBRCA9 
_citation.country                   US 
_citation.journal_id_ISSN           0006-291X 
_citation.journal_id_CSD            0146 
_citation.book_publisher            ? 
_citation.pdbx_database_id_PubMed   17094948 
_citation.pdbx_database_id_DOI      10.1016/j.bbrc.2006.10.109 
# 
loop_
_citation_author.citation_id 
_citation_author.name 
_citation_author.ordinal 
_citation_author.identifier_ORCID 
primary 'Mace, P.D.'     1 ? 
primary 'Cutfield, J.F.' 2 ? 
primary 'Cutfield, S.M.' 3 ? 
# 
loop_
_entity.id 
_entity.type 
_entity.src_method 
_entity.pdbx_description 
_entity.formula_weight 
_entity.pdbx_number_of_molecules 
_entity.pdbx_ec 
_entity.pdbx_mutation 
_entity.pdbx_fragment 
_entity.details 
1 polymer man 'Bone morphogenetic protein receptor type-2' 11146.431 1  2.7.11.30 ? 'residues 32-131' ? 
2 water   nat water                                        18.015    73 ?         ? ?                 ? 
# 
_entity_name_com.entity_id   1 
_entity_name_com.name        'Bone morphogenetic receptor type II, BMPRII' 
# 
_entity_poly.entity_id                      1 
_entity_poly.type                           'polypeptide(L)' 
_entity_poly.nstd_linkage                   no 
_entity_poly.nstd_monomer                   no 
_entity_poly.pdbx_seq_one_letter_code       
;ALCAFKDPYQQDLGIGESRISHENGTILCSKGSTCYGLWEKSKGDINLVKQGCWSHIGDPQECHYEECVVTTTPPSIQNG
TYRFCCCSTDLCNVNFTENF
;
_entity_poly.pdbx_seq_one_letter_code_can   
;ALCAFKDPYQQDLGIGESRISHENGTILCSKGSTCYGLWEKSKGDINLVKQGCWSHIGDPQECHYEECVVTTTPPSIQNG
TYRFCCCSTDLCNVNFTENF
;
_entity_poly.pdbx_strand_id                 A 
_entity_poly.pdbx_target_identifier         ? 
# 
_pdbx_entity_nonpoly.entity_id   2 
_pdbx_entity_nonpoly.name        water 
_pdbx_entity_nonpoly.comp_id     HOH 
# 
loop_
_entity_poly_seq.entity_id 
_entity_poly_seq.num 
_entity_poly_seq.mon_id 
_entity_poly_seq.hetero 
1 1   ALA n 
1 2   LEU n 
1 3   CYS n 
1 4   ALA n 
1 5   PHE n 
1 6   LYS n 
1 7   ASP n 
1 8   PRO n 
1 9   TYR n 
1 10  GLN n 
1 11  GLN n 
1 12  ASP n 
1 13  LEU n 
1 14  GLY n 
1 15  ILE n 
1 16  GLY n 
1 17  GLU n 
1 18  SER n 
1 19  ARG n 
1 20  ILE n 
1 21  SER n 
1 22  HIS n 
1 23  GLU n 
1 24  ASN n 
1 25  GLY n 
1 26  THR n 
1 27  ILE n 
1 28  LEU n 
1 29  CYS n 
1 30  SER n 
1 31  LYS n 
1 32  GLY n 
1 33  SER n 
1 34  THR n 
1 35  CYS n 
1 36  TYR n 
1 37  GLY n 
1 38  LEU n 
1 39  TRP n 
1 40  GLU n 
1 41  LYS n 
1 42  SER n 
1 43  LYS n 
1 44  GLY n 
1 45  ASP n 
1 46  ILE n 
1 47  ASN n 
1 48  LEU n 
1 49  VAL n 
1 50  LYS n 
1 51  GLN n 
1 52  GLY n 
1 53  CYS n 
1 54  TRP n 
1 55  SER n 
1 56  HIS n 
1 57  ILE n 
1 58  GLY n 
1 59  ASP n 
1 60  PRO n 
1 61  GLN n 
1 62  GLU n 
1 63  CYS n 
1 64  HIS n 
1 65  TYR n 
1 66  GLU n 
1 67  GLU n 
1 68  CYS n 
1 69  VAL n 
1 70  VAL n 
1 71  THR n 
1 72  THR n 
1 73  THR n 
1 74  PRO n 
1 75  PRO n 
1 76  SER n 
1 77  ILE n 
1 78  GLN n 
1 79  ASN n 
1 80  GLY n 
1 81  THR n 
1 82  TYR n 
1 83  ARG n 
1 84  PHE n 
1 85  CYS n 
1 86  CYS n 
1 87  CYS n 
1 88  SER n 
1 89  THR n 
1 90  ASP n 
1 91  LEU n 
1 92  CYS n 
1 93  ASN n 
1 94  VAL n 
1 95  ASN n 
1 96  PHE n 
1 97  THR n 
1 98  GLU n 
1 99  ASN n 
1 100 PHE n 
# 
_entity_src_gen.entity_id                          1 
_entity_src_gen.pdbx_src_id                        1 
_entity_src_gen.pdbx_alt_source_flag               sample 
_entity_src_gen.pdbx_seq_type                      ? 
_entity_src_gen.pdbx_beg_seq_num                   ? 
_entity_src_gen.pdbx_end_seq_num                   ? 
_entity_src_gen.gene_src_common_name               sheep 
_entity_src_gen.gene_src_genus                     Ovis 
_entity_src_gen.pdbx_gene_src_gene                 BMPRII 
_entity_src_gen.gene_src_species                   ? 
_entity_src_gen.gene_src_strain                    ? 
_entity_src_gen.gene_src_tissue                    ? 
_entity_src_gen.gene_src_tissue_fraction           ? 
_entity_src_gen.gene_src_details                   ? 
_entity_src_gen.pdbx_gene_src_fragment             ? 
_entity_src_gen.pdbx_gene_src_scientific_name      'Ovis aries' 
_entity_src_gen.pdbx_gene_src_ncbi_taxonomy_id     9940 
_entity_src_gen.pdbx_gene_src_variant              ? 
_entity_src_gen.pdbx_gene_src_cell_line            ? 
_entity_src_gen.pdbx_gene_src_atcc                 ? 
_entity_src_gen.pdbx_gene_src_organ                ? 
_entity_src_gen.pdbx_gene_src_organelle            ? 
_entity_src_gen.pdbx_gene_src_cell                 ? 
_entity_src_gen.pdbx_gene_src_cellular_location    ? 
_entity_src_gen.host_org_common_name               ? 
_entity_src_gen.pdbx_host_org_scientific_name      'Escherichia coli BL21(DE3)' 
_entity_src_gen.pdbx_host_org_ncbi_taxonomy_id     469008 
_entity_src_gen.host_org_genus                     Escherichia 
_entity_src_gen.pdbx_host_org_gene                 ? 
_entity_src_gen.pdbx_host_org_organ                ? 
_entity_src_gen.host_org_species                   'Escherichia coli' 
_entity_src_gen.pdbx_host_org_tissue               ? 
_entity_src_gen.pdbx_host_org_tissue_fraction      ? 
_entity_src_gen.pdbx_host_org_strain               'BL21(DE3)' 
_entity_src_gen.pdbx_host_org_variant              ? 
_entity_src_gen.pdbx_host_org_cell_line            ? 
_entity_src_gen.pdbx_host_org_atcc                 ? 
_entity_src_gen.pdbx_host_org_culture_collection   ? 
_entity_src_gen.pdbx_host_org_cell                 ? 
_entity_src_gen.pdbx_host_org_organelle            ? 
_entity_src_gen.pdbx_host_org_cellular_location    ? 
_entity_src_gen.pdbx_host_org_vector_type          plasmid 
_entity_src_gen.pdbx_host_org_vector               ? 
_entity_src_gen.host_org_details                   ? 
_entity_src_gen.expression_system_id               ? 
_entity_src_gen.plasmid_name                       pet21a 
_entity_src_gen.plasmid_details                    ? 
_entity_src_gen.pdbx_description                   ? 
# 
loop_
_chem_comp.id 
_chem_comp.type 
_chem_comp.mon_nstd_flag 
_chem_comp.name 
_chem_comp.pdbx_synonyms 
_chem_comp.formula 
_chem_comp.formula_weight 
ALA 'L-peptide linking' y ALANINE         ? 'C3 H7 N O2'     89.093  
ARG 'L-peptide linking' y ARGININE        ? 'C6 H15 N4 O2 1' 175.209 
ASN 'L-peptide linking' y ASPARAGINE      ? 'C4 H8 N2 O3'    132.118 
ASP 'L-peptide linking' y 'ASPARTIC ACID' ? 'C4 H7 N O4'     133.103 
CYS 'L-peptide linking' y CYSTEINE        ? 'C3 H7 N O2 S'   121.158 
GLN 'L-peptide linking' y GLUTAMINE       ? 'C5 H10 N2 O3'   146.144 
GLU 'L-peptide linking' y 'GLUTAMIC ACID' ? 'C5 H9 N O4'     147.129 
GLY 'peptide linking'   y GLYCINE         ? 'C2 H5 N O2'     75.067  
HIS 'L-peptide linking' y HISTIDINE       ? 'C6 H10 N3 O2 1' 156.162 
HOH non-polymer         . WATER           ? 'H2 O'           18.015  
ILE 'L-peptide linking' y ISOLEUCINE      ? 'C6 H13 N O2'    131.173 
LEU 'L-peptide linking' y LEUCINE         ? 'C6 H13 N O2'    131.173 
LYS 'L-peptide linking' y LYSINE          ? 'C6 H15 N2 O2 1' 147.195 
PHE 'L-peptide linking' y PHENYLALANINE   ? 'C9 H11 N O2'    165.189 
PRO 'L-peptide linking' y PROLINE         ? 'C5 H9 N O2'     115.130 
SER 'L-peptide linking' y SERINE          ? 'C3 H7 N O3'     105.093 
THR 'L-peptide linking' y THREONINE       ? 'C4 H9 N O3'     119.119 
TRP 'L-peptide linking' y TRYPTOPHAN      ? 'C11 H12 N2 O2'  204.225 
TYR 'L-peptide linking' y TYROSINE        ? 'C9 H11 N O3'    181.189 
VAL 'L-peptide linking' y VALINE          ? 'C5 H11 N O2'    117.146 
# 
loop_
_pdbx_poly_seq_scheme.asym_id 
_pdbx_poly_seq_scheme.entity_id 
_pdbx_poly_seq_scheme.seq_id 
_pdbx_poly_seq_scheme.mon_id 
_pdbx_poly_seq_scheme.ndb_seq_num 
_pdbx_poly_seq_scheme.pdb_seq_num 
_pdbx_poly_seq_scheme.auth_seq_num 
_pdbx_poly_seq_scheme.pdb_mon_id 
_pdbx_poly_seq_scheme.auth_mon_id 
_pdbx_poly_seq_scheme.pdb_strand_id 
_pdbx_poly_seq_scheme.pdb_ins_code 
_pdbx_poly_seq_scheme.hetero 
A 1 1   ALA 1   32  32  ALA ALA A . n 
A 1 2   LEU 2   33  33  LEU LEU A . n 
A 1 3   CYS 3   34  34  CYS CYS A . n 
A 1 4   ALA 4   35  35  ALA ALA A . n 
A 1 5   PHE 5   36  36  PHE PHE A . n 
A 1 6   LYS 6   37  37  LYS LYS A . n 
A 1 7   ASP 7   38  38  ASP ASP A . n 
A 1 8   PRO 8   39  39  PRO PRO A . n 
A 1 9   TYR 9   40  40  TYR TYR A . n 
A 1 10  GLN 10  41  ?   ?   ?   A . n 
A 1 11  GLN 11  42  ?   ?   ?   A . n 
A 1 12  ASP 12  43  ?   ?   ?   A . n 
A 1 13  LEU 13  44  ?   ?   ?   A . n 
A 1 14  GLY 14  45  ?   ?   ?   A . n 
A 1 15  ILE 15  46  ?   ?   ?   A . n 
A 1 16  GLY 16  47  ?   ?   ?   A . n 
A 1 17  GLU 17  48  ?   ?   ?   A . n 
A 1 18  SER 18  49  ?   ?   ?   A . n 
A 1 19  ARG 19  50  ?   ?   ?   A . n 
A 1 20  ILE 20  51  ?   ?   ?   A . n 
A 1 21  SER 21  52  ?   ?   ?   A . n 
A 1 22  HIS 22  53  ?   ?   ?   A . n 
A 1 23  GLU 23  54  ?   ?   ?   A . n 
A 1 24  ASN 24  55  55  ASN ASN A . n 
A 1 25  GLY 25  56  56  GLY GLY A . n 
A 1 26  THR 26  57  57  THR THR A . n 
A 1 27  ILE 27  58  58  ILE ILE A . n 
A 1 28  LEU 28  59  59  LEU LEU A . n 
A 1 29  CYS 29  60  60  CYS CYS A . n 
A 1 30  SER 30  61  61  SER SER A . n 
A 1 31  LYS 31  62  62  LYS LYS A . n 
A 1 32  GLY 32  63  63  GLY GLY A . n 
A 1 33  SER 33  64  64  SER SER A . n 
A 1 34  THR 34  65  65  THR THR A . n 
A 1 35  CYS 35  66  66  CYS CYS A . n 
A 1 36  TYR 36  67  67  TYR TYR A . n 
A 1 37  GLY 37  68  68  GLY GLY A . n 
A 1 38  LEU 38  69  69  LEU LEU A . n 
A 1 39  TRP 39  70  70  TRP TRP A . n 
A 1 40  GLU 40  71  ?   ?   ?   A . n 
A 1 41  LYS 41  72  ?   ?   ?   A . n 
A 1 42  SER 42  73  ?   ?   ?   A . n 
A 1 43  LYS 43  74  ?   ?   ?   A . n 
A 1 44  GLY 44  75  ?   ?   ?   A . n 
A 1 45  ASP 45  76  ?   ?   ?   A . n 
A 1 46  ILE 46  77  ?   ?   ?   A . n 
A 1 47  ASN 47  78  78  ASN ASN A . n 
A 1 48  LEU 48  79  79  LEU LEU A . n 
A 1 49  VAL 49  80  80  VAL VAL A . n 
A 1 50  LYS 50  81  81  LYS LYS A . n 
A 1 51  GLN 51  82  82  GLN GLN A . n 
A 1 52  GLY 52  83  83  GLY GLY A . n 
A 1 53  CYS 53  84  84  CYS CYS A . n 
A 1 54  TRP 54  85  85  TRP TRP A . n 
A 1 55  SER 55  86  86  SER SER A . n 
A 1 56  HIS 56  87  87  HIS HIS A . n 
A 1 57  ILE 57  88  88  ILE ILE A . n 
A 1 58  GLY 58  89  89  GLY GLY A . n 
A 1 59  ASP 59  90  90  ASP ASP A . n 
A 1 60  PRO 60  91  91  PRO PRO A . n 
A 1 61  GLN 61  92  92  GLN GLN A . n 
A 1 62  GLU 62  93  93  GLU GLU A . n 
A 1 63  CYS 63  94  94  CYS CYS A . n 
A 1 64  HIS 64  95  95  HIS HIS A . n 
A 1 65  TYR 65  96  96  TYR TYR A . n 
A 1 66  GLU 66  97  97  GLU GLU A . n 
A 1 67  GLU 67  98  98  GLU GLU A . n 
A 1 68  CYS 68  99  99  CYS CYS A . n 
A 1 69  VAL 69  100 100 VAL VAL A . n 
A 1 70  VAL 70  101 101 VAL VAL A . n 
A 1 71  THR 71  102 102 THR THR A . n 
A 1 72  THR 72  103 ?   ?   ?   A . n 
A 1 73  THR 73  104 ?   ?   ?   A . n 
A 1 74  PRO 74  105 ?   ?   ?   A . n 
A 1 75  PRO 75  106 ?   ?   ?   A . n 
A 1 76  SER 76  107 ?   ?   ?   A . n 
A 1 77  ILE 77  108 ?   ?   ?   A . n 
A 1 78  GLN 78  109 ?   ?   ?   A . n 
A 1 79  ASN 79  110 ?   ?   ?   A . n 
A 1 80  GLY 80  111 ?   ?   ?   A . n 
A 1 81  THR 81  112 ?   ?   ?   A . n 
A 1 82  TYR 82  113 113 TYR TYR A . n 
A 1 83  ARG 83  114 114 ARG ARG A . n 
A 1 84  PHE 84  115 115 PHE PHE A . n 
A 1 85  CYS 85  116 116 CYS CYS A . n 
A 1 86  CYS 86  117 117 CYS CYS A . n 
A 1 87  CYS 87  118 118 CYS CYS A . n 
A 1 88  SER 88  119 119 SER SER A . n 
A 1 89  THR 89  120 120 THR THR A . n 
A 1 90  ASP 90  121 121 ASP ASP A . n 
A 1 91  LEU 91  122 122 LEU LEU A . n 
A 1 92  CYS 92  123 123 CYS CYS A . n 
A 1 93  ASN 93  124 124 ASN ASN A . n 
A 1 94  VAL 94  125 125 VAL VAL A . n 
A 1 95  ASN 95  126 126 ASN ASN A . n 
A 1 96  PHE 96  127 127 PHE PHE A . n 
A 1 97  THR 97  128 128 THR THR A . n 
A 1 98  GLU 98  129 129 GLU GLU A . n 
A 1 99  ASN 99  130 ?   ?   ?   A . n 
A 1 100 PHE 100 131 ?   ?   ?   A . n 
# 
loop_
_pdbx_nonpoly_scheme.asym_id 
_pdbx_nonpoly_scheme.entity_id 
_pdbx_nonpoly_scheme.mon_id 
_pdbx_nonpoly_scheme.ndb_seq_num 
_pdbx_nonpoly_scheme.pdb_seq_num 
_pdbx_nonpoly_scheme.auth_seq_num 
_pdbx_nonpoly_scheme.pdb_mon_id 
_pdbx_nonpoly_scheme.auth_mon_id 
_pdbx_nonpoly_scheme.pdb_strand_id 
_pdbx_nonpoly_scheme.pdb_ins_code 
B 2 HOH 1  132 1  HOH HOH A . 
B 2 HOH 2  133 2  HOH HOH A . 
B 2 HOH 3  134 3  HOH HOH A . 
B 2 HOH 4  135 4  HOH HOH A . 
B 2 HOH 5  136 5  HOH HOH A . 
B 2 HOH 6  137 6  HOH HOH A . 
B 2 HOH 7  138 7  HOH HOH A . 
B 2 HOH 8  139 8  HOH HOH A . 
B 2 HOH 9  140 9  HOH HOH A . 
B 2 HOH 10 141 10 HOH HOH A . 
B 2 HOH 11 142 11 HOH HOH A . 
B 2 HOH 12 143 12 HOH HOH A . 
B 2 HOH 13 144 13 HOH HOH A . 
B 2 HOH 14 145 14 HOH HOH A . 
B 2 HOH 15 146 15 HOH HOH A . 
B 2 HOH 16 147 16 HOH HOH A . 
B 2 HOH 17 148 17 HOH HOH A . 
B 2 HOH 18 149 18 HOH HOH A . 
B 2 HOH 19 150 19 HOH HOH A . 
B 2 HOH 20 151 20 HOH HOH A . 
B 2 HOH 21 152 21 HOH HOH A . 
B 2 HOH 22 153 22 HOH HOH A . 
B 2 HOH 23 154 23 HOH HOH A . 
B 2 HOH 24 155 24 HOH HOH A . 
B 2 HOH 25 156 25 HOH HOH A . 
B 2 HOH 26 157 26 HOH HOH A . 
B 2 HOH 27 158 27 HOH HOH A . 
B 2 HOH 28 159 28 HOH HOH A . 
B 2 HOH 29 160 29 HOH HOH A . 
B 2 HOH 30 161 30 HOH HOH A . 
B 2 HOH 31 162 31 HOH HOH A . 
B 2 HOH 32 163 32 HOH HOH A . 
B 2 HOH 33 164 33 HOH HOH A . 
B 2 HOH 34 165 34 HOH HOH A . 
B 2 HOH 35 166 35 HOH HOH A . 
B 2 HOH 36 167 36 HOH HOH A . 
B 2 HOH 37 168 37 HOH HOH A . 
B 2 HOH 38 169 38 HOH HOH A . 
B 2 HOH 39 170 39 HOH HOH A . 
B 2 HOH 40 171 40 HOH HOH A . 
B 2 HOH 41 172 41 HOH HOH A . 
B 2 HOH 42 173 42 HOH HOH A . 
B 2 HOH 43 174 43 HOH HOH A . 
B 2 HOH 44 175 44 HOH HOH A . 
B 2 HOH 45 176 45 HOH HOH A . 
B 2 HOH 46 177 46 HOH HOH A . 
B 2 HOH 47 178 47 HOH HOH A . 
B 2 HOH 48 179 48 HOH HOH A . 
B 2 HOH 49 180 49 HOH HOH A . 
B 2 HOH 50 181 50 HOH HOH A . 
B 2 HOH 51 182 51 HOH HOH A . 
B 2 HOH 52 183 52 HOH HOH A . 
B 2 HOH 53 184 53 HOH HOH A . 
B 2 HOH 54 185 54 HOH HOH A . 
B 2 HOH 55 186 55 HOH HOH A . 
B 2 HOH 56 187 56 HOH HOH A . 
B 2 HOH 57 188 57 HOH HOH A . 
B 2 HOH 58 189 58 HOH HOH A . 
B 2 HOH 59 190 59 HOH HOH A . 
B 2 HOH 60 191 60 HOH HOH A . 
B 2 HOH 61 192 62 HOH HOH A . 
B 2 HOH 62 193 63 HOH HOH A . 
B 2 HOH 63 194 64 HOH HOH A . 
B 2 HOH 64 195 65 HOH HOH A . 
B 2 HOH 65 196 66 HOH HOH A . 
B 2 HOH 66 197 67 HOH HOH A . 
B 2 HOH 67 198 68 HOH HOH A . 
B 2 HOH 68 199 70 HOH HOH A . 
B 2 HOH 69 200 71 HOH HOH A . 
B 2 HOH 70 201 72 HOH HOH A . 
B 2 HOH 71 202 73 HOH HOH A . 
B 2 HOH 72 203 74 HOH HOH A . 
B 2 HOH 73 204 75 HOH HOH A . 
# 
loop_
_software.name 
_software.version 
_software.date 
_software.type 
_software.contact_author 
_software.contact_author_email 
_software.classification 
_software.location 
_software.language 
_software.citation_id 
_software.pdbx_ordinal 
DENZO       .         ?                package 'Zbyszek Otwinowski' zbyszek@mix.swmed.edu    'data reduction'  
http://www.lnls.br/infra/linhasluz/denzo-hkl.htm ?          ? 1 
SCALEPACK   .         ?                package 'Zbyszek Otwinowski' zbyszek@mix.swmed.edu    'data scaling'    
http://www.lnls.br/infra/linhasluz/denzo-hkl.htm ?          ? 2 
REFMAC      5.2.0019  ?                program 'Murshudov, G.N.'    ccp4@dl.ac.uk            refinement        
http://www.ccp4.ac.uk/main.html                  Fortran_77 ? 3 
PDB_EXTRACT 2.000     'April. 3, 2006' package PDB                  sw-help@rcsb.rutgers.edu 'data extraction' 
http://pdb.rutgers.edu/software/                 C++        ? 4 
MOSFLM      .         ?                ?       ?                    ?                        'data reduction'  ? ?          ? 5 
CCP4        '(SCALA)' ?                ?       ?                    ?                        'data scaling'    ? ?          ? 6 
SHARP       .         ?                ?       ?                    ?                        phasing           ? ?          ? 7 
# 
_cell.entry_id           2HLR 
_cell.length_a           35.063 
_cell.length_b           35.063 
_cell.length_c           121.057 
_cell.angle_alpha        90.00 
_cell.angle_beta         90.00 
_cell.angle_gamma        90.00 
_cell.Z_PDB              8 
_cell.pdbx_unique_axis   ? 
_cell.length_a_esd       ? 
_cell.length_b_esd       ? 
_cell.length_c_esd       ? 
_cell.angle_alpha_esd    ? 
_cell.angle_beta_esd     ? 
_cell.angle_gamma_esd    ? 
# 
_symmetry.entry_id                         2HLR 
_symmetry.space_group_name_H-M             'P 43 21 2' 
_symmetry.pdbx_full_space_group_name_H-M   ? 
_symmetry.cell_setting                     ? 
_symmetry.Int_Tables_number                96 
_symmetry.space_group_name_Hall            ? 
# 
_exptl.crystals_number   1 
_exptl.entry_id          2HLR 
_exptl.method            'X-RAY DIFFRACTION' 
# 
_exptl_crystal.id                    1 
_exptl_crystal.density_meas          ? 
_exptl_crystal.density_Matthews      1.67 
_exptl_crystal.density_percent_sol   26.28 
_exptl_crystal.description           ? 
_exptl_crystal.F_000                 ? 
_exptl_crystal.preparation           ? 
# 
_exptl_crystal_grow.crystal_id      1 
_exptl_crystal_grow.method          'VAPOR DIFFUSION, HANGING DROP' 
_exptl_crystal_grow.pH              6.0 
_exptl_crystal_grow.temp            290 
_exptl_crystal_grow.pdbx_details    
'0.1M Na Citrate, 25% PEG2000 MME, 0.8M Sodium Formate, pH 6.0, vapor diffusion, hanging drop, temperature 290K' 
_exptl_crystal_grow.temp_details    ? 
_exptl_crystal_grow.pdbx_pH_range   . 
# 
_diffrn.id                     1 
_diffrn.ambient_temp           113 
_diffrn.ambient_temp_details   ? 
_diffrn.crystal_id             1 
# 
_diffrn_detector.diffrn_id              1 
_diffrn_detector.detector               CCD 
_diffrn_detector.type                   MARRESEARCH 
_diffrn_detector.pdbx_collection_date   2006-02-10 
_diffrn_detector.details                ? 
# 
_diffrn_radiation.diffrn_id                        1 
_diffrn_radiation.pdbx_diffrn_protocol             'SINGLE WAVELENGTH' 
_diffrn_radiation.monochromator                    ? 
_diffrn_radiation.wavelength_id                    1 
_diffrn_radiation.pdbx_monochromatic_or_laue_m_l   M 
_diffrn_radiation.pdbx_scattering_type             x-ray 
# 
_diffrn_radiation_wavelength.id           1 
_diffrn_radiation_wavelength.wavelength   0.97946 
_diffrn_radiation_wavelength.wt           1.0 
# 
_diffrn_source.diffrn_id                   1 
_diffrn_source.source                      SYNCHROTRON 
_diffrn_source.type                        'SSRL BEAMLINE BL9-2' 
_diffrn_source.pdbx_wavelength_list        0.97946 
_diffrn_source.pdbx_wavelength             ? 
_diffrn_source.pdbx_synchrotron_site       SSRL 
_diffrn_source.pdbx_synchrotron_beamline   BL9-2 
# 
_reflns.entry_id                     2HLR 
_reflns.observed_criterion_sigma_F   ? 
_reflns.observed_criterion_sigma_I   ? 
_reflns.d_resolution_high            1.200 
_reflns.d_resolution_low             24.290 
_reflns.number_all                   ? 
_reflns.number_obs                   23947 
_reflns.percent_possible_obs         98.1 
_reflns.pdbx_Rmerge_I_obs            0.091 
_reflns.pdbx_Rsym_value              ? 
_reflns.pdbx_netI_over_sigmaI        15.2 
_reflns.B_iso_Wilson_estimate        ? 
_reflns.pdbx_redundancy              29.5 
_reflns.R_free_details               ? 
_reflns.limit_h_max                  ? 
_reflns.limit_h_min                  ? 
_reflns.limit_k_max                  ? 
_reflns.limit_k_min                  ? 
_reflns.limit_l_max                  ? 
_reflns.limit_l_min                  ? 
_reflns.observed_criterion_F_max     ? 
_reflns.observed_criterion_F_min     ? 
_reflns.pdbx_chi_squared             ? 
_reflns.pdbx_scaling_rejects         ? 
_reflns.pdbx_diffrn_id               1 
_reflns.pdbx_ordinal                 1 
# 
_reflns_shell.d_res_high             1.200 
_reflns_shell.d_res_low              1.232 
_reflns_shell.percent_possible_obs   ? 
_reflns_shell.percent_possible_all   88.2 
_reflns_shell.Rmerge_I_obs           0.585 
_reflns_shell.meanI_over_sigI_obs    13.6 
_reflns_shell.pdbx_Rsym_value        ? 
_reflns_shell.pdbx_redundancy        2.8 
_reflns_shell.number_unique_all      ? 
_reflns_shell.number_measured_all    ? 
_reflns_shell.number_measured_obs    ? 
_reflns_shell.number_unique_obs      ? 
_reflns_shell.pdbx_chi_squared       ? 
_reflns_shell.pdbx_diffrn_id         ? 
_reflns_shell.pdbx_ordinal           1 
# 
_refine.entry_id                                 2HLR 
_refine.ls_d_res_high                            1.200 
_refine.ls_d_res_low                             24.290 
_refine.pdbx_ls_sigma_F                          0.00 
_refine.ls_percent_reflns_obs                    99.890 
_refine.ls_number_reflns_obs                     23343 
_refine.pdbx_ls_cross_valid_method               THROUGHOUT 
_refine.pdbx_R_Free_selection_details            RANDOM 
_refine.details                                  'HYDROGENS HAVE BEEN ADDED IN THE RIDING POSITIONS' 
_refine.ls_R_factor_all                          ? 
_refine.ls_R_factor_R_work                       0.22018 
_refine.ls_R_factor_R_free                       0.2291 
_refine.ls_percent_reflns_R_free                 5.100 
_refine.ls_number_reflns_R_free                  1254 
_refine.B_iso_mean                               15.349 
_refine.aniso_B[1][1]                            -0.09 
_refine.aniso_B[2][2]                            -0.09 
_refine.aniso_B[3][3]                            0.18 
_refine.aniso_B[1][2]                            0.00 
_refine.aniso_B[1][3]                            0.00 
_refine.aniso_B[2][3]                            0.00 
_refine.correlation_coeff_Fo_to_Fc               0.951 
_refine.correlation_coeff_Fo_to_Fc_free          0.951 
_refine.pdbx_overall_ESU_R                       0.050 
_refine.pdbx_overall_ESU_R_Free                  0.045 
_refine.overall_SU_ML                            0.031 
_refine.overall_SU_B                             1.480 
_refine.solvent_model_details                    MASK 
_refine.pdbx_solvent_vdw_probe_radii             1.400 
_refine.pdbx_solvent_ion_probe_radii             0.800 
_refine.pdbx_solvent_shrinkage_radii             0.800 
_refine.pdbx_stereochemistry_target_values       'MAXIMUM LIKELIHOOD' 
_refine.pdbx_ls_sigma_I                          ? 
_refine.ls_number_reflns_all                     24597 
_refine.ls_R_factor_obs                          0.22061 
_refine.ls_redundancy_reflns_obs                 ? 
_refine.pdbx_data_cutoff_high_absF               ? 
_refine.pdbx_data_cutoff_low_absF                ? 
_refine.ls_number_parameters                     ? 
_refine.ls_number_restraints                     ? 
_refine.ls_R_factor_R_free_error                 ? 
_refine.ls_R_factor_R_free_error_details         ? 
_refine.pdbx_method_to_determine_struct          SAD 
_refine.pdbx_starting_model                      ? 
_refine.pdbx_stereochem_target_val_spec_case     ? 
_refine.solvent_model_param_bsol                 ? 
_refine.solvent_model_param_ksol                 ? 
_refine.occupancy_max                            ? 
_refine.occupancy_min                            ? 
_refine.pdbx_isotropic_thermal_model             ? 
_refine.B_iso_min                                ? 
_refine.B_iso_max                                ? 
_refine.overall_SU_R_Cruickshank_DPI             ? 
_refine.overall_SU_R_free                        ? 
_refine.pdbx_data_cutoff_high_rms_absF           ? 
_refine.ls_wR_factor_R_free                      ? 
_refine.ls_wR_factor_R_work                      ? 
_refine.overall_FOM_free_R_set                   ? 
_refine.overall_FOM_work_R_set                   ? 
_refine.pdbx_refine_id                           'X-RAY DIFFRACTION' 
_refine.pdbx_diffrn_id                           1 
_refine.pdbx_TLS_residual_ADP_flag               ? 
_refine.pdbx_overall_phase_error                 ? 
_refine.pdbx_overall_SU_R_free_Cruickshank_DPI   ? 
_refine.pdbx_overall_SU_R_Blow_DPI               ? 
_refine.pdbx_overall_SU_R_free_Blow_DPI          ? 
# 
_refine_hist.pdbx_refine_id                   'X-RAY DIFFRACTION' 
_refine_hist.cycle_id                         LAST 
_refine_hist.pdbx_number_atoms_protein        533 
_refine_hist.pdbx_number_atoms_nucleic_acid   0 
_refine_hist.pdbx_number_atoms_ligand         0 
_refine_hist.number_atoms_solvent             73 
_refine_hist.number_atoms_total               606 
_refine_hist.d_res_high                       1.200 
_refine_hist.d_res_low                        24.290 
# 
loop_
_refine_ls_restr.type 
_refine_ls_restr.dev_ideal 
_refine_ls_restr.dev_ideal_target 
_refine_ls_restr.weight 
_refine_ls_restr.number 
_refine_ls_restr.pdbx_refine_id 
_refine_ls_restr.pdbx_restraint_function 
r_bond_refined_d             0.007  0.022  ? 550  'X-RAY DIFFRACTION' ? 
r_bond_other_d               0.001  0.020  ? 364  'X-RAY DIFFRACTION' ? 
r_angle_refined_deg          1.214  1.919  ? 747  'X-RAY DIFFRACTION' ? 
r_angle_other_deg            0.756  3.023  ? 872  'X-RAY DIFFRACTION' ? 
r_dihedral_angle_1_deg       6.707  5.000  ? 65   'X-RAY DIFFRACTION' ? 
r_dihedral_angle_2_deg       33.938 25.000 ? 26   'X-RAY DIFFRACTION' ? 
r_dihedral_angle_3_deg       10.917 15.000 ? 84   'X-RAY DIFFRACTION' ? 
r_dihedral_angle_4_deg       13.816 15.000 ? 1    'X-RAY DIFFRACTION' ? 
r_chiral_restr               0.073  0.200  ? 79   'X-RAY DIFFRACTION' ? 
r_gen_planes_refined         0.004  0.020  ? 603  'X-RAY DIFFRACTION' ? 
r_gen_planes_other           0.001  0.020  ? 112  'X-RAY DIFFRACTION' ? 
r_nbd_refined                0.211  0.200  ? 73   'X-RAY DIFFRACTION' ? 
r_nbd_other                  0.191  0.200  ? 341  'X-RAY DIFFRACTION' ? 
r_nbtor_refined              0.187  0.200  ? 249  'X-RAY DIFFRACTION' ? 
r_nbtor_other                0.085  0.200  ? 272  'X-RAY DIFFRACTION' ? 
r_xyhbond_nbd_refined        0.130  0.200  ? 52   'X-RAY DIFFRACTION' ? 
r_xyhbond_nbd_other          ?      ?      ? ?    'X-RAY DIFFRACTION' ? 
r_metal_ion_refined          ?      ?      ? ?    'X-RAY DIFFRACTION' ? 
r_metal_ion_other            ?      ?      ? ?    'X-RAY DIFFRACTION' ? 
r_symmetry_vdw_refined       0.254  0.200  ? 10   'X-RAY DIFFRACTION' ? 
r_symmetry_vdw_other         0.162  0.200  ? 20   'X-RAY DIFFRACTION' ? 
r_symmetry_hbond_refined     0.291  0.200  ? 11   'X-RAY DIFFRACTION' ? 
r_symmetry_hbond_other       ?      ?      ? ?    'X-RAY DIFFRACTION' ? 
r_symmetry_metal_ion_refined ?      ?      ? ?    'X-RAY DIFFRACTION' ? 
r_symmetry_metal_ion_other   ?      ?      ? ?    'X-RAY DIFFRACTION' ? 
r_mcbond_it                  1.440  1.500  ? 435  'X-RAY DIFFRACTION' ? 
r_mcbond_other               0.552  1.500  ? 141  'X-RAY DIFFRACTION' ? 
r_mcangle_it                 1.742  2.000  ? 535  'X-RAY DIFFRACTION' ? 
r_scbond_it                  2.788  3.000  ? 293  'X-RAY DIFFRACTION' ? 
r_scangle_it                 2.851  4.500  ? 212  'X-RAY DIFFRACTION' ? 
r_rigid_bond_restr           4.585  3.000  ? 1249 'X-RAY DIFFRACTION' ? 
r_sphericity_free            3.801  3.000  ? 73   'X-RAY DIFFRACTION' ? 
r_sphericity_bonded          3.973  3.000  ? 897  'X-RAY DIFFRACTION' ? 
# 
_refine_ls_shell.pdbx_total_number_of_bins_used   20 
_refine_ls_shell.d_res_high                       1.200 
_refine_ls_shell.d_res_low                        1.232 
_refine_ls_shell.number_reflns_R_work             1654 
_refine_ls_shell.R_factor_R_work                  0.277 
_refine_ls_shell.percent_reflns_obs               99.83 
_refine_ls_shell.R_factor_R_free                  0.3 
_refine_ls_shell.R_factor_R_free_error            ? 
_refine_ls_shell.percent_reflns_R_free            ? 
_refine_ls_shell.number_reflns_R_free             105 
_refine_ls_shell.number_reflns_all                ? 
_refine_ls_shell.R_factor_all                     ? 
_refine_ls_shell.redundancy_reflns_obs            ? 
_refine_ls_shell.number_reflns_obs                ? 
_refine_ls_shell.pdbx_refine_id                   'X-RAY DIFFRACTION' 
# 
_struct.entry_id                  2HLR 
_struct.title                     'Crystal Structure of the Extracellular Domain of the Type II BMP Receptor' 
_struct.pdbx_model_details        ? 
_struct.pdbx_CASP_flag            ? 
_struct.pdbx_model_type_details   ? 
# 
_struct_keywords.entry_id        2HLR 
_struct_keywords.text            'three-finger toxin, bmp receptor, tgf-beta, TRANSFERASE' 
_struct_keywords.pdbx_keywords   TRANSFERASE 
# 
loop_
_struct_asym.id 
_struct_asym.pdbx_blank_PDB_chainid_flag 
_struct_asym.pdbx_modified 
_struct_asym.entity_id 
_struct_asym.details 
A N N 1 ? 
B N N 2 ? 
# 
_struct_ref.id                         1 
_struct_ref.db_name                    UNP 
_struct_ref.db_code                    Q91WY9_RAT 
_struct_ref.pdbx_db_accession          Q91WY9 
_struct_ref.entity_id                  1 
_struct_ref.pdbx_align_begin           1 
_struct_ref.pdbx_db_isoform            ? 
_struct_ref.pdbx_seq_one_letter_code   ? 
# 
_struct_ref_seq.align_id                      1 
_struct_ref_seq.ref_id                        1 
_struct_ref_seq.pdbx_PDB_id_code              2HLR 
_struct_ref_seq.pdbx_strand_id                A 
_struct_ref_seq.seq_align_beg                 5 
_struct_ref_seq.pdbx_seq_align_beg_ins_code   ? 
_struct_ref_seq.seq_align_end                 100 
_struct_ref_seq.pdbx_seq_align_end_ins_code   ? 
_struct_ref_seq.pdbx_db_accession             Q91WY9 
_struct_ref_seq.db_align_beg                  1 
_struct_ref_seq.pdbx_db_align_beg_ins_code    ? 
_struct_ref_seq.db_align_end                  96 
_struct_ref_seq.pdbx_db_align_end_ins_code    ? 
_struct_ref_seq.pdbx_auth_seq_align_beg       36 
_struct_ref_seq.pdbx_auth_seq_align_end       131 
# 
_pdbx_struct_assembly.id                   1 
_pdbx_struct_assembly.details              author_defined_assembly 
_pdbx_struct_assembly.method_details       ? 
_pdbx_struct_assembly.oligomeric_details   monomeric 
_pdbx_struct_assembly.oligomeric_count     1 
# 
_pdbx_struct_assembly_gen.assembly_id       1 
_pdbx_struct_assembly_gen.oper_expression   1 
_pdbx_struct_assembly_gen.asym_id_list      A,B 
# 
_pdbx_struct_oper_list.id                   1 
_pdbx_struct_oper_list.type                 'identity operation' 
_pdbx_struct_oper_list.name                 1_555 
_pdbx_struct_oper_list.symmetry_operation   x,y,z 
_pdbx_struct_oper_list.matrix[1][1]         1.0000000000 
_pdbx_struct_oper_list.matrix[1][2]         0.0000000000 
_pdbx_struct_oper_list.matrix[1][3]         0.0000000000 
_pdbx_struct_oper_list.vector[1]            0.0000000000 
_pdbx_struct_oper_list.matrix[2][1]         0.0000000000 
_pdbx_struct_oper_list.matrix[2][2]         1.0000000000 
_pdbx_struct_oper_list.matrix[2][3]         0.0000000000 
_pdbx_struct_oper_list.vector[2]            0.0000000000 
_pdbx_struct_oper_list.matrix[3][1]         0.0000000000 
_pdbx_struct_oper_list.matrix[3][2]         0.0000000000 
_pdbx_struct_oper_list.matrix[3][3]         1.0000000000 
_pdbx_struct_oper_list.vector[3]            0.0000000000 
# 
_struct_conf.conf_type_id            HELX_P 
_struct_conf.id                      HELX_P1 
_struct_conf.pdbx_PDB_helix_id       1 
_struct_conf.beg_label_comp_id       LEU 
_struct_conf.beg_label_asym_id       A 
_struct_conf.beg_label_seq_id        91 
_struct_conf.pdbx_beg_PDB_ins_code   ? 
_struct_conf.end_label_comp_id       ASN 
_struct_conf.end_label_asym_id       A 
_struct_conf.end_label_seq_id        95 
_struct_conf.pdbx_end_PDB_ins_code   ? 
_struct_conf.beg_auth_comp_id        LEU 
_struct_conf.beg_auth_asym_id        A 
_struct_conf.beg_auth_seq_id         122 
_struct_conf.end_auth_comp_id        ASN 
_struct_conf.end_auth_asym_id        A 
_struct_conf.end_auth_seq_id         126 
_struct_conf.pdbx_PDB_helix_class    5 
_struct_conf.details                 ? 
_struct_conf.pdbx_PDB_helix_length   5 
# 
_struct_conf_type.id          HELX_P 
_struct_conf_type.criteria    ? 
_struct_conf_type.reference   ? 
# 
loop_
_struct_conn.id 
_struct_conn.conn_type_id 
_struct_conn.pdbx_leaving_atom_flag 
_struct_conn.pdbx_PDB_id 
_struct_conn.ptnr1_label_asym_id 
_struct_conn.ptnr1_label_comp_id 
_struct_conn.ptnr1_label_seq_id 
_struct_conn.ptnr1_label_atom_id 
_struct_conn.pdbx_ptnr1_label_alt_id 
_struct_conn.pdbx_ptnr1_PDB_ins_code 
_struct_conn.pdbx_ptnr1_standard_comp_id 
_struct_conn.ptnr1_symmetry 
_struct_conn.ptnr2_label_asym_id 
_struct_conn.ptnr2_label_comp_id 
_struct_conn.ptnr2_label_seq_id 
_struct_conn.ptnr2_label_atom_id 
_struct_conn.pdbx_ptnr2_label_alt_id 
_struct_conn.pdbx_ptnr2_PDB_ins_code 
_struct_conn.ptnr1_auth_asym_id 
_struct_conn.ptnr1_auth_comp_id 
_struct_conn.ptnr1_auth_seq_id 
_struct_conn.ptnr2_auth_asym_id 
_struct_conn.ptnr2_auth_comp_id 
_struct_conn.ptnr2_auth_seq_id 
_struct_conn.ptnr2_symmetry 
_struct_conn.pdbx_ptnr3_label_atom_id 
_struct_conn.pdbx_ptnr3_label_seq_id 
_struct_conn.pdbx_ptnr3_label_comp_id 
_struct_conn.pdbx_ptnr3_label_asym_id 
_struct_conn.pdbx_ptnr3_label_alt_id 
_struct_conn.pdbx_ptnr3_PDB_ins_code 
_struct_conn.details 
_struct_conn.pdbx_dist_value 
_struct_conn.pdbx_value_order 
_struct_conn.pdbx_role 
disulf1 disulf ? ? A CYS 3  SG ? ? ? 1_555 A CYS 35 SG ? ? A CYS 34  A CYS 66  1_555 ? ? ? ? ? ? ? 2.030 ? ? 
disulf2 disulf ? ? A CYS 29 SG ? ? ? 1_555 A CYS 53 SG ? ? A CYS 60  A CYS 84  1_555 ? ? ? ? ? ? ? 2.018 ? ? 
disulf3 disulf ? ? A CYS 63 SG ? ? ? 1_555 A CYS 86 SG ? ? A CYS 94  A CYS 117 1_555 ? ? ? ? ? ? ? 2.063 ? ? 
disulf4 disulf ? ? A CYS 68 SG ? ? ? 1_555 A CYS 85 SG ? ? A CYS 99  A CYS 116 1_555 ? ? ? ? ? ? ? 2.058 ? ? 
disulf5 disulf ? ? A CYS 87 SG ? ? ? 1_555 A CYS 92 SG ? ? A CYS 118 A CYS 123 1_555 ? ? ? ? ? ? ? 2.051 ? ? 
# 
_struct_conn_type.id          disulf 
_struct_conn_type.criteria    ? 
_struct_conn_type.reference   ? 
# 
loop_
_pdbx_modification_feature.ordinal 
_pdbx_modification_feature.label_comp_id 
_pdbx_modification_feature.label_asym_id 
_pdbx_modification_feature.label_seq_id 
_pdbx_modification_feature.label_alt_id 
_pdbx_modification_feature.modified_residue_label_comp_id 
_pdbx_modification_feature.modified_residue_label_asym_id 
_pdbx_modification_feature.modified_residue_label_seq_id 
_pdbx_modification_feature.modified_residue_label_alt_id 
_pdbx_modification_feature.auth_comp_id 
_pdbx_modification_feature.auth_asym_id 
_pdbx_modification_feature.auth_seq_id 
_pdbx_modification_feature.PDB_ins_code 
_pdbx_modification_feature.symmetry 
_pdbx_modification_feature.modified_residue_auth_comp_id 
_pdbx_modification_feature.modified_residue_auth_asym_id 
_pdbx_modification_feature.modified_residue_auth_seq_id 
_pdbx_modification_feature.modified_residue_PDB_ins_code 
_pdbx_modification_feature.modified_residue_symmetry 
_pdbx_modification_feature.comp_id_linking_atom 
_pdbx_modification_feature.modified_residue_id_linking_atom 
_pdbx_modification_feature.modified_residue_id 
_pdbx_modification_feature.ref_pcm_id 
_pdbx_modification_feature.ref_comp_id 
_pdbx_modification_feature.type 
_pdbx_modification_feature.category 
1 CYS A 3  ? CYS A 35 ? CYS A 34  ? 1_555 CYS A 66  ? 1_555 SG SG . . . None 'Disulfide bridge' 
2 CYS A 29 ? CYS A 53 ? CYS A 60  ? 1_555 CYS A 84  ? 1_555 SG SG . . . None 'Disulfide bridge' 
3 CYS A 63 ? CYS A 86 ? CYS A 94  ? 1_555 CYS A 117 ? 1_555 SG SG . . . None 'Disulfide bridge' 
4 CYS A 68 ? CYS A 85 ? CYS A 99  ? 1_555 CYS A 116 ? 1_555 SG SG . . . None 'Disulfide bridge' 
5 CYS A 87 ? CYS A 92 ? CYS A 118 ? 1_555 CYS A 123 ? 1_555 SG SG . . . None 'Disulfide bridge' 
# 
loop_
_struct_sheet.id 
_struct_sheet.type 
_struct_sheet.number_strands 
_struct_sheet.details 
A ? 2 ? 
B ? 3 ? 
# 
loop_
_struct_sheet_order.sheet_id 
_struct_sheet_order.range_id_1 
_struct_sheet_order.range_id_2 
_struct_sheet_order.offset 
_struct_sheet_order.sense 
A 1 2 ? anti-parallel 
B 1 2 ? anti-parallel 
B 2 3 ? anti-parallel 
# 
loop_
_struct_sheet_range.sheet_id 
_struct_sheet_range.id 
_struct_sheet_range.beg_label_comp_id 
_struct_sheet_range.beg_label_asym_id 
_struct_sheet_range.beg_label_seq_id 
_struct_sheet_range.pdbx_beg_PDB_ins_code 
_struct_sheet_range.end_label_comp_id 
_struct_sheet_range.end_label_asym_id 
_struct_sheet_range.end_label_seq_id 
_struct_sheet_range.pdbx_end_PDB_ins_code 
_struct_sheet_range.beg_auth_comp_id 
_struct_sheet_range.beg_auth_asym_id 
_struct_sheet_range.beg_auth_seq_id 
_struct_sheet_range.end_auth_comp_id 
_struct_sheet_range.end_auth_asym_id 
_struct_sheet_range.end_auth_seq_id 
A 1 LEU A 2  ? ALA A 4  ? LEU A 33  ALA A 35  
A 2 THR A 26 ? LEU A 28 ? THR A 57  LEU A 59  
B 1 LYS A 50 ? TRP A 54 ? LYS A 81  TRP A 85  
B 2 THR A 34 ? LEU A 38 ? THR A 65  LEU A 69  
B 3 PHE A 84 ? CYS A 87 ? PHE A 115 CYS A 118 
# 
loop_
_pdbx_struct_sheet_hbond.sheet_id 
_pdbx_struct_sheet_hbond.range_id_1 
_pdbx_struct_sheet_hbond.range_id_2 
_pdbx_struct_sheet_hbond.range_1_label_atom_id 
_pdbx_struct_sheet_hbond.range_1_label_comp_id 
_pdbx_struct_sheet_hbond.range_1_label_asym_id 
_pdbx_struct_sheet_hbond.range_1_label_seq_id 
_pdbx_struct_sheet_hbond.range_1_PDB_ins_code 
_pdbx_struct_sheet_hbond.range_1_auth_atom_id 
_pdbx_struct_sheet_hbond.range_1_auth_comp_id 
_pdbx_struct_sheet_hbond.range_1_auth_asym_id 
_pdbx_struct_sheet_hbond.range_1_auth_seq_id 
_pdbx_struct_sheet_hbond.range_2_label_atom_id 
_pdbx_struct_sheet_hbond.range_2_label_comp_id 
_pdbx_struct_sheet_hbond.range_2_label_asym_id 
_pdbx_struct_sheet_hbond.range_2_label_seq_id 
_pdbx_struct_sheet_hbond.range_2_PDB_ins_code 
_pdbx_struct_sheet_hbond.range_2_auth_atom_id 
_pdbx_struct_sheet_hbond.range_2_auth_comp_id 
_pdbx_struct_sheet_hbond.range_2_auth_asym_id 
_pdbx_struct_sheet_hbond.range_2_auth_seq_id 
A 1 2 N CYS A 3  ? N CYS A 34 O ILE A 27 ? O ILE A 58  
B 1 2 O TRP A 54 ? O TRP A 85 N THR A 34 ? N THR A 65  
B 2 3 N CYS A 35 ? N CYS A 66 O CYS A 87 ? O CYS A 118 
# 
_pdbx_entry_details.entry_id                   2HLR 
_pdbx_entry_details.compound_details           ? 
_pdbx_entry_details.source_details             ? 
_pdbx_entry_details.nonpolymer_details         ? 
_pdbx_entry_details.sequence_details           ? 
_pdbx_entry_details.has_ligand_of_interest     ? 
_pdbx_entry_details.has_protein_modification   Y 
# 
loop_
_pdbx_validate_symm_contact.id 
_pdbx_validate_symm_contact.PDB_model_num 
_pdbx_validate_symm_contact.auth_atom_id_1 
_pdbx_validate_symm_contact.auth_asym_id_1 
_pdbx_validate_symm_contact.auth_comp_id_1 
_pdbx_validate_symm_contact.auth_seq_id_1 
_pdbx_validate_symm_contact.PDB_ins_code_1 
_pdbx_validate_symm_contact.label_alt_id_1 
_pdbx_validate_symm_contact.site_symmetry_1 
_pdbx_validate_symm_contact.auth_atom_id_2 
_pdbx_validate_symm_contact.auth_asym_id_2 
_pdbx_validate_symm_contact.auth_comp_id_2 
_pdbx_validate_symm_contact.auth_seq_id_2 
_pdbx_validate_symm_contact.PDB_ins_code_2 
_pdbx_validate_symm_contact.label_alt_id_2 
_pdbx_validate_symm_contact.site_symmetry_2 
_pdbx_validate_symm_contact.dist 
1 1 NE2 A GLN 92 ? A 1_555 O A HOH 176 ? ? 7_555 2.05 
2 1 NE2 A GLN 92 ? B 1_555 O A HOH 185 ? ? 7_555 2.18 
# 
_pdbx_validate_torsion.id              1 
_pdbx_validate_torsion.PDB_model_num   1 
_pdbx_validate_torsion.auth_comp_id    TYR 
_pdbx_validate_torsion.auth_asym_id    A 
_pdbx_validate_torsion.auth_seq_id     96 
_pdbx_validate_torsion.PDB_ins_code    ? 
_pdbx_validate_torsion.label_alt_id    ? 
_pdbx_validate_torsion.phi             -99.29 
_pdbx_validate_torsion.psi             -90.07 
# 
loop_
_pdbx_unobs_or_zero_occ_residues.id 
_pdbx_unobs_or_zero_occ_residues.PDB_model_num 
_pdbx_unobs_or_zero_occ_residues.polymer_flag 
_pdbx_unobs_or_zero_occ_residues.occupancy_flag 
_pdbx_unobs_or_zero_occ_residues.auth_asym_id 
_pdbx_unobs_or_zero_occ_residues.auth_comp_id 
_pdbx_unobs_or_zero_occ_residues.auth_seq_id 
_pdbx_unobs_or_zero_occ_residues.PDB_ins_code 
_pdbx_unobs_or_zero_occ_residues.label_asym_id 
_pdbx_unobs_or_zero_occ_residues.label_comp_id 
_pdbx_unobs_or_zero_occ_residues.label_seq_id 
1  1 Y 1 A GLN 41  ? A GLN 10  
2  1 Y 1 A GLN 42  ? A GLN 11  
3  1 Y 1 A ASP 43  ? A ASP 12  
4  1 Y 1 A LEU 44  ? A LEU 13  
5  1 Y 1 A GLY 45  ? A GLY 14  
6  1 Y 1 A ILE 46  ? A ILE 15  
7  1 Y 1 A GLY 47  ? A GLY 16  
8  1 Y 1 A GLU 48  ? A GLU 17  
9  1 Y 1 A SER 49  ? A SER 18  
10 1 Y 1 A ARG 50  ? A ARG 19  
11 1 Y 1 A ILE 51  ? A ILE 20  
12 1 Y 1 A SER 52  ? A SER 21  
13 1 Y 1 A HIS 53  ? A HIS 22  
14 1 Y 1 A GLU 54  ? A GLU 23  
15 1 Y 1 A GLU 71  ? A GLU 40  
16 1 Y 1 A LYS 72  ? A LYS 41  
17 1 Y 1 A SER 73  ? A SER 42  
18 1 Y 1 A LYS 74  ? A LYS 43  
19 1 Y 1 A GLY 75  ? A GLY 44  
20 1 Y 1 A ASP 76  ? A ASP 45  
21 1 Y 1 A ILE 77  ? A ILE 46  
22 1 Y 1 A THR 103 ? A THR 72  
23 1 Y 1 A THR 104 ? A THR 73  
24 1 Y 1 A PRO 105 ? A PRO 74  
25 1 Y 1 A PRO 106 ? A PRO 75  
26 1 Y 1 A SER 107 ? A SER 76  
27 1 Y 1 A ILE 108 ? A ILE 77  
28 1 Y 1 A GLN 109 ? A GLN 78  
29 1 Y 1 A ASN 110 ? A ASN 79  
30 1 Y 1 A GLY 111 ? A GLY 80  
31 1 Y 1 A THR 112 ? A THR 81  
32 1 Y 1 A ASN 130 ? A ASN 99  
33 1 Y 1 A PHE 131 ? A PHE 100 
# 
loop_
_chem_comp_atom.comp_id 
_chem_comp_atom.atom_id 
_chem_comp_atom.type_symbol 
_chem_comp_atom.pdbx_aromatic_flag 
_chem_comp_atom.pdbx_stereo_config 
_chem_comp_atom.pdbx_ordinal 
ALA N    N N N 1   
ALA CA   C N S 2   
ALA C    C N N 3   
ALA O    O N N 4   
ALA CB   C N N 5   
ALA OXT  O N N 6   
ALA H    H N N 7   
ALA H2   H N N 8   
ALA HA   H N N 9   
ALA HB1  H N N 10  
ALA HB2  H N N 11  
ALA HB3  H N N 12  
ALA HXT  H N N 13  
ARG N    N N N 14  
ARG CA   C N S 15  
ARG C    C N N 16  
ARG O    O N N 17  
ARG CB   C N N 18  
ARG CG   C N N 19  
ARG CD   C N N 20  
ARG NE   N N N 21  
ARG CZ   C N N 22  
ARG NH1  N N N 23  
ARG NH2  N N N 24  
ARG OXT  O N N 25  
ARG H    H N N 26  
ARG H2   H N N 27  
ARG HA   H N N 28  
ARG HB2  H N N 29  
ARG HB3  H N N 30  
ARG HG2  H N N 31  
ARG HG3  H N N 32  
ARG HD2  H N N 33  
ARG HD3  H N N 34  
ARG HE   H N N 35  
ARG HH11 H N N 36  
ARG HH12 H N N 37  
ARG HH21 H N N 38  
ARG HH22 H N N 39  
ARG HXT  H N N 40  
ASN N    N N N 41  
ASN CA   C N S 42  
ASN C    C N N 43  
ASN O    O N N 44  
ASN CB   C N N 45  
ASN CG   C N N 46  
ASN OD1  O N N 47  
ASN ND2  N N N 48  
ASN OXT  O N N 49  
ASN H    H N N 50  
ASN H2   H N N 51  
ASN HA   H N N 52  
ASN HB2  H N N 53  
ASN HB3  H N N 54  
ASN HD21 H N N 55  
ASN HD22 H N N 56  
ASN HXT  H N N 57  
ASP N    N N N 58  
ASP CA   C N S 59  
ASP C    C N N 60  
ASP O    O N N 61  
ASP CB   C N N 62  
ASP CG   C N N 63  
ASP OD1  O N N 64  
ASP OD2  O N N 65  
ASP OXT  O N N 66  
ASP H    H N N 67  
ASP H2   H N N 68  
ASP HA   H N N 69  
ASP HB2  H N N 70  
ASP HB3  H N N 71  
ASP HD2  H N N 72  
ASP HXT  H N N 73  
CYS N    N N N 74  
CYS CA   C N R 75  
CYS C    C N N 76  
CYS O    O N N 77  
CYS CB   C N N 78  
CYS SG   S N N 79  
CYS OXT  O N N 80  
CYS H    H N N 81  
CYS H2   H N N 82  
CYS HA   H N N 83  
CYS HB2  H N N 84  
CYS HB3  H N N 85  
CYS HG   H N N 86  
CYS HXT  H N N 87  
GLN N    N N N 88  
GLN CA   C N S 89  
GLN C    C N N 90  
GLN O    O N N 91  
GLN CB   C N N 92  
GLN CG   C N N 93  
GLN CD   C N N 94  
GLN OE1  O N N 95  
GLN NE2  N N N 96  
GLN OXT  O N N 97  
GLN H    H N N 98  
GLN H2   H N N 99  
GLN HA   H N N 100 
GLN HB2  H N N 101 
GLN HB3  H N N 102 
GLN HG2  H N N 103 
GLN HG3  H N N 104 
GLN HE21 H N N 105 
GLN HE22 H N N 106 
GLN HXT  H N N 107 
GLU N    N N N 108 
GLU CA   C N S 109 
GLU C    C N N 110 
GLU O    O N N 111 
GLU CB   C N N 112 
GLU CG   C N N 113 
GLU CD   C N N 114 
GLU OE1  O N N 115 
GLU OE2  O N N 116 
GLU OXT  O N N 117 
GLU H    H N N 118 
GLU H2   H N N 119 
GLU HA   H N N 120 
GLU HB2  H N N 121 
GLU HB3  H N N 122 
GLU HG2  H N N 123 
GLU HG3  H N N 124 
GLU HE2  H N N 125 
GLU HXT  H N N 126 
GLY N    N N N 127 
GLY CA   C N N 128 
GLY C    C N N 129 
GLY O    O N N 130 
GLY OXT  O N N 131 
GLY H    H N N 132 
GLY H2   H N N 133 
GLY HA2  H N N 134 
GLY HA3  H N N 135 
GLY HXT  H N N 136 
HIS N    N N N 137 
HIS CA   C N S 138 
HIS C    C N N 139 
HIS O    O N N 140 
HIS CB   C N N 141 
HIS CG   C Y N 142 
HIS ND1  N Y N 143 
HIS CD2  C Y N 144 
HIS CE1  C Y N 145 
HIS NE2  N Y N 146 
HIS OXT  O N N 147 
HIS H    H N N 148 
HIS H2   H N N 149 
HIS HA   H N N 150 
HIS HB2  H N N 151 
HIS HB3  H N N 152 
HIS HD1  H N N 153 
HIS HD2  H N N 154 
HIS HE1  H N N 155 
HIS HE2  H N N 156 
HIS HXT  H N N 157 
HOH O    O N N 158 
HOH H1   H N N 159 
HOH H2   H N N 160 
ILE N    N N N 161 
ILE CA   C N S 162 
ILE C    C N N 163 
ILE O    O N N 164 
ILE CB   C N S 165 
ILE CG1  C N N 166 
ILE CG2  C N N 167 
ILE CD1  C N N 168 
ILE OXT  O N N 169 
ILE H    H N N 170 
ILE H2   H N N 171 
ILE HA   H N N 172 
ILE HB   H N N 173 
ILE HG12 H N N 174 
ILE HG13 H N N 175 
ILE HG21 H N N 176 
ILE HG22 H N N 177 
ILE HG23 H N N 178 
ILE HD11 H N N 179 
ILE HD12 H N N 180 
ILE HD13 H N N 181 
ILE HXT  H N N 182 
LEU N    N N N 183 
LEU CA   C N S 184 
LEU C    C N N 185 
LEU O    O N N 186 
LEU CB   C N N 187 
LEU CG   C N N 188 
LEU CD1  C N N 189 
LEU CD2  C N N 190 
LEU OXT  O N N 191 
LEU H    H N N 192 
LEU H2   H N N 193 
LEU HA   H N N 194 
LEU HB2  H N N 195 
LEU HB3  H N N 196 
LEU HG   H N N 197 
LEU HD11 H N N 198 
LEU HD12 H N N 199 
LEU HD13 H N N 200 
LEU HD21 H N N 201 
LEU HD22 H N N 202 
LEU HD23 H N N 203 
LEU HXT  H N N 204 
LYS N    N N N 205 
LYS CA   C N S 206 
LYS C    C N N 207 
LYS O    O N N 208 
LYS CB   C N N 209 
LYS CG   C N N 210 
LYS CD   C N N 211 
LYS CE   C N N 212 
LYS NZ   N N N 213 
LYS OXT  O N N 214 
LYS H    H N N 215 
LYS H2   H N N 216 
LYS HA   H N N 217 
LYS HB2  H N N 218 
LYS HB3  H N N 219 
LYS HG2  H N N 220 
LYS HG3  H N N 221 
LYS HD2  H N N 222 
LYS HD3  H N N 223 
LYS HE2  H N N 224 
LYS HE3  H N N 225 
LYS HZ1  H N N 226 
LYS HZ2  H N N 227 
LYS HZ3  H N N 228 
LYS HXT  H N N 229 
PHE N    N N N 230 
PHE CA   C N S 231 
PHE C    C N N 232 
PHE O    O N N 233 
PHE CB   C N N 234 
PHE CG   C Y N 235 
PHE CD1  C Y N 236 
PHE CD2  C Y N 237 
PHE CE1  C Y N 238 
PHE CE2  C Y N 239 
PHE CZ   C Y N 240 
PHE OXT  O N N 241 
PHE H    H N N 242 
PHE H2   H N N 243 
PHE HA   H N N 244 
PHE HB2  H N N 245 
PHE HB3  H N N 246 
PHE HD1  H N N 247 
PHE HD2  H N N 248 
PHE HE1  H N N 249 
PHE HE2  H N N 250 
PHE HZ   H N N 251 
PHE HXT  H N N 252 
PRO N    N N N 253 
PRO CA   C N S 254 
PRO C    C N N 255 
PRO O    O N N 256 
PRO CB   C N N 257 
PRO CG   C N N 258 
PRO CD   C N N 259 
PRO OXT  O N N 260 
PRO H    H N N 261 
PRO HA   H N N 262 
PRO HB2  H N N 263 
PRO HB3  H N N 264 
PRO HG2  H N N 265 
PRO HG3  H N N 266 
PRO HD2  H N N 267 
PRO HD3  H N N 268 
PRO HXT  H N N 269 
SER N    N N N 270 
SER CA   C N S 271 
SER C    C N N 272 
SER O    O N N 273 
SER CB   C N N 274 
SER OG   O N N 275 
SER OXT  O N N 276 
SER H    H N N 277 
SER H2   H N N 278 
SER HA   H N N 279 
SER HB2  H N N 280 
SER HB3  H N N 281 
SER HG   H N N 282 
SER HXT  H N N 283 
THR N    N N N 284 
THR CA   C N S 285 
THR C    C N N 286 
THR O    O N N 287 
THR CB   C N R 288 
THR OG1  O N N 289 
THR CG2  C N N 290 
THR OXT  O N N 291 
THR H    H N N 292 
THR H2   H N N 293 
THR HA   H N N 294 
THR HB   H N N 295 
THR HG1  H N N 296 
THR HG21 H N N 297 
THR HG22 H N N 298 
THR HG23 H N N 299 
THR HXT  H N N 300 
TRP N    N N N 301 
TRP CA   C N S 302 
TRP C    C N N 303 
TRP O    O N N 304 
TRP CB   C N N 305 
TRP CG   C Y N 306 
TRP CD1  C Y N 307 
TRP CD2  C Y N 308 
TRP NE1  N Y N 309 
TRP CE2  C Y N 310 
TRP CE3  C Y N 311 
TRP CZ2  C Y N 312 
TRP CZ3  C Y N 313 
TRP CH2  C Y N 314 
TRP OXT  O N N 315 
TRP H    H N N 316 
TRP H2   H N N 317 
TRP HA   H N N 318 
TRP HB2  H N N 319 
TRP HB3  H N N 320 
TRP HD1  H N N 321 
TRP HE1  H N N 322 
TRP HE3  H N N 323 
TRP HZ2  H N N 324 
TRP HZ3  H N N 325 
TRP HH2  H N N 326 
TRP HXT  H N N 327 
TYR N    N N N 328 
TYR CA   C N S 329 
TYR C    C N N 330 
TYR O    O N N 331 
TYR CB   C N N 332 
TYR CG   C Y N 333 
TYR CD1  C Y N 334 
TYR CD2  C Y N 335 
TYR CE1  C Y N 336 
TYR CE2  C Y N 337 
TYR CZ   C Y N 338 
TYR OH   O N N 339 
TYR OXT  O N N 340 
TYR H    H N N 341 
TYR H2   H N N 342 
TYR HA   H N N 343 
TYR HB2  H N N 344 
TYR HB3  H N N 345 
TYR HD1  H N N 346 
TYR HD2  H N N 347 
TYR HE1  H N N 348 
TYR HE2  H N N 349 
TYR HH   H N N 350 
TYR HXT  H N N 351 
VAL N    N N N 352 
VAL CA   C N S 353 
VAL C    C N N 354 
VAL O    O N N 355 
VAL CB   C N N 356 
VAL CG1  C N N 357 
VAL CG2  C N N 358 
VAL OXT  O N N 359 
VAL H    H N N 360 
VAL H2   H N N 361 
VAL HA   H N N 362 
VAL HB   H N N 363 
VAL HG11 H N N 364 
VAL HG12 H N N 365 
VAL HG13 H N N 366 
VAL HG21 H N N 367 
VAL HG22 H N N 368 
VAL HG23 H N N 369 
VAL HXT  H N N 370 
# 
loop_
_chem_comp_bond.comp_id 
_chem_comp_bond.atom_id_1 
_chem_comp_bond.atom_id_2 
_chem_comp_bond.value_order 
_chem_comp_bond.pdbx_aromatic_flag 
_chem_comp_bond.pdbx_stereo_config 
_chem_comp_bond.pdbx_ordinal 
ALA N   CA   sing N N 1   
ALA N   H    sing N N 2   
ALA N   H2   sing N N 3   
ALA CA  C    sing N N 4   
ALA CA  CB   sing N N 5   
ALA CA  HA   sing N N 6   
ALA C   O    doub N N 7   
ALA C   OXT  sing N N 8   
ALA CB  HB1  sing N N 9   
ALA CB  HB2  sing N N 10  
ALA CB  HB3  sing N N 11  
ALA OXT HXT  sing N N 12  
ARG N   CA   sing N N 13  
ARG N   H    sing N N 14  
ARG N   H2   sing N N 15  
ARG CA  C    sing N N 16  
ARG CA  CB   sing N N 17  
ARG CA  HA   sing N N 18  
ARG C   O    doub N N 19  
ARG C   OXT  sing N N 20  
ARG CB  CG   sing N N 21  
ARG CB  HB2  sing N N 22  
ARG CB  HB3  sing N N 23  
ARG CG  CD   sing N N 24  
ARG CG  HG2  sing N N 25  
ARG CG  HG3  sing N N 26  
ARG CD  NE   sing N N 27  
ARG CD  HD2  sing N N 28  
ARG CD  HD3  sing N N 29  
ARG NE  CZ   sing N N 30  
ARG NE  HE   sing N N 31  
ARG CZ  NH1  sing N N 32  
ARG CZ  NH2  doub N N 33  
ARG NH1 HH11 sing N N 34  
ARG NH1 HH12 sing N N 35  
ARG NH2 HH21 sing N N 36  
ARG NH2 HH22 sing N N 37  
ARG OXT HXT  sing N N 38  
ASN N   CA   sing N N 39  
ASN N   H    sing N N 40  
ASN N   H2   sing N N 41  
ASN CA  C    sing N N 42  
ASN CA  CB   sing N N 43  
ASN CA  HA   sing N N 44  
ASN C   O    doub N N 45  
ASN C   OXT  sing N N 46  
ASN CB  CG   sing N N 47  
ASN CB  HB2  sing N N 48  
ASN CB  HB3  sing N N 49  
ASN CG  OD1  doub N N 50  
ASN CG  ND2  sing N N 51  
ASN ND2 HD21 sing N N 52  
ASN ND2 HD22 sing N N 53  
ASN OXT HXT  sing N N 54  
ASP N   CA   sing N N 55  
ASP N   H    sing N N 56  
ASP N   H2   sing N N 57  
ASP CA  C    sing N N 58  
ASP CA  CB   sing N N 59  
ASP CA  HA   sing N N 60  
ASP C   O    doub N N 61  
ASP C   OXT  sing N N 62  
ASP CB  CG   sing N N 63  
ASP CB  HB2  sing N N 64  
ASP CB  HB3  sing N N 65  
ASP CG  OD1  doub N N 66  
ASP CG  OD2  sing N N 67  
ASP OD2 HD2  sing N N 68  
ASP OXT HXT  sing N N 69  
CYS N   CA   sing N N 70  
CYS N   H    sing N N 71  
CYS N   H2   sing N N 72  
CYS CA  C    sing N N 73  
CYS CA  CB   sing N N 74  
CYS CA  HA   sing N N 75  
CYS C   O    doub N N 76  
CYS C   OXT  sing N N 77  
CYS CB  SG   sing N N 78  
CYS CB  HB2  sing N N 79  
CYS CB  HB3  sing N N 80  
CYS SG  HG   sing N N 81  
CYS OXT HXT  sing N N 82  
GLN N   CA   sing N N 83  
GLN N   H    sing N N 84  
GLN N   H2   sing N N 85  
GLN CA  C    sing N N 86  
GLN CA  CB   sing N N 87  
GLN CA  HA   sing N N 88  
GLN C   O    doub N N 89  
GLN C   OXT  sing N N 90  
GLN CB  CG   sing N N 91  
GLN CB  HB2  sing N N 92  
GLN CB  HB3  sing N N 93  
GLN CG  CD   sing N N 94  
GLN CG  HG2  sing N N 95  
GLN CG  HG3  sing N N 96  
GLN CD  OE1  doub N N 97  
GLN CD  NE2  sing N N 98  
GLN NE2 HE21 sing N N 99  
GLN NE2 HE22 sing N N 100 
GLN OXT HXT  sing N N 101 
GLU N   CA   sing N N 102 
GLU N   H    sing N N 103 
GLU N   H2   sing N N 104 
GLU CA  C    sing N N 105 
GLU CA  CB   sing N N 106 
GLU CA  HA   sing N N 107 
GLU C   O    doub N N 108 
GLU C   OXT  sing N N 109 
GLU CB  CG   sing N N 110 
GLU CB  HB2  sing N N 111 
GLU CB  HB3  sing N N 112 
GLU CG  CD   sing N N 113 
GLU CG  HG2  sing N N 114 
GLU CG  HG3  sing N N 115 
GLU CD  OE1  doub N N 116 
GLU CD  OE2  sing N N 117 
GLU OE2 HE2  sing N N 118 
GLU OXT HXT  sing N N 119 
GLY N   CA   sing N N 120 
GLY N   H    sing N N 121 
GLY N   H2   sing N N 122 
GLY CA  C    sing N N 123 
GLY CA  HA2  sing N N 124 
GLY CA  HA3  sing N N 125 
GLY C   O    doub N N 126 
GLY C   OXT  sing N N 127 
GLY OXT HXT  sing N N 128 
HIS N   CA   sing N N 129 
HIS N   H    sing N N 130 
HIS N   H2   sing N N 131 
HIS CA  C    sing N N 132 
HIS CA  CB   sing N N 133 
HIS CA  HA   sing N N 134 
HIS C   O    doub N N 135 
HIS C   OXT  sing N N 136 
HIS CB  CG   sing N N 137 
HIS CB  HB2  sing N N 138 
HIS CB  HB3  sing N N 139 
HIS CG  ND1  sing Y N 140 
HIS CG  CD2  doub Y N 141 
HIS ND1 CE1  doub Y N 142 
HIS ND1 HD1  sing N N 143 
HIS CD2 NE2  sing Y N 144 
HIS CD2 HD2  sing N N 145 
HIS CE1 NE2  sing Y N 146 
HIS CE1 HE1  sing N N 147 
HIS NE2 HE2  sing N N 148 
HIS OXT HXT  sing N N 149 
HOH O   H1   sing N N 150 
HOH O   H2   sing N N 151 
ILE N   CA   sing N N 152 
ILE N   H    sing N N 153 
ILE N   H2   sing N N 154 
ILE CA  C    sing N N 155 
ILE CA  CB   sing N N 156 
ILE CA  HA   sing N N 157 
ILE C   O    doub N N 158 
ILE C   OXT  sing N N 159 
ILE CB  CG1  sing N N 160 
ILE CB  CG2  sing N N 161 
ILE CB  HB   sing N N 162 
ILE CG1 CD1  sing N N 163 
ILE CG1 HG12 sing N N 164 
ILE CG1 HG13 sing N N 165 
ILE CG2 HG21 sing N N 166 
ILE CG2 HG22 sing N N 167 
ILE CG2 HG23 sing N N 168 
ILE CD1 HD11 sing N N 169 
ILE CD1 HD12 sing N N 170 
ILE CD1 HD13 sing N N 171 
ILE OXT HXT  sing N N 172 
LEU N   CA   sing N N 173 
LEU N   H    sing N N 174 
LEU N   H2   sing N N 175 
LEU CA  C    sing N N 176 
LEU CA  CB   sing N N 177 
LEU CA  HA   sing N N 178 
LEU C   O    doub N N 179 
LEU C   OXT  sing N N 180 
LEU CB  CG   sing N N 181 
LEU CB  HB2  sing N N 182 
LEU CB  HB3  sing N N 183 
LEU CG  CD1  sing N N 184 
LEU CG  CD2  sing N N 185 
LEU CG  HG   sing N N 186 
LEU CD1 HD11 sing N N 187 
LEU CD1 HD12 sing N N 188 
LEU CD1 HD13 sing N N 189 
LEU CD2 HD21 sing N N 190 
LEU CD2 HD22 sing N N 191 
LEU CD2 HD23 sing N N 192 
LEU OXT HXT  sing N N 193 
LYS N   CA   sing N N 194 
LYS N   H    sing N N 195 
LYS N   H2   sing N N 196 
LYS CA  C    sing N N 197 
LYS CA  CB   sing N N 198 
LYS CA  HA   sing N N 199 
LYS C   O    doub N N 200 
LYS C   OXT  sing N N 201 
LYS CB  CG   sing N N 202 
LYS CB  HB2  sing N N 203 
LYS CB  HB3  sing N N 204 
LYS CG  CD   sing N N 205 
LYS CG  HG2  sing N N 206 
LYS CG  HG3  sing N N 207 
LYS CD  CE   sing N N 208 
LYS CD  HD2  sing N N 209 
LYS CD  HD3  sing N N 210 
LYS CE  NZ   sing N N 211 
LYS CE  HE2  sing N N 212 
LYS CE  HE3  sing N N 213 
LYS NZ  HZ1  sing N N 214 
LYS NZ  HZ2  sing N N 215 
LYS NZ  HZ3  sing N N 216 
LYS OXT HXT  sing N N 217 
PHE N   CA   sing N N 218 
PHE N   H    sing N N 219 
PHE N   H2   sing N N 220 
PHE CA  C    sing N N 221 
PHE CA  CB   sing N N 222 
PHE CA  HA   sing N N 223 
PHE C   O    doub N N 224 
PHE C   OXT  sing N N 225 
PHE CB  CG   sing N N 226 
PHE CB  HB2  sing N N 227 
PHE CB  HB3  sing N N 228 
PHE CG  CD1  doub Y N 229 
PHE CG  CD2  sing Y N 230 
PHE CD1 CE1  sing Y N 231 
PHE CD1 HD1  sing N N 232 
PHE CD2 CE2  doub Y N 233 
PHE CD2 HD2  sing N N 234 
PHE CE1 CZ   doub Y N 235 
PHE CE1 HE1  sing N N 236 
PHE CE2 CZ   sing Y N 237 
PHE CE2 HE2  sing N N 238 
PHE CZ  HZ   sing N N 239 
PHE OXT HXT  sing N N 240 
PRO N   CA   sing N N 241 
PRO N   CD   sing N N 242 
PRO N   H    sing N N 243 
PRO CA  C    sing N N 244 
PRO CA  CB   sing N N 245 
PRO CA  HA   sing N N 246 
PRO C   O    doub N N 247 
PRO C   OXT  sing N N 248 
PRO CB  CG   sing N N 249 
PRO CB  HB2  sing N N 250 
PRO CB  HB3  sing N N 251 
PRO CG  CD   sing N N 252 
PRO CG  HG2  sing N N 253 
PRO CG  HG3  sing N N 254 
PRO CD  HD2  sing N N 255 
PRO CD  HD3  sing N N 256 
PRO OXT HXT  sing N N 257 
SER N   CA   sing N N 258 
SER N   H    sing N N 259 
SER N   H2   sing N N 260 
SER CA  C    sing N N 261 
SER CA  CB   sing N N 262 
SER CA  HA   sing N N 263 
SER C   O    doub N N 264 
SER C   OXT  sing N N 265 
SER CB  OG   sing N N 266 
SER CB  HB2  sing N N 267 
SER CB  HB3  sing N N 268 
SER OG  HG   sing N N 269 
SER OXT HXT  sing N N 270 
THR N   CA   sing N N 271 
THR N   H    sing N N 272 
THR N   H2   sing N N 273 
THR CA  C    sing N N 274 
THR CA  CB   sing N N 275 
THR CA  HA   sing N N 276 
THR C   O    doub N N 277 
THR C   OXT  sing N N 278 
THR CB  OG1  sing N N 279 
THR CB  CG2  sing N N 280 
THR CB  HB   sing N N 281 
THR OG1 HG1  sing N N 282 
THR CG2 HG21 sing N N 283 
THR CG2 HG22 sing N N 284 
THR CG2 HG23 sing N N 285 
THR OXT HXT  sing N N 286 
TRP N   CA   sing N N 287 
TRP N   H    sing N N 288 
TRP N   H2   sing N N 289 
TRP CA  C    sing N N 290 
TRP CA  CB   sing N N 291 
TRP CA  HA   sing N N 292 
TRP C   O    doub N N 293 
TRP C   OXT  sing N N 294 
TRP CB  CG   sing N N 295 
TRP CB  HB2  sing N N 296 
TRP CB  HB3  sing N N 297 
TRP CG  CD1  doub Y N 298 
TRP CG  CD2  sing Y N 299 
TRP CD1 NE1  sing Y N 300 
TRP CD1 HD1  sing N N 301 
TRP CD2 CE2  doub Y N 302 
TRP CD2 CE3  sing Y N 303 
TRP NE1 CE2  sing Y N 304 
TRP NE1 HE1  sing N N 305 
TRP CE2 CZ2  sing Y N 306 
TRP CE3 CZ3  doub Y N 307 
TRP CE3 HE3  sing N N 308 
TRP CZ2 CH2  doub Y N 309 
TRP CZ2 HZ2  sing N N 310 
TRP CZ3 CH2  sing Y N 311 
TRP CZ3 HZ3  sing N N 312 
TRP CH2 HH2  sing N N 313 
TRP OXT HXT  sing N N 314 
TYR N   CA   sing N N 315 
TYR N   H    sing N N 316 
TYR N   H2   sing N N 317 
TYR CA  C    sing N N 318 
TYR CA  CB   sing N N 319 
TYR CA  HA   sing N N 320 
TYR C   O    doub N N 321 
TYR C   OXT  sing N N 322 
TYR CB  CG   sing N N 323 
TYR CB  HB2  sing N N 324 
TYR CB  HB3  sing N N 325 
TYR CG  CD1  doub Y N 326 
TYR CG  CD2  sing Y N 327 
TYR CD1 CE1  sing Y N 328 
TYR CD1 HD1  sing N N 329 
TYR CD2 CE2  doub Y N 330 
TYR CD2 HD2  sing N N 331 
TYR CE1 CZ   doub Y N 332 
TYR CE1 HE1  sing N N 333 
TYR CE2 CZ   sing Y N 334 
TYR CE2 HE2  sing N N 335 
TYR CZ  OH   sing N N 336 
TYR OH  HH   sing N N 337 
TYR OXT HXT  sing N N 338 
VAL N   CA   sing N N 339 
VAL N   H    sing N N 340 
VAL N   H2   sing N N 341 
VAL CA  C    sing N N 342 
VAL CA  CB   sing N N 343 
VAL CA  HA   sing N N 344 
VAL C   O    doub N N 345 
VAL C   OXT  sing N N 346 
VAL CB  CG1  sing N N 347 
VAL CB  CG2  sing N N 348 
VAL CB  HB   sing N N 349 
VAL CG1 HG11 sing N N 350 
VAL CG1 HG12 sing N N 351 
VAL CG1 HG13 sing N N 352 
VAL CG2 HG21 sing N N 353 
VAL CG2 HG22 sing N N 354 
VAL CG2 HG23 sing N N 355 
VAL OXT HXT  sing N N 356 
# 
_atom_sites.entry_id                    2HLR 
_atom_sites.fract_transf_matrix[1][1]   0.01664632 
_atom_sites.fract_transf_matrix[1][2]   -0.01777862 
_atom_sites.fract_transf_matrix[1][3]   0.01483951 
_atom_sites.fract_transf_matrix[2][1]   0.01511798 
_atom_sites.fract_transf_matrix[2][2]   -0.00550114 
_atom_sites.fract_transf_matrix[2][3]   -0.02354940 
_atom_sites.fract_transf_matrix[3][1]   0.00508128 
_atom_sites.fract_transf_matrix[3][2]   0.00625985 
_atom_sites.fract_transf_matrix[3][3]   0.00179972 
_atom_sites.fract_transf_vector[1]      0.280007 
_atom_sites.fract_transf_vector[2]      0.274953 
_atom_sites.fract_transf_vector[3]      0.096508 
# 
loop_
_atom_type.symbol 
C 
N 
O 
S 
# 
loop_
_atom_site.group_PDB 
_atom_site.id 
_atom_site.type_symbol 
_atom_site.label_atom_id 
_atom_site.label_alt_id 
_atom_site.label_comp_id 
_atom_site.label_asym_id 
_atom_site.label_entity_id 
_atom_site.label_seq_id 
_atom_site.pdbx_PDB_ins_code 
_atom_site.Cartn_x 
_atom_site.Cartn_y 
_atom_site.Cartn_z 
_atom_site.occupancy 
_atom_site.B_iso_or_equiv 
_atom_site.pdbx_formal_charge 
_atom_site.auth_seq_id 
_atom_site.auth_comp_id 
_atom_site.auth_asym_id 
_atom_site.auth_atom_id 
_atom_site.pdbx_PDB_model_num 
ATOM   1   N N   . ALA A 1 1  ? -5.633  -2.597  8.599   1.00 21.12 ? 32  ALA A N   1 
ATOM   2   C CA  . ALA A 1 1  ? -4.263  -3.155  8.409   1.00 19.93 ? 32  ALA A CA  1 
ATOM   3   C C   . ALA A 1 1  ? -3.219  -2.179  8.930   1.00 19.38 ? 32  ALA A C   1 
ATOM   4   O O   . ALA A 1 1  ? -3.460  -0.977  8.976   1.00 19.70 ? 32  ALA A O   1 
ATOM   5   C CB  . ALA A 1 1  ? -4.007  -3.433  6.947   1.00 20.99 ? 32  ALA A CB  1 
ATOM   6   N N   . LEU A 1 2  ? -2.067  -2.707  9.337   1.00 18.37 ? 33  LEU A N   1 
ATOM   7   C CA  . LEU A 1 2  ? -0.914  -1.864  9.645   1.00 17.47 ? 33  LEU A CA  1 
ATOM   8   C C   . LEU A 1 2  ? -0.079  -1.756  8.379   1.00 16.49 ? 33  LEU A C   1 
ATOM   9   O O   . LEU A 1 2  ? 0.336   -2.772  7.822   1.00 16.90 ? 33  LEU A O   1 
ATOM   10  C CB  . LEU A 1 2  ? -0.075  -2.450  10.784  1.00 18.09 ? 33  LEU A CB  1 
ATOM   11  C CG  . LEU A 1 2  ? 0.971   -1.480  11.344  1.00 18.64 ? 33  LEU A CG  1 
ATOM   12  C CD1 . LEU A 1 2  ? 0.344   -0.421  12.206  1.00 19.06 ? 33  LEU A CD1 1 
ATOM   13  C CD2 . LEU A 1 2  ? 2.031   -2.215  12.154  1.00 19.30 ? 33  LEU A CD2 1 
ATOM   14  N N   . CYS A 1 3  ? 0.166   -0.524  7.931   1.00 15.22 ? 34  CYS A N   1 
ATOM   15  C CA  . CYS A 1 3  ? 0.872   -0.279  6.692   1.00 14.44 ? 34  CYS A CA  1 
ATOM   16  C C   . CYS A 1 3  ? 2.184   0.426   6.975   1.00 13.92 ? 34  CYS A C   1 
ATOM   17  O O   . CYS A 1 3  ? 2.286   1.163   7.931   1.00 14.19 ? 34  CYS A O   1 
ATOM   18  C CB  . CYS A 1 3  ? 0.008   0.600   5.775   1.00 14.38 ? 34  CYS A CB  1 
ATOM   19  S SG  . CYS A 1 3  ? -1.600  -0.123  5.329   1.00 15.75 ? 34  CYS A SG  1 
ATOM   20  N N   . ALA A 1 4  ? 3.155   0.249   6.090   1.00 13.36 ? 35  ALA A N   1 
ATOM   21  C CA  . ALA A 1 4  ? 4.318   1.128   6.099   1.00 13.71 ? 35  ALA A CA  1 
ATOM   22  C C   . ALA A 1 4  ? 3.829   2.544   5.770   1.00 13.60 ? 35  ALA A C   1 
ATOM   23  O O   . ALA A 1 4  ? 2.858   2.742   5.017   1.00 13.97 ? 35  ALA A O   1 
ATOM   24  C CB  . ALA A 1 4  ? 5.345   0.677   5.096   1.00 14.09 ? 35  ALA A CB  1 
ATOM   25  N N   . PHE A 1 5  ? 4.521   3.527   6.339   1.00 14.45 ? 36  PHE A N   1 
ATOM   26  C CA  . PHE A 1 5  ? 4.155   4.928   6.207   1.00 15.42 ? 36  PHE A CA  1 
ATOM   27  C C   . PHE A 1 5  ? 5.375   5.749   5.835   1.00 15.60 ? 36  PHE A C   1 
ATOM   28  O O   . PHE A 1 5  ? 6.435   5.629   6.458   1.00 15.86 ? 36  PHE A O   1 
ATOM   29  C CB  . PHE A 1 5  ? 3.592   5.450   7.525   1.00 17.07 ? 36  PHE A CB  1 
ATOM   30  C CG  . PHE A 1 5  ? 3.253   6.912   7.490   1.00 17.40 ? 36  PHE A CG  1 
ATOM   31  C CD1 . PHE A 1 5  ? 2.083   7.348   6.892   1.00 17.78 ? 36  PHE A CD1 1 
ATOM   32  C CD2 . PHE A 1 5  ? 4.113   7.864   8.031   1.00 19.41 ? 36  PHE A CD2 1 
ATOM   33  C CE1 . PHE A 1 5  ? 1.761   8.709   6.846   1.00 19.79 ? 36  PHE A CE1 1 
ATOM   34  C CE2 . PHE A 1 5  ? 3.794   9.224   7.978   1.00 19.75 ? 36  PHE A CE2 1 
ATOM   35  C CZ  . PHE A 1 5  ? 2.621   9.636   7.392   1.00 20.96 ? 36  PHE A CZ  1 
ATOM   36  N N   . LYS A 1 6  ? 5.212   6.595   4.821   1.00 16.76 ? 37  LYS A N   1 
ATOM   37  C CA  . LYS A 1 6  ? 6.221   7.585   4.480   1.00 18.55 ? 37  LYS A CA  1 
ATOM   38  C C   . LYS A 1 6  ? 5.516   8.780   3.877   1.00 19.31 ? 37  LYS A C   1 
ATOM   39  O O   . LYS A 1 6  ? 4.714   8.644   2.946   1.00 18.71 ? 37  LYS A O   1 
ATOM   40  C CB  . LYS A 1 6  ? 7.232   7.048   3.477   1.00 18.98 ? 37  LYS A CB  1 
ATOM   41  C CG  . LYS A 1 6  ? 8.308   8.093   3.208   1.00 19.65 ? 37  LYS A CG  1 
ATOM   42  C CD  . LYS A 1 6  ? 9.238   7.726   2.116   1.00 22.03 ? 37  LYS A CD  1 
ATOM   43  C CE  . LYS A 1 6  ? 10.226  8.858   1.831   1.00 23.95 ? 37  LYS A CE  1 
ATOM   44  N NZ  . LYS A 1 6  ? 9.676   9.903   0.920   1.00 26.36 ? 37  LYS A NZ  1 
ATOM   45  N N   . ASP A 1 7  ? 5.838   9.956   4.401   1.00 21.32 ? 38  ASP A N   1 
ATOM   46  C CA  . ASP A 1 7  ? 5.289   11.201  3.892   1.00 22.90 ? 38  ASP A CA  1 
ATOM   47  C C   . ASP A 1 7  ? 6.397   12.242  3.934   1.00 23.87 ? 38  ASP A C   1 
ATOM   48  O O   . ASP A 1 7  ? 6.759   12.703  5.008   1.00 24.26 ? 38  ASP A O   1 
ATOM   49  C CB  . ASP A 1 7  ? 4.116   11.651  4.754   1.00 23.19 ? 38  ASP A CB  1 
ATOM   50  C CG  . ASP A 1 7  ? 3.426   12.888  4.206   1.00 23.53 ? 38  ASP A CG  1 
ATOM   51  O OD1 . ASP A 1 7  ? 3.932   13.485  3.224   1.00 25.04 ? 38  ASP A OD1 1 
ATOM   52  O OD2 . ASP A 1 7  ? 2.365   13.246  4.764   1.00 25.45 ? 38  ASP A OD2 1 
ATOM   53  N N   . PRO A 1 8  ? 6.929   12.630  2.765   1.00 25.57 ? 39  PRO A N   1 
ATOM   54  C CA  . PRO A 1 8  ? 8.057   13.559  2.790   1.00 26.21 ? 39  PRO A CA  1 
ATOM   55  C C   . PRO A 1 8  ? 7.696   14.983  3.220   1.00 27.11 ? 39  PRO A C   1 
ATOM   56  O O   . PRO A 1 8  ? 8.603   15.784  3.464   1.00 27.67 ? 39  PRO A O   1 
ATOM   57  C CB  . PRO A 1 8  ? 8.563   13.535  1.346   1.00 26.80 ? 39  PRO A CB  1 
ATOM   58  C CG  . PRO A 1 8  ? 7.413   13.105  0.527   1.00 26.63 ? 39  PRO A CG  1 
ATOM   59  C CD  . PRO A 1 8  ? 6.525   12.270  1.396   1.00 25.98 ? 39  PRO A CD  1 
ATOM   60  N N   . TYR A 1 9  ? 6.399   15.286  3.331   1.00 27.67 ? 40  TYR A N   1 
ATOM   61  C CA  . TYR A 1 9  ? 5.933   16.624  3.714   1.00 27.89 ? 40  TYR A CA  1 
ATOM   62  C C   . TYR A 1 9  ? 5.393   16.662  5.144   1.00 28.75 ? 40  TYR A C   1 
ATOM   63  O O   . TYR A 1 9  ? 4.459   15.933  5.496   1.00 29.97 ? 40  TYR A O   1 
ATOM   64  C CB  . TYR A 1 9  ? 4.854   17.105  2.747   1.00 29.18 ? 40  TYR A CB  1 
ATOM   65  C CG  . TYR A 1 9  ? 5.251   16.994  1.296   1.00 28.36 ? 40  TYR A CG  1 
ATOM   66  C CD1 . TYR A 1 9  ? 6.147   17.894  0.730   1.00 29.42 ? 40  TYR A CD1 1 
ATOM   67  C CD2 . TYR A 1 9  ? 4.733   15.986  0.487   1.00 28.81 ? 40  TYR A CD2 1 
ATOM   68  C CE1 . TYR A 1 9  ? 6.517   17.796  -0.604  1.00 27.45 ? 40  TYR A CE1 1 
ATOM   69  C CE2 . TYR A 1 9  ? 5.097   15.878  -0.843  1.00 28.12 ? 40  TYR A CE2 1 
ATOM   70  C CZ  . TYR A 1 9  ? 5.987   16.786  -1.385  1.00 29.13 ? 40  TYR A CZ  1 
ATOM   71  O OH  . TYR A 1 9  ? 6.341   16.678  -2.705  1.00 28.40 ? 40  TYR A OH  1 
ATOM   72  N N   . ASN A 1 24 ? 7.507   5.609   13.901  1.00 22.41 ? 55  ASN A N   1 
ATOM   73  C CA  . ASN A 1 24 ? 8.263   4.392   13.634  1.00 21.76 ? 55  ASN A CA  1 
ATOM   74  C C   . ASN A 1 24 ? 8.121   3.905   12.193  1.00 20.84 ? 55  ASN A C   1 
ATOM   75  O O   . ASN A 1 24 ? 8.545   2.801   11.872  1.00 21.45 ? 55  ASN A O   1 
ATOM   76  C CB  . ASN A 1 24 ? 7.854   3.281   14.611  1.00 22.41 ? 55  ASN A CB  1 
ATOM   77  C CG  . ASN A 1 24 ? 6.380   2.917   14.519  1.00 22.64 ? 55  ASN A CG  1 
ATOM   78  O OD1 . ASN A 1 24 ? 5.708   3.211   13.524  1.00 23.31 ? 55  ASN A OD1 1 
ATOM   79  N ND2 . ASN A 1 24 ? 5.864   2.284   15.568  1.00 23.13 ? 55  ASN A ND2 1 
ATOM   80  N N   . GLY A 1 25 ? 7.524   4.719   11.323  1.00 19.26 ? 56  GLY A N   1 
ATOM   81  C CA  . GLY A 1 25 ? 7.442   4.385   9.912   1.00 18.38 ? 56  GLY A CA  1 
ATOM   82  C C   . GLY A 1 25 ? 6.268   3.502   9.537   1.00 16.48 ? 56  GLY A C   1 
ATOM   83  O O   . GLY A 1 25 ? 6.293   2.919   8.465   1.00 16.14 ? 56  GLY A O   1 
ATOM   84  N N   . THR A 1 26 ? 5.279   3.406   10.424  1.00 16.42 ? 57  THR A N   1 
ATOM   85  C CA  . THR A 1 26 ? 4.069   2.637   10.145  1.00 16.71 ? 57  THR A CA  1 
ATOM   86  C C   . THR A 1 26 ? 2.837   3.467   10.496  1.00 16.98 ? 57  THR A C   1 
ATOM   87  O O   . THR A 1 26 ? 2.924   4.472   11.211  1.00 17.06 ? 57  THR A O   1 
ATOM   88  C CB  . THR A 1 26 ? 4.012   1.305   10.947  1.00 17.01 ? 57  THR A CB  1 
ATOM   89  O OG1 . THR A 1 26 ? 3.849   1.585   12.346  1.00 18.61 ? 57  THR A OG1 1 
ATOM   90  C CG2 . THR A 1 26 ? 5.257   0.456   10.728  1.00 16.61 ? 57  THR A CG2 1 
ATOM   91  N N   . ILE A 1 27 ? 1.692   3.023   9.985   1.00 16.54 ? 58  ILE A N   1 
ATOM   92  C CA  . ILE A 1 27 ? 0.419   3.684   10.257  1.00 17.40 ? 58  ILE A CA  1 
ATOM   93  C C   . ILE A 1 27 ? -0.679  2.630   10.366  1.00 17.03 ? 58  ILE A C   1 
ATOM   94  O O   . ILE A 1 27 ? -0.707  1.672   9.588   1.00 16.72 ? 58  ILE A O   1 
ATOM   95  C CB  . ILE A 1 27 ? 0.083   4.744   9.175   1.00 17.41 ? 58  ILE A CB  1 
ATOM   96  C CG1 . ILE A 1 27 ? -1.191  5.509   9.533   1.00 18.08 ? 58  ILE A CG1 1 
ATOM   97  C CG2 . ILE A 1 27 ? -0.064  4.113   7.796   1.00 17.16 ? 58  ILE A CG2 1 
ATOM   98  C CD1 . ILE A 1 27 ? -1.437  6.701   8.634   1.00 19.02 ? 58  ILE A CD1 1 
ATOM   99  N N   . LEU A 1 28 ? -1.571  2.803   11.341  1.00 17.97 ? 59  LEU A N   1 
ATOM   100 C CA  . LEU A 1 28 ? -2.724  1.918   11.511  1.00 18.72 ? 59  LEU A CA  1 
ATOM   101 C C   . LEU A 1 28 ? -3.883  2.459   10.684  1.00 18.47 ? 59  LEU A C   1 
ATOM   102 O O   . LEU A 1 28 ? -4.399  3.544   10.963  1.00 19.73 ? 59  LEU A O   1 
ATOM   103 C CB  . LEU A 1 28 ? -3.144  1.813   12.984  1.00 19.47 ? 59  LEU A CB  1 
ATOM   104 C CG  . LEU A 1 28 ? -4.338  0.900   13.299  1.00 19.97 ? 59  LEU A CG  1 
ATOM   105 C CD1 . LEU A 1 28 ? -4.008  -0.540  12.945  1.00 21.76 ? 59  LEU A CD1 1 
ATOM   106 C CD2 . LEU A 1 28 ? -4.779  1.006   14.757  1.00 21.17 ? 59  LEU A CD2 1 
ATOM   107 N N   . CYS A 1 29 ? -4.273  1.697   9.666   1.00 18.27 ? 60  CYS A N   1 
ATOM   108 C CA  . CYS A 1 29 ? -5.350  2.075   8.757   1.00 18.79 ? 60  CYS A CA  1 
ATOM   109 C C   . CYS A 1 29 ? -6.633  1.380   9.184   1.00 19.20 ? 60  CYS A C   1 
ATOM   110 O O   . CYS A 1 29 ? -6.594  0.352   9.858   1.00 20.12 ? 60  CYS A O   1 
ATOM   111 C CB  . CYS A 1 29 ? -4.973  1.680   7.328   1.00 17.97 ? 60  CYS A CB  1 
ATOM   112 S SG  . CYS A 1 29 ? -3.367  2.317   6.794   1.00 17.79 ? 60  CYS A SG  1 
ATOM   113 N N   . SER A 1 30 ? -7.772  1.940   8.791   1.00 19.68 ? 61  SER A N   1 
ATOM   114 C CA  . SER A 1 30 ? -9.066  1.392   9.189   1.00 20.73 ? 61  SER A CA  1 
ATOM   115 C C   . SER A 1 30 ? -9.244  -0.025  8.645   1.00 21.04 ? 61  SER A C   1 
ATOM   116 O O   . SER A 1 30 ? -8.530  -0.447  7.732   1.00 20.66 ? 61  SER A O   1 
ATOM   117 C CB  . SER A 1 30 ? -10.193 2.293   8.697   1.00 21.09 ? 61  SER A CB  1 
ATOM   118 O OG  . SER A 1 30 ? -10.260 2.260   7.291   1.00 23.35 ? 61  SER A OG  1 
ATOM   119 N N   . LYS A 1 31 ? -10.203 -0.756  9.209   1.00 21.72 ? 62  LYS A N   1 
ATOM   120 C CA  . LYS A 1 31 ? -10.375 -2.178  8.893   1.00 22.16 ? 62  LYS A CA  1 
ATOM   121 C C   . LYS A 1 31 ? -10.634 -2.453  7.409   1.00 21.45 ? 62  LYS A C   1 
ATOM   122 O O   . LYS A 1 31 ? -10.213 -3.493  6.898   1.00 21.98 ? 62  LYS A O   1 
ATOM   123 C CB  . LYS A 1 31 ? -11.470 -2.811  9.770   1.00 23.36 ? 62  LYS A CB  1 
ATOM   124 C CG  . LYS A 1 31 ? -12.871 -2.279  9.544   1.00 25.05 ? 62  LYS A CG  1 
ATOM   125 C CD  . LYS A 1 31 ? -13.794 -2.623  10.715  1.00 24.90 ? 62  LYS A CD  1 
ATOM   126 C CE  . LYS A 1 31 ? -15.249 -2.368  10.368  1.00 26.74 ? 62  LYS A CE  1 
ATOM   127 N NZ  . LYS A 1 31 ? -16.162 -2.712  11.493  1.00 28.00 ? 62  LYS A NZ  1 
ATOM   128 N N   . GLY A 1 32 ? -11.304 -1.522  6.727   1.00 20.03 ? 63  GLY A N   1 
ATOM   129 C CA  . GLY A 1 32 ? -11.624 -1.653  5.302   1.00 19.43 ? 63  GLY A CA  1 
ATOM   130 C C   . GLY A 1 32 ? -10.565 -1.121  4.349   1.00 18.59 ? 63  GLY A C   1 
ATOM   131 O O   . GLY A 1 32 ? -10.702 -1.225  3.133   1.00 18.81 ? 63  GLY A O   1 
ATOM   132 N N   . SER A 1 33 ? -9.497  -0.547  4.893   1.00 17.64 ? 64  SER A N   1 
ATOM   133 C CA  . SER A 1 33 ? -8.467  0.060   4.059   1.00 17.05 ? 64  SER A CA  1 
ATOM   134 C C   . SER A 1 33 ? -7.397  -0.939  3.631   1.00 15.32 ? 64  SER A C   1 
ATOM   135 O O   . SER A 1 33 ? -7.223  -2.001  4.240   1.00 15.73 ? 64  SER A O   1 
ATOM   136 C CB  . SER A 1 33 ? -7.823  1.234   4.800   1.00 17.76 ? 64  SER A CB  1 
ATOM   137 O OG  . SER A 1 33 ? -8.757  2.295   4.930   1.00 21.62 ? 64  SER A OG  1 
ATOM   138 N N   . THR A 1 34 ? -6.684  -0.572  2.575   1.00 14.79 ? 65  THR A N   1 
ATOM   139 C CA  . THR A 1 34 ? -5.522  -1.297  2.089   1.00 14.04 ? 65  THR A CA  1 
ATOM   140 C C   . THR A 1 34 ? -4.283  -0.415  2.312   1.00 13.48 ? 65  THR A C   1 
ATOM   141 O O   . THR A 1 34 ? -4.379  0.673   2.883   1.00 13.59 ? 65  THR A O   1 
ATOM   142 C CB  . THR A 1 34 ? -5.722  -1.646  0.588   1.00 14.17 ? 65  THR A CB  1 
ATOM   143 O OG1 . THR A 1 34 ? -6.211  -0.500  -0.109  1.00 15.68 ? 65  THR A OG1 1 
ATOM   144 C CG2 . THR A 1 34 ? -6.743  -2.788  0.435   1.00 14.50 ? 65  THR A CG2 1 
ATOM   145 N N   . CYS A 1 35 ? -3.126  -0.912  1.888   1.00 13.35 ? 66  CYS A N   1 
ATOM   146 C CA  . CYS A 1 35 ? -1.869  -0.175  1.987   1.00 13.11 ? 66  CYS A CA  1 
ATOM   147 C C   . CYS A 1 35 ? -1.415  0.188   0.588   1.00 12.84 ? 66  CYS A C   1 
ATOM   148 O O   . CYS A 1 35 ? -1.687  -0.548  -0.365  1.00 13.67 ? 66  CYS A O   1 
ATOM   149 C CB  . CYS A 1 35 ? -0.780  -1.064  2.591   1.00 13.82 ? 66  CYS A CB  1 
ATOM   150 S SG  . CYS A 1 35 ? -1.097  -1.754  4.228   1.00 15.10 ? 66  CYS A SG  1 
ATOM   151 N N   . TYR A 1 36 ? -0.666  1.281   0.461   1.00 12.71 ? 67  TYR A N   1 
ATOM   152 C CA  . TYR A 1 36 ? -0.056  1.585   -0.822  1.00 12.84 ? 67  TYR A CA  1 
ATOM   153 C C   . TYR A 1 36 ? 1.393   2.004   -0.653  1.00 12.71 ? 67  TYR A C   1 
ATOM   154 O O   . TYR A 1 36 ? 1.806   2.479   0.402   1.00 12.91 ? 67  TYR A O   1 
ATOM   155 C CB  . TYR A 1 36 ? -0.824  2.700   -1.574  1.00 13.27 ? 67  TYR A CB  1 
ATOM   156 C CG  . TYR A 1 36 ? -0.578  4.098   -1.046  1.00 13.47 ? 67  TYR A CG  1 
ATOM   157 C CD1 . TYR A 1 36 ? 0.499   4.856   -1.494  1.00 14.82 ? 67  TYR A CD1 1 
ATOM   158 C CD2 . TYR A 1 36 ? -1.377  4.623   -0.056  1.00 14.53 ? 67  TYR A CD2 1 
ATOM   159 C CE1 . TYR A 1 36 ? 0.737   6.124   -0.994  1.00 14.45 ? 67  TYR A CE1 1 
ATOM   160 C CE2 . TYR A 1 36 ? -1.147  5.887   0.457   1.00 15.23 ? 67  TYR A CE2 1 
ATOM   161 C CZ  . TYR A 1 36 ? -0.078  6.624   -0.012  1.00 14.89 ? 67  TYR A CZ  1 
ATOM   162 O OH  . TYR A 1 36 ? 0.166   7.885   0.483   1.00 17.94 ? 67  TYR A OH  1 
ATOM   163 N N   . GLY A 1 37 ? 2.135   1.842   -1.737  1.00 12.67 ? 68  GLY A N   1 
ATOM   164 C CA  . GLY A 1 37 ? 3.457   2.453   -1.870  1.00 13.75 ? 68  GLY A CA  1 
ATOM   165 C C   . GLY A 1 37 ? 3.629   3.086   -3.231  1.00 14.03 ? 68  GLY A C   1 
ATOM   166 O O   . GLY A 1 37 ? 3.078   2.613   -4.224  1.00 14.31 ? 68  GLY A O   1 
ATOM   167 N N   . LEU A 1 38 ? 4.423   4.154   -3.253  1.00 14.68 ? 69  LEU A N   1 
ATOM   168 C CA  . LEU A 1 38 ? 4.753   4.864   -4.483  1.00 15.44 ? 69  LEU A CA  1 
ATOM   169 C C   . LEU A 1 38 ? 6.255   5.087   -4.510  1.00 15.66 ? 69  LEU A C   1 
ATOM   170 O O   . LEU A 1 38 ? 6.784   5.701   -3.593  1.00 15.86 ? 69  LEU A O   1 
ATOM   171 C CB  . LEU A 1 38 ? 4.033   6.218   -4.556  1.00 15.61 ? 69  LEU A CB  1 
ATOM   172 C CG  . LEU A 1 38 ? 4.363   7.040   -5.812  1.00 16.28 ? 69  LEU A CG  1 
ATOM   173 C CD1 . LEU A 1 38 ? 3.881   6.334   -7.055  1.00 17.93 ? 69  LEU A CD1 1 
ATOM   174 C CD2 . LEU A 1 38 ? 3.778   8.449   -5.745  1.00 16.90 ? 69  LEU A CD2 1 
ATOM   175 N N   . TRP A 1 39 ? 6.902   4.570   -5.548  1.00 16.23 ? 70  TRP A N   1 
ATOM   176 C CA  . TRP A 1 39 ? 8.326   4.777   -5.790  1.00 17.40 ? 70  TRP A CA  1 
ATOM   177 C C   . TRP A 1 39 ? 8.518   5.550   -7.092  1.00 18.90 ? 70  TRP A C   1 
ATOM   178 O O   . TRP A 1 39 ? 9.561   6.187   -7.296  1.00 21.26 ? 70  TRP A O   1 
ATOM   179 C CB  . TRP A 1 39 ? 9.053   3.428   -5.878  1.00 19.58 ? 70  TRP A CB  1 
ATOM   180 C CG  . TRP A 1 39 ? 9.127   2.663   -4.615  1.00 21.87 ? 70  TRP A CG  1 
ATOM   181 C CD1 . TRP A 1 39 ? 10.200  2.561   -3.777  1.00 15.58 ? 70  TRP A CD1 1 
ATOM   182 C CD2 . TRP A 1 39 ? 8.103   1.845   -4.041  1.00 19.15 ? 70  TRP A CD2 1 
ATOM   183 N NE1 . TRP A 1 39 ? 9.901   1.742   -2.711  1.00 21.68 ? 70  TRP A NE1 1 
ATOM   184 C CE2 . TRP A 1 39 ? 8.625   1.287   -2.851  1.00 19.24 ? 70  TRP A CE2 1 
ATOM   185 C CE3 . TRP A 1 39 ? 6.794   1.521   -4.413  1.00 15.96 ? 70  TRP A CE3 1 
ATOM   186 C CZ2 . TRP A 1 39 ? 7.885   0.434   -2.029  1.00 15.86 ? 70  TRP A CZ2 1 
ATOM   187 C CZ3 . TRP A 1 39 ? 6.056   0.664   -3.590  1.00 15.56 ? 70  TRP A CZ3 1 
ATOM   188 C CH2 . TRP A 1 39 ? 6.605   0.138   -2.413  1.00 15.59 ? 70  TRP A CH2 1 
ATOM   189 N N   . ASN A 1 47 ? 13.597  5.370   -5.990  1.00 25.49 ? 78  ASN A N   1 
ATOM   190 C CA  . ASN A 1 47 ? 13.468  6.028   -4.701  1.00 25.34 ? 78  ASN A CA  1 
ATOM   191 C C   . ASN A 1 47 ? 12.036  5.951   -4.190  1.00 24.46 ? 78  ASN A C   1 
ATOM   192 O O   . ASN A 1 47 ? 11.085  6.133   -4.952  1.00 24.20 ? 78  ASN A O   1 
ATOM   193 C CB  . ASN A 1 47 ? 13.875  7.501   -4.796  1.00 25.87 ? 78  ASN A CB  1 
ATOM   194 C CG  . ASN A 1 47 ? 15.336  7.687   -5.159  1.00 27.55 ? 78  ASN A CG  1 
ATOM   195 O OD1 . ASN A 1 47 ? 16.208  6.947   -4.701  1.00 30.40 ? 78  ASN A OD1 1 
ATOM   196 N ND2 . ASN A 1 47 ? 15.610  8.688   -5.982  1.00 27.50 ? 78  ASN A ND2 1 
ATOM   197 N N   . LEU A 1 48 ? 11.884  5.700   -2.898  1.00 23.55 ? 79  LEU A N   1 
ATOM   198 C CA  . LEU A 1 48 ? 10.567  5.701   -2.276  1.00 23.17 ? 79  LEU A CA  1 
ATOM   199 C C   . LEU A 1 48 ? 10.047  7.131   -2.152  1.00 22.81 ? 79  LEU A C   1 
ATOM   200 O O   . LEU A 1 48 ? 10.771  8.027   -1.695  1.00 23.44 ? 79  LEU A O   1 
ATOM   201 C CB  . LEU A 1 48 ? 10.635  5.050   -0.898  1.00 22.80 ? 79  LEU A CB  1 
ATOM   202 C CG  . LEU A 1 48 ? 9.338   5.028   -0.091  1.00 22.67 ? 79  LEU A CG  1 
ATOM   203 C CD1 . LEU A 1 48 ? 8.273   4.188   -0.780  1.00 21.37 ? 79  LEU A CD1 1 
ATOM   204 C CD2 . LEU A 1 48 ? 9.605   4.505   1.311   1.00 23.23 ? 79  LEU A CD2 1 
ATOM   205 N N   . VAL A 1 49 ? 8.805   7.342   -2.580  1.00 22.18 ? 80  VAL A N   1 
ATOM   206 C CA  . VAL A 1 49 ? 8.159   8.646   -2.490  1.00 21.54 ? 80  VAL A CA  1 
ATOM   207 C C   . VAL A 1 49 ? 7.207   8.693   -1.308  1.00 20.74 ? 80  VAL A C   1 
ATOM   208 O O   . VAL A 1 49 ? 7.303   9.571   -0.456  1.00 21.58 ? 80  VAL A O   1 
ATOM   209 C CB  . VAL A 1 49 ? 7.380   8.989   -3.787  1.00 21.89 ? 80  VAL A CB  1 
ATOM   210 C CG1 . VAL A 1 49 ? 6.739   10.373  -3.689  1.00 23.05 ? 80  VAL A CG1 1 
ATOM   211 C CG2 . VAL A 1 49 ? 8.295   8.887   -5.011  1.00 22.49 ? 80  VAL A CG2 1 
ATOM   212 N N   . LYS A 1 50 ? 6.286   7.733   -1.248  1.00 19.32 ? 81  LYS A N   1 
ATOM   213 C CA  . LYS A 1 50 ? 5.167   7.831   -0.338  1.00 18.26 ? 81  LYS A CA  1 
ATOM   214 C C   . LYS A 1 50 ? 4.631   6.443   -0.034  1.00 16.46 ? 81  LYS A C   1 
ATOM   215 O O   . LYS A 1 50 ? 4.664   5.586   -0.905  1.00 16.30 ? 81  LYS A O   1 
ATOM   216 C CB  . LYS A 1 50 ? 4.076   8.658   -1.020  1.00 18.61 ? 81  LYS A CB  1 
ATOM   217 C CG  . LYS A 1 50 ? 3.165   9.396   -0.098  1.00 19.70 ? 81  LYS A CG  1 
ATOM   218 C CD  . LYS A 1 50 ? 2.426   10.477  -0.870  1.00 20.08 ? 81  LYS A CD  1 
ATOM   219 C CE  . LYS A 1 50 ? 1.098   10.770  -0.267  1.00 20.85 ? 81  LYS A CE  1 
ATOM   220 N NZ  . LYS A 1 50 ? 1.145   11.125  1.161   1.00 22.40 ? 81  LYS A NZ  1 
ATOM   221 N N   . GLN A 1 51 ? 4.145   6.270   1.194   1.00 15.74 ? 82  GLN A N   1 
ATOM   222 C CA  . GLN A 1 51 ? 3.446   5.057   1.618   1.00 14.85 ? 82  GLN A CA  1 
ATOM   223 C C   . GLN A 1 51 ? 2.381   5.407   2.634   1.00 13.88 ? 82  GLN A C   1 
ATOM   224 O O   . GLN A 1 51 ? 2.580   6.294   3.458   1.00 14.62 ? 82  GLN A O   1 
ATOM   225 C CB  . GLN A 1 51 ? 4.403   4.085   2.334   1.00 15.45 ? 82  GLN A CB  1 
ATOM   226 C CG  . GLN A 1 51 ? 5.326   3.282   1.468   1.00 15.68 ? 82  GLN A CG  1 
ATOM   227 C CD  . GLN A 1 51 ? 6.501   2.744   2.254   1.00 15.42 ? 82  GLN A CD  1 
ATOM   228 O OE1 . GLN A 1 51 ? 6.951   3.387   3.208   1.00 16.44 ? 82  GLN A OE1 1 
ATOM   229 N NE2 . GLN A 1 51 ? 7.031   1.602   1.837   1.00 16.52 ? 82  GLN A NE2 1 
ATOM   230 N N   . GLY A 1 52 ? 1.267   4.679   2.612   1.00 13.59 ? 83  GLY A N   1 
ATOM   231 C CA  . GLY A 1 52 ? 0.283   4.838   3.662   1.00 14.19 ? 83  GLY A CA  1 
ATOM   232 C C   . GLY A 1 52 ? -0.985  4.044   3.413   1.00 14.08 ? 83  GLY A C   1 
ATOM   233 O O   . GLY A 1 52 ? -0.963  2.990   2.783   1.00 13.91 ? 83  GLY A O   1 
ATOM   234 N N   . CYS A 1 53 ? -2.092  4.589   3.911   1.00 14.15 ? 84  CYS A N   1 
ATOM   235 C CA  . CYS A 1 53 ? -3.400  3.964   3.805   1.00 14.52 ? 84  CYS A CA  1 
ATOM   236 C C   . CYS A 1 53 ? -4.055  4.278   2.466   1.00 14.17 ? 84  CYS A C   1 
ATOM   237 O O   . CYS A 1 53 ? -4.097  5.435   2.026   1.00 15.70 ? 84  CYS A O   1 
ATOM   238 C CB  . CYS A 1 53 ? -4.324  4.465   4.916   1.00 15.03 ? 84  CYS A CB  1 
ATOM   239 S SG  . CYS A 1 53 ? -3.692  4.298   6.599   1.00 17.21 ? 84  CYS A SG  1 
ATOM   240 N N   . TRP A 1 54 ? -4.590  3.240   1.833   1.00 13.96 ? 85  TRP A N   1 
ATOM   241 C CA  . TRP A 1 54 ? -5.343  3.368   0.592   1.00 14.81 ? 85  TRP A CA  1 
ATOM   242 C C   . TRP A 1 54 ? -6.799  3.072   0.927   1.00 16.16 ? 85  TRP A C   1 
ATOM   243 O O   . TRP A 1 54 ? -7.094  2.171   1.699   1.00 17.13 ? 85  TRP A O   1 
ATOM   244 C CB  . TRP A 1 54 ? -4.779  2.396   -0.440  1.00 14.43 ? 85  TRP A CB  1 
ATOM   245 C CG  . TRP A 1 54 ? -5.223  2.613   -1.849  1.00 14.27 ? 85  TRP A CG  1 
ATOM   246 C CD1 . TRP A 1 54 ? -6.002  1.790   -2.591  1.00 13.92 ? 85  TRP A CD1 1 
ATOM   247 C CD2 . TRP A 1 54 ? -4.849  3.694   -2.704  1.00 14.31 ? 85  TRP A CD2 1 
ATOM   248 N NE1 . TRP A 1 54 ? -6.171  2.310   -3.850  1.00 14.67 ? 85  TRP A NE1 1 
ATOM   249 C CE2 . TRP A 1 54 ? -5.455  3.470   -3.946  1.00 14.13 ? 85  TRP A CE2 1 
ATOM   250 C CE3 . TRP A 1 54 ? -4.054  4.828   -2.540  1.00 13.82 ? 85  TRP A CE3 1 
ATOM   251 C CZ2 . TRP A 1 54 ? -5.322  4.358   -5.009  1.00 14.15 ? 85  TRP A CZ2 1 
ATOM   252 C CZ3 . TRP A 1 54 ? -3.913  5.702   -3.612  1.00 14.46 ? 85  TRP A CZ3 1 
ATOM   253 C CH2 . TRP A 1 54 ? -4.540  5.459   -4.818  1.00 14.72 ? 85  TRP A CH2 1 
ATOM   254 N N   . SER A 1 55 ? -7.705  3.872   0.376   1.00 17.79 ? 86  SER A N   1 
ATOM   255 C CA  . SER A 1 55 ? -9.075  3.922   0.861   1.00 18.71 ? 86  SER A CA  1 
ATOM   256 C C   . SER A 1 55 ? -10.099 3.476   -0.174  1.00 18.83 ? 86  SER A C   1 
ATOM   257 O O   . SER A 1 55 ? -11.269 3.299   0.181   1.00 20.26 ? 86  SER A O   1 
ATOM   258 C CB  . SER A 1 55 ? -9.385  5.355   1.333   1.00 19.76 ? 86  SER A CB  1 
ATOM   259 O OG  . SER A 1 55 ? -8.334  5.831   2.154   1.00 24.53 ? 86  SER A OG  1 
ATOM   260 N N   . HIS A 1 56 ? -9.684  3.279   -1.429  1.00 17.91 ? 87  HIS A N   1 
ATOM   261 C CA  . HIS A 1 56 ? -10.633 2.884   -2.471  1.00 18.00 ? 87  HIS A CA  1 
ATOM   262 C C   . HIS A 1 56 ? -11.336 1.610   -2.090  1.00 19.16 ? 87  HIS A C   1 
ATOM   263 O O   . HIS A 1 56 ? -10.728 0.709   -1.511  1.00 19.94 ? 87  HIS A O   1 
ATOM   264 C CB  . HIS A 1 56 ? -9.959  2.663   -3.819  1.00 16.68 ? 87  HIS A CB  1 
ATOM   265 C CG  . HIS A 1 56 ? -9.572  3.928   -4.522  1.00 15.10 ? 87  HIS A CG  1 
ATOM   266 N ND1 . HIS A 1 56 ? -8.800  3.918   -5.659  1.00 15.60 ? 87  HIS A ND1 1 
ATOM   267 C CD2 . HIS A 1 56 ? -9.858  5.227   -4.264  1.00 16.49 ? 87  HIS A CD2 1 
ATOM   268 C CE1 . HIS A 1 56 ? -8.616  5.163   -6.070  1.00 15.99 ? 87  HIS A CE1 1 
ATOM   269 N NE2 . HIS A 1 56 ? -9.243  5.972   -5.239  1.00 16.04 ? 87  HIS A NE2 1 
ATOM   270 N N   . ILE A 1 57 ? -12.618 1.544   -2.428  1.00 19.94 ? 88  ILE A N   1 
ATOM   271 C CA  . ILE A 1 57 ? -13.418 0.343   -2.255  1.00 21.14 ? 88  ILE A CA  1 
ATOM   272 C C   . ILE A 1 57 ? -14.228 0.114   -3.517  1.00 21.39 ? 88  ILE A C   1 
ATOM   273 O O   . ILE A 1 57 ? -14.411 1.025   -4.325  1.00 22.24 ? 88  ILE A O   1 
ATOM   274 C CB  . ILE A 1 57 ? -14.328 0.439   -1.015  1.00 22.26 ? 88  ILE A CB  1 
ATOM   275 C CG1 . ILE A 1 57 ? -15.362 1.555   -1.173  1.00 22.75 ? 88  ILE A CG1 1 
ATOM   276 C CG2 . ILE A 1 57 ? -13.489 0.647   0.231   1.00 23.29 ? 88  ILE A CG2 1 
ATOM   277 C CD1 . ILE A 1 57 ? -16.162 1.840   0.094   1.00 23.33 ? 88  ILE A CD1 1 
ATOM   278 N N   . GLY A 1 58 ? -14.699 -1.112  -3.699  1.00 21.57 ? 89  GLY A N   1 
ATOM   279 C CA  . GLY A 1 58 ? -15.566 -1.429  -4.826  1.00 21.22 ? 89  GLY A CA  1 
ATOM   280 C C   . GLY A 1 58 ? -14.888 -2.055  -6.027  1.00 21.01 ? 89  GLY A C   1 
ATOM   281 O O   . GLY A 1 58 ? -15.565 -2.412  -6.985  1.00 22.00 ? 89  GLY A O   1 
ATOM   282 N N   . ASP A 1 59 ? -13.562 -2.212  -5.992  1.00 20.08 ? 90  ASP A N   1 
ATOM   283 C CA  . ASP A 1 59 ? -12.850 -2.868  -7.086  1.00 19.38 ? 90  ASP A CA  1 
ATOM   284 C C   . ASP A 1 59 ? -11.842 -3.852  -6.514  1.00 18.01 ? 90  ASP A C   1 
ATOM   285 O O   . ASP A 1 59 ? -10.707 -3.478  -6.200  1.00 16.23 ? 90  ASP A O   1 
ATOM   286 C CB  . ASP A 1 59 ? -12.153 -1.871  -8.020  1.00 19.88 ? 90  ASP A CB  1 
ATOM   287 C CG  . ASP A 1 59 ? -11.489 -2.554  -9.212  1.00 20.84 ? 90  ASP A CG  1 
ATOM   288 O OD1 . ASP A 1 59 ? -11.583 -3.795  -9.328  1.00 22.40 ? 90  ASP A OD1 1 
ATOM   289 O OD2 . ASP A 1 59 ? -10.860 -1.861  -10.039 1.00 22.52 ? 90  ASP A OD2 1 
ATOM   290 N N   . PRO A 1 60 ? -12.255 -5.118  -6.363  1.00 17.01 ? 91  PRO A N   1 
ATOM   291 C CA  . PRO A 1 60 ? -11.334 -6.128  -5.849  1.00 16.83 ? 91  PRO A CA  1 
ATOM   292 C C   . PRO A 1 60 ? -10.070 -6.370  -6.673  1.00 16.10 ? 91  PRO A C   1 
ATOM   293 O O   . PRO A 1 60 ? -9.123  -6.913  -6.141  1.00 15.87 ? 91  PRO A O   1 
ATOM   294 C CB  . PRO A 1 60 ? -12.197 -7.398  -5.797  1.00 16.81 ? 91  PRO A CB  1 
ATOM   295 C CG  . PRO A 1 60 ? -13.588 -6.908  -5.733  1.00 18.01 ? 91  PRO A CG  1 
ATOM   296 C CD  . PRO A 1 60 ? -13.606 -5.675  -6.573  1.00 17.88 ? 91  PRO A CD  1 
ATOM   297 N N   A GLN A 1 61 ? -10.052 -5.983  -7.949  0.50 16.10 ? 92  GLN A N   1 
ATOM   298 N N   B GLN A 1 61 ? -10.060 -5.970  -7.939  0.50 16.34 ? 92  GLN A N   1 
ATOM   299 C CA  A GLN A 1 61 ? -8.861  -6.181  -8.785  0.50 16.47 ? 92  GLN A CA  1 
ATOM   300 C CA  B GLN A 1 61 ? -8.890  -6.177  -8.780  0.50 17.06 ? 92  GLN A CA  1 
ATOM   301 C C   A GLN A 1 61 ? -7.811  -5.080  -8.626  0.50 16.08 ? 92  GLN A C   1 
ATOM   302 C C   B GLN A 1 61 ? -7.847  -5.060  -8.681  0.50 16.30 ? 92  GLN A C   1 
ATOM   303 O O   A GLN A 1 61 ? -6.684  -5.246  -9.079  0.50 16.66 ? 92  GLN A O   1 
ATOM   304 O O   B GLN A 1 61 ? -6.770  -5.193  -9.244  0.50 16.87 ? 92  GLN A O   1 
ATOM   305 C CB  A GLN A 1 61 ? -9.227  -6.293  -10.271 0.50 16.94 ? 92  GLN A CB  1 
ATOM   306 C CB  B GLN A 1 61 ? -9.315  -6.337  -10.236 0.50 17.43 ? 92  GLN A CB  1 
ATOM   307 C CG  A GLN A 1 61 ? -10.050 -7.512  -10.639 0.50 18.20 ? 92  GLN A CG  1 
ATOM   308 C CG  B GLN A 1 61 ? -10.098 -7.594  -10.519 0.50 19.36 ? 92  GLN A CG  1 
ATOM   309 C CD  A GLN A 1 61 ? -11.538 -7.276  -10.513 0.50 17.83 ? 92  GLN A CD  1 
ATOM   310 C CD  B GLN A 1 61 ? -10.206 -7.846  -11.996 0.50 19.77 ? 92  GLN A CD  1 
ATOM   311 O OE1 A GLN A 1 61 ? -12.065 -6.260  -10.973 0.50 18.89 ? 92  GLN A OE1 1 
ATOM   312 O OE1 B GLN A 1 61 ? -11.093 -7.318  -12.665 0.50 23.82 ? 92  GLN A OE1 1 
ATOM   313 N NE2 A GLN A 1 61 ? -12.232 -8.229  -9.912  0.50 17.95 ? 92  GLN A NE2 1 
ATOM   314 N NE2 B GLN A 1 61 ? -9.282  -8.631  -12.526 0.50 22.94 ? 92  GLN A NE2 1 
ATOM   315 N N   . GLU A 1 62 ? -8.167  -3.973  -7.983  1.00 15.65 ? 93  GLU A N   1 
ATOM   316 C CA  . GLU A 1 62 ? -7.264  -2.822  -7.891  1.00 15.74 ? 93  GLU A CA  1 
ATOM   317 C C   . GLU A 1 62 ? -6.000  -3.125  -7.084  1.00 15.00 ? 93  GLU A C   1 
ATOM   318 O O   . GLU A 1 62 ? -4.894  -2.796  -7.510  1.00 15.86 ? 93  GLU A O   1 
ATOM   319 C CB  . GLU A 1 62 ? -8.017  -1.639  -7.295  1.00 15.62 ? 93  GLU A CB  1 
ATOM   320 C CG  . GLU A 1 62 ? -7.253  -0.324  -7.289  1.00 17.12 ? 93  GLU A CG  1 
ATOM   321 C CD  . GLU A 1 62 ? -8.077  0.798   -6.707  1.00 18.22 ? 93  GLU A CD  1 
ATOM   322 O OE1 . GLU A 1 62 ? -9.321  0.674   -6.629  1.00 22.67 ? 93  GLU A OE1 1 
ATOM   323 O OE2 . GLU A 1 62 ? -7.500  1.813   -6.321  1.00 18.16 ? 93  GLU A OE2 1 
ATOM   324 N N   . CYS A 1 63 ? -6.159  -3.743  -5.920  1.00 14.51 ? 94  CYS A N   1 
ATOM   325 C CA  . CYS A 1 63 ? -5.046  -4.005  -5.013  1.00 14.23 ? 94  CYS A CA  1 
ATOM   326 C C   . CYS A 1 63 ? -4.841  -5.496  -4.913  1.00 13.90 ? 94  CYS A C   1 
ATOM   327 O O   . CYS A 1 63 ? -5.806  -6.263  -4.884  1.00 14.05 ? 94  CYS A O   1 
ATOM   328 C CB  . CYS A 1 63 ? -5.355  -3.459  -3.635  1.00 14.02 ? 94  CYS A CB  1 
ATOM   329 S SG  . CYS A 1 63 ? -5.682  -1.672  -3.620  1.00 15.65 ? 94  CYS A SG  1 
ATOM   330 N N   . HIS A 1 64 ? -3.595  -5.913  -4.839  1.00 13.68 ? 95  HIS A N   1 
ATOM   331 C CA  . HIS A 1 64 ? -3.267  -7.335  -4.668  1.00 14.03 ? 95  HIS A CA  1 
ATOM   332 C C   . HIS A 1 64 ? -3.386  -7.709  -3.195  1.00 13.63 ? 95  HIS A C   1 
ATOM   333 O O   . HIS A 1 64 ? -3.908  -6.973  -2.421  1.00 14.04 ? 95  HIS A O   1 
ATOM   334 C CB  . HIS A 1 64 ? -1.906  -7.672  -5.286  1.00 15.27 ? 95  HIS A CB  1 
ATOM   335 C CG  . HIS A 1 64 ? -1.875  -7.540  -6.766  1.00 16.48 ? 95  HIS A CG  1 
ATOM   336 N ND1 . HIS A 1 64 ? -1.362  -8.507  -7.590  1.00 19.02 ? 95  HIS A ND1 1 
ATOM   337 C CD2 . HIS A 1 64 ? -2.341  -6.570  -7.574  1.00 16.96 ? 95  HIS A CD2 1 
ATOM   338 C CE1 . HIS A 1 64 ? -1.485  -8.123  -8.837  1.00 17.70 ? 95  HIS A CE1 1 
ATOM   339 N NE2 . HIS A 1 64 ? -2.074  -6.954  -8.857  1.00 18.78 ? 95  HIS A NE2 1 
ATOM   340 N N   . TYR A 1 65 ? -2.934  -8.902  -2.847  1.00 13.65 ? 96  TYR A N   1 
ATOM   341 C CA  . TYR A 1 65 ? -3.182  -9.401  -1.503  1.00 13.89 ? 96  TYR A CA  1 
ATOM   342 C C   . TYR A 1 65 ? -1.934  -9.179  -0.645  1.00 13.83 ? 96  TYR A C   1 
ATOM   343 O O   . TYR A 1 65 ? -1.771  -8.106  -0.060  1.00 14.29 ? 96  TYR A O   1 
ATOM   344 C CB  . TYR A 1 65 ? -3.659  -10.869 -1.536  1.00 14.04 ? 96  TYR A CB  1 
ATOM   345 C CG  . TYR A 1 65 ? -4.166  -11.328 -0.198  1.00 13.83 ? 96  TYR A CG  1 
ATOM   346 C CD1 . TYR A 1 65 ? -5.374  -10.877 0.282   1.00 14.86 ? 96  TYR A CD1 1 
ATOM   347 C CD2 . TYR A 1 65 ? -3.431  -12.196 0.594   1.00 14.62 ? 96  TYR A CD2 1 
ATOM   348 C CE1 . TYR A 1 65 ? -5.852  -11.277 1.510   1.00 14.88 ? 96  TYR A CE1 1 
ATOM   349 C CE2 . TYR A 1 65 ? -3.898  -12.593 1.830   1.00 15.11 ? 96  TYR A CE2 1 
ATOM   350 C CZ  . TYR A 1 65 ? -5.112  -12.130 2.285   1.00 14.58 ? 96  TYR A CZ  1 
ATOM   351 O OH  . TYR A 1 65 ? -5.606  -12.529 3.514   1.00 16.36 ? 96  TYR A OH  1 
ATOM   352 N N   . GLU A 1 66 ? -1.024  -10.147 -0.616  1.00 14.48 ? 97  GLU A N   1 
ATOM   353 C CA  . GLU A 1 66 ? 0.171   -10.063 0.215   1.00 15.98 ? 97  GLU A CA  1 
ATOM   354 C C   . GLU A 1 66 ? 1.337   -9.399  -0.519  1.00 16.73 ? 97  GLU A C   1 
ATOM   355 O O   . GLU A 1 66 ? 2.315   -9.013  0.122   1.00 18.08 ? 97  GLU A O   1 
ATOM   356 C CB  . GLU A 1 66 ? 0.577   -11.456 0.737   1.00 16.59 ? 97  GLU A CB  1 
ATOM   357 C CG  . GLU A 1 66 ? 1.315   -12.357 -0.262  1.00 18.39 ? 97  GLU A CG  1 
ATOM   358 C CD  . GLU A 1 66 ? 0.441   -13.053 -1.293  1.00 20.67 ? 97  GLU A CD  1 
ATOM   359 O OE1 . GLU A 1 66 ? -0.759  -12.746 -1.408  1.00 20.34 ? 97  GLU A OE1 1 
ATOM   360 O OE2 . GLU A 1 66 ? 0.979   -13.926 -2.019  1.00 22.94 ? 97  GLU A OE2 1 
ATOM   361 N N   . GLU A 1 67 ? 1.231   -9.295  -1.842  1.00 16.88 ? 98  GLU A N   1 
ATOM   362 C CA  . GLU A 1 67 ? 2.270   -8.727  -2.689  1.00 18.23 ? 98  GLU A CA  1 
ATOM   363 C C   . GLU A 1 67 ? 1.841   -7.340  -3.131  1.00 17.17 ? 98  GLU A C   1 
ATOM   364 O O   . GLU A 1 67 ? 0.676   -7.111  -3.428  1.00 16.90 ? 98  GLU A O   1 
ATOM   365 C CB  . GLU A 1 67 ? 2.445   -9.557  -3.955  1.00 18.95 ? 98  GLU A CB  1 
ATOM   366 C CG  . GLU A 1 67 ? 2.895   -10.983 -3.783  1.00 22.05 ? 98  GLU A CG  1 
ATOM   367 C CD  . GLU A 1 67 ? 3.193   -11.616 -5.129  1.00 22.82 ? 98  GLU A CD  1 
ATOM   368 O OE1 . GLU A 1 67 ? 2.316   -11.555 -6.025  1.00 27.94 ? 98  GLU A OE1 1 
ATOM   369 O OE2 . GLU A 1 67 ? 4.305   -12.156 -5.299  1.00 29.21 ? 98  GLU A OE2 1 
ATOM   370 N N   . CYS A 1 68 ? 2.793   -6.419  -3.187  1.00 16.34 ? 99  CYS A N   1 
ATOM   371 C CA  . CYS A 1 68 ? 2.559   -5.099  -3.760  1.00 16.28 ? 99  CYS A CA  1 
ATOM   372 C C   . CYS A 1 68 ? 3.156   -5.164  -5.165  1.00 16.43 ? 99  CYS A C   1 
ATOM   373 O O   . CYS A 1 68 ? 4.379   -5.125  -5.331  1.00 17.95 ? 99  CYS A O   1 
ATOM   374 C CB  . CYS A 1 68 ? 3.201   -4.041  -2.862  1.00 15.28 ? 99  CYS A CB  1 
ATOM   375 S SG  . CYS A 1 68 ? 2.460   -2.384  -2.969  1.00 15.88 ? 99  CYS A SG  1 
ATOM   376 N N   . VAL A 1 69 ? 2.291   -5.316  -6.169  1.00 17.09 ? 100 VAL A N   1 
ATOM   377 C CA  . VAL A 1 69 ? 2.705   -5.615  -7.532  1.00 18.27 ? 100 VAL A CA  1 
ATOM   378 C C   . VAL A 1 69 ? 2.401   -4.447  -8.449  1.00 18.46 ? 100 VAL A C   1 
ATOM   379 O O   . VAL A 1 69 ? 1.266   -3.979  -8.516  1.00 18.78 ? 100 VAL A O   1 
ATOM   380 C CB  . VAL A 1 69 ? 1.983   -6.860  -8.101  1.00 18.31 ? 100 VAL A CB  1 
ATOM   381 C CG1 . VAL A 1 69 ? 2.521   -7.185  -9.496  1.00 20.10 ? 100 VAL A CG1 1 
ATOM   382 C CG2 . VAL A 1 69 ? 2.138   -8.059  -7.175  1.00 19.17 ? 100 VAL A CG2 1 
ATOM   383 N N   . VAL A 1 70 ? 3.432   -3.982  -9.147  1.00 19.58 ? 101 VAL A N   1 
ATOM   384 C CA  . VAL A 1 70 ? 3.301   -2.929  -10.139 1.00 20.53 ? 101 VAL A CA  1 
ATOM   385 C C   . VAL A 1 70 ? 3.001   -3.570  -11.494 1.00 21.35 ? 101 VAL A C   1 
ATOM   386 O O   . VAL A 1 70 ? 3.821   -4.313  -12.034 1.00 21.89 ? 101 VAL A O   1 
ATOM   387 C CB  . VAL A 1 70 ? 4.588   -2.095  -10.216 1.00 20.51 ? 101 VAL A CB  1 
ATOM   388 C CG1 . VAL A 1 70 ? 4.476   -1.037  -11.308 1.00 21.22 ? 101 VAL A CG1 1 
ATOM   389 C CG2 . VAL A 1 70 ? 4.874   -1.458  -8.861  1.00 20.07 ? 101 VAL A CG2 1 
ATOM   390 N N   . THR A 1 71 ? 1.824   -3.285  -12.041 1.00 22.71 ? 102 THR A N   1 
ATOM   391 C CA  . THR A 1 71 ? 1.377   -3.912  -13.284 1.00 23.34 ? 102 THR A CA  1 
ATOM   392 C C   . THR A 1 71 ? 1.213   -2.881  -14.397 1.00 24.27 ? 102 THR A C   1 
ATOM   393 O O   . THR A 1 71 ? 1.484   -1.699  -14.191 1.00 25.21 ? 102 THR A O   1 
ATOM   394 C CB  . THR A 1 71 ? 0.053   -4.650  -13.071 1.00 23.97 ? 102 THR A CB  1 
ATOM   395 O OG1 . THR A 1 71 ? -0.927  -3.730  -12.575 1.00 25.40 ? 102 THR A OG1 1 
ATOM   396 C CG2 . THR A 1 71 ? 0.235   -5.778  -12.069 1.00 24.49 ? 102 THR A CG2 1 
ATOM   397 N N   . TYR A 1 82 ? 7.041   6.333   -12.594 1.00 22.46 ? 113 TYR A N   1 
ATOM   398 C CA  . TYR A 1 82 ? 6.469   5.969   -11.295 1.00 22.03 ? 113 TYR A CA  1 
ATOM   399 C C   . TYR A 1 82 ? 6.273   4.465   -11.154 1.00 21.90 ? 113 TYR A C   1 
ATOM   400 O O   . TYR A 1 82 ? 6.181   3.745   -12.145 1.00 23.34 ? 113 TYR A O   1 
ATOM   401 C CB  . TYR A 1 82 ? 5.126   6.666   -11.086 1.00 23.58 ? 113 TYR A CB  1 
ATOM   402 C CG  . TYR A 1 82 ? 5.234   8.133   -10.753 1.00 22.79 ? 113 TYR A CG  1 
ATOM   403 C CD1 . TYR A 1 82 ? 5.660   8.546   -9.500  1.00 24.25 ? 113 TYR A CD1 1 
ATOM   404 C CD2 . TYR A 1 82 ? 4.875   9.113   -11.679 1.00 24.50 ? 113 TYR A CD2 1 
ATOM   405 C CE1 . TYR A 1 82 ? 5.755   9.893   -9.175  1.00 23.34 ? 113 TYR A CE1 1 
ATOM   406 C CE2 . TYR A 1 82 ? 4.968   10.468  -11.363 1.00 21.95 ? 113 TYR A CE2 1 
ATOM   407 C CZ  . TYR A 1 82 ? 5.405   10.849  -10.110 1.00 23.47 ? 113 TYR A CZ  1 
ATOM   408 O OH  . TYR A 1 82 ? 5.497   12.185  -9.784  1.00 22.56 ? 113 TYR A OH  1 
ATOM   409 N N   . ARG A 1 83 ? 6.220   4.013   -9.903  1.00 20.81 ? 114 ARG A N   1 
ATOM   410 C CA  . ARG A 1 83 ? 5.895   2.628   -9.563  1.00 19.66 ? 114 ARG A CA  1 
ATOM   411 C C   . ARG A 1 83 ? 4.925   2.669   -8.385  1.00 18.56 ? 114 ARG A C   1 
ATOM   412 O O   . ARG A 1 83 ? 5.322   2.971   -7.251  1.00 18.26 ? 114 ARG A O   1 
ATOM   413 C CB  . ARG A 1 83 ? 7.156   1.839   -9.176  1.00 20.54 ? 114 ARG A CB  1 
ATOM   414 C CG  . ARG A 1 83 ? 8.213   1.678   -10.276 1.00 22.06 ? 114 ARG A CG  1 
ATOM   415 C CD  . ARG A 1 83 ? 7.742   0.770   -11.397 1.00 29.25 ? 114 ARG A CD  1 
ATOM   416 N NE  . ARG A 1 83 ? 8.805   0.435   -12.352 1.00 23.85 ? 114 ARG A NE  1 
ATOM   417 C CZ  . ARG A 1 83 ? 9.268   1.260   -13.292 1.00 26.98 ? 114 ARG A CZ  1 
ATOM   418 N NH1 . ARG A 1 83 ? 8.783   2.487   -13.427 1.00 29.35 ? 114 ARG A NH1 1 
ATOM   419 N NH2 . ARG A 1 83 ? 10.233  0.856   -14.111 1.00 26.57 ? 114 ARG A NH2 1 
ATOM   420 N N   . PHE A 1 84 ? 3.652   2.392   -8.665  1.00 16.61 ? 115 PHE A N   1 
ATOM   421 C CA  . PHE A 1 84 ? 2.593   2.422   -7.664  1.00 16.15 ? 115 PHE A CA  1 
ATOM   422 C C   . PHE A 1 84 ? 2.017   1.028   -7.475  1.00 15.33 ? 115 PHE A C   1 
ATOM   423 O O   . PHE A 1 84 ? 1.800   0.315   -8.445  1.00 15.88 ? 115 PHE A O   1 
ATOM   424 C CB  . PHE A 1 84 ? 1.441   3.346   -8.091  1.00 15.74 ? 115 PHE A CB  1 
ATOM   425 C CG  . PHE A 1 84 ? 0.280   3.312   -7.144  1.00 15.38 ? 115 PHE A CG  1 
ATOM   426 C CD1 . PHE A 1 84 ? 0.294   4.066   -5.990  1.00 14.88 ? 115 PHE A CD1 1 
ATOM   427 C CD2 . PHE A 1 84 ? -0.799  2.462   -7.369  1.00 15.63 ? 115 PHE A CD2 1 
ATOM   428 C CE1 . PHE A 1 84 ? -0.750  4.020   -5.086  1.00 14.51 ? 115 PHE A CE1 1 
ATOM   429 C CE2 . PHE A 1 84 ? -1.844  2.400   -6.465  1.00 15.03 ? 115 PHE A CE2 1 
ATOM   430 C CZ  . PHE A 1 84 ? -1.827  3.174   -5.320  1.00 14.45 ? 115 PHE A CZ  1 
ATOM   431 N N   . CYS A 1 85 ? 1.723   0.672   -6.228  1.00 14.77 ? 116 CYS A N   1 
ATOM   432 C CA  . CYS A 1 85 ? 0.952   -0.536  -5.954  1.00 14.43 ? 116 CYS A CA  1 
ATOM   433 C C   . CYS A 1 85 ? 0.196   -0.405  -4.654  1.00 13.73 ? 116 CYS A C   1 
ATOM   434 O O   . CYS A 1 85 ? 0.579   0.342   -3.767  1.00 13.96 ? 116 CYS A O   1 
ATOM   435 C CB  . CYS A 1 85 ? 1.858   -1.766  -5.905  1.00 14.94 ? 116 CYS A CB  1 
ATOM   436 S SG  . CYS A 1 85 ? 3.256   -1.657  -4.722  1.00 16.63 ? 116 CYS A SG  1 
ATOM   437 N N   . CYS A 1 86 ? -0.892  -1.163  -4.545  1.00 13.43 ? 117 CYS A N   1 
ATOM   438 C CA  . CYS A 1 86 ? -1.624  -1.272  -3.298  1.00 13.56 ? 117 CYS A CA  1 
ATOM   439 C C   . CYS A 1 86 ? -1.895  -2.738  -3.014  1.00 13.16 ? 117 CYS A C   1 
ATOM   440 O O   . CYS A 1 86 ? -1.912  -3.566  -3.928  1.00 13.46 ? 117 CYS A O   1 
ATOM   441 C CB  . CYS A 1 86 ? -2.909  -0.427  -3.291  1.00 13.90 ? 117 CYS A CB  1 
ATOM   442 S SG  . CYS A 1 86 ? -4.106  -0.778  -4.605  1.00 14.99 ? 117 CYS A SG  1 
ATOM   443 N N   . CYS A 1 87 ? -2.076  -3.041  -1.737  1.00 12.76 ? 118 CYS A N   1 
ATOM   444 C CA  . CYS A 1 87 ? -2.096  -4.424  -1.289  1.00 13.33 ? 118 CYS A CA  1 
ATOM   445 C C   . CYS A 1 87 ? -2.832  -4.503  0.033   1.00 12.93 ? 118 CYS A C   1 
ATOM   446 O O   . CYS A 1 87 ? -3.116  -3.495  0.664   1.00 14.19 ? 118 CYS A O   1 
ATOM   447 C CB  . CYS A 1 87 ? -0.663  -4.958  -1.215  1.00 13.58 ? 118 CYS A CB  1 
ATOM   448 S SG  . CYS A 1 87 ? 0.438   -3.922  -0.192  1.00 14.27 ? 118 CYS A SG  1 
ATOM   449 N N   . SER A 1 88 ? -3.146  -5.722  0.458   1.00 12.78 ? 119 SER A N   1 
ATOM   450 C CA  . SER A 1 88 ? -4.160  -5.918  1.480   1.00 13.91 ? 119 SER A CA  1 
ATOM   451 C C   . SER A 1 88 ? -3.695  -6.353  2.858   1.00 14.98 ? 119 SER A C   1 
ATOM   452 O O   . SER A 1 88 ? -4.479  -6.290  3.796   1.00 17.82 ? 119 SER A O   1 
ATOM   453 C CB  . SER A 1 88 ? -5.166  -6.954  0.981   1.00 14.21 ? 119 SER A CB  1 
ATOM   454 O OG  . SER A 1 88 ? -5.698  -6.560  -0.262  1.00 14.71 ? 119 SER A OG  1 
ATOM   455 N N   . THR A 1 89 ? -2.471  -6.845  2.996   1.00 14.33 ? 120 THR A N   1 
ATOM   456 C CA  . THR A 1 89 ? -2.039  -7.443  4.256   1.00 14.60 ? 120 THR A CA  1 
ATOM   457 C C   . THR A 1 89 ? -1.037  -6.548  4.990   1.00 14.67 ? 120 THR A C   1 
ATOM   458 O O   . THR A 1 89 ? -0.430  -5.655  4.405   1.00 13.95 ? 120 THR A O   1 
ATOM   459 C CB  . THR A 1 89 ? -1.433  -8.839  4.031   1.00 15.06 ? 120 THR A CB  1 
ATOM   460 O OG1 . THR A 1 89 ? -0.271  -8.721  3.218   1.00 15.80 ? 120 THR A OG1 1 
ATOM   461 C CG2 . THR A 1 89 ? -2.425  -9.785  3.336   1.00 16.02 ? 120 THR A CG2 1 
ATOM   462 N N   . ASP A 1 90 ? -0.836  -6.817  6.272   1.00 14.84 ? 121 ASP A N   1 
ATOM   463 C CA  . ASP A 1 90 ? 0.018   -5.969  7.100   1.00 15.71 ? 121 ASP A CA  1 
ATOM   464 C C   . ASP A 1 90 ? 1.417   -5.827  6.516   1.00 15.25 ? 121 ASP A C   1 
ATOM   465 O O   . ASP A 1 90 ? 2.061   -6.815  6.184   1.00 14.74 ? 121 ASP A O   1 
ATOM   466 C CB  . ASP A 1 90 ? 0.154   -6.574  8.494   1.00 16.24 ? 121 ASP A CB  1 
ATOM   467 C CG  . ASP A 1 90 ? -1.117  -6.474  9.323   1.00 17.40 ? 121 ASP A CG  1 
ATOM   468 O OD1 . ASP A 1 90 ? -1.944  -5.574  9.087   1.00 19.11 ? 121 ASP A OD1 1 
ATOM   469 O OD2 . ASP A 1 90 ? -1.289  -7.317  10.234  1.00 20.30 ? 121 ASP A OD2 1 
ATOM   470 N N   . LEU A 1 91 ? 1.879   -4.583  6.411   1.00 13.94 ? 122 LEU A N   1 
ATOM   471 C CA  . LEU A 1 91 ? 3.215   -4.257  5.884   1.00 14.04 ? 122 LEU A CA  1 
ATOM   472 C C   . LEU A 1 91 ? 3.497   -4.806  4.492   1.00 14.30 ? 122 LEU A C   1 
ATOM   473 O O   . LEU A 1 91 ? 4.641   -4.953  4.085   1.00 14.93 ? 122 LEU A O   1 
ATOM   474 C CB  . LEU A 1 91 ? 4.326   -4.665  6.871   1.00 14.30 ? 122 LEU A CB  1 
ATOM   475 C CG  . LEU A 1 91 ? 4.203   -4.020  8.246   1.00 14.56 ? 122 LEU A CG  1 
ATOM   476 C CD1 . LEU A 1 91 ? 5.320   -4.541  9.150   1.00 15.82 ? 122 LEU A CD1 1 
ATOM   477 C CD2 . LEU A 1 91 ? 4.241   -2.497  8.149   1.00 17.09 ? 122 LEU A CD2 1 
ATOM   478 N N   . CYS A 1 92 ? 2.446   -5.047  3.717   1.00 13.74 ? 123 CYS A N   1 
ATOM   479 C CA  . CYS A 1 92 ? 2.618   -5.564  2.376   1.00 13.87 ? 123 CYS A CA  1 
ATOM   480 C C   . CYS A 1 92 ? 3.289   -4.542  1.436   1.00 13.40 ? 123 CYS A C   1 
ATOM   481 O O   . CYS A 1 92 ? 3.854   -4.905  0.405   1.00 13.68 ? 123 CYS A O   1 
ATOM   482 C CB  . CYS A 1 92 ? 1.265   -6.009  1.817   1.00 14.17 ? 123 CYS A CB  1 
ATOM   483 S SG  . CYS A 1 92 ? 0.040   -4.694  1.666   1.00 14.55 ? 123 CYS A SG  1 
ATOM   484 N N   . ASN A 1 93 ? 3.219   -3.266  1.814   1.00 13.32 ? 124 ASN A N   1 
ATOM   485 C CA  . ASN A 1 93 ? 3.725   -2.157  0.991   1.00 13.68 ? 124 ASN A CA  1 
ATOM   486 C C   . ASN A 1 93 ? 5.168   -1.749  1.282   1.00 13.90 ? 124 ASN A C   1 
ATOM   487 O O   . ASN A 1 93 ? 5.613   -0.700  0.860   1.00 14.75 ? 124 ASN A O   1 
ATOM   488 C CB  . ASN A 1 93 ? 2.799   -0.935  1.123   1.00 13.21 ? 124 ASN A CB  1 
ATOM   489 C CG  . ASN A 1 93 ? 2.733   -0.393  2.529   1.00 12.98 ? 124 ASN A CG  1 
ATOM   490 O OD1 . ASN A 1 93 ? 2.964   -1.131  3.488   1.00 13.37 ? 124 ASN A OD1 1 
ATOM   491 N ND2 . ASN A 1 93 ? 2.460   0.910   2.665   1.00 13.06 ? 124 ASN A ND2 1 
ATOM   492 N N   . VAL A 1 94 ? 5.911   -2.593  1.991   1.00 14.06 ? 125 VAL A N   1 
ATOM   493 C CA  . VAL A 1 94 ? 7.319   -2.301  2.293   1.00 15.26 ? 125 VAL A CA  1 
ATOM   494 C C   . VAL A 1 94 ? 8.170   -2.330  1.033   1.00 15.69 ? 125 VAL A C   1 
ATOM   495 O O   . VAL A 1 94 ? 9.071   -1.504  0.884   1.00 16.96 ? 125 VAL A O   1 
ATOM   496 C CB  . VAL A 1 94 ? 7.879   -3.288  3.331   1.00 15.09 ? 125 VAL A CB  1 
ATOM   497 C CG1 . VAL A 1 94 ? 9.415   -3.181  3.436   1.00 17.07 ? 125 VAL A CG1 1 
ATOM   498 C CG2 . VAL A 1 94 ? 7.235   -3.015  4.659   1.00 15.87 ? 125 VAL A CG2 1 
ATOM   499 N N   . ASN A 1 95 ? 7.891   -3.267  0.134   1.00 16.99 ? 126 ASN A N   1 
ATOM   500 C CA  . ASN A 1 95 ? 8.616   -3.410  -1.131  1.00 18.34 ? 126 ASN A CA  1 
ATOM   501 C C   . ASN A 1 95 ? 7.633   -3.730  -2.236  1.00 18.59 ? 126 ASN A C   1 
ATOM   502 O O   . ASN A 1 95 ? 6.469   -4.012  -1.967  1.00 18.64 ? 126 ASN A O   1 
ATOM   503 C CB  . ASN A 1 95 ? 9.689   -4.505  -1.039  1.00 19.60 ? 126 ASN A CB  1 
ATOM   504 C CG  . ASN A 1 95 ? 9.205   -5.740  -0.325  1.00 23.21 ? 126 ASN A CG  1 
ATOM   505 O OD1 . ASN A 1 95 ? 8.167   -6.305  -0.664  1.00 27.28 ? 126 ASN A OD1 1 
ATOM   506 N ND2 . ASN A 1 95 ? 9.956   -6.166  0.684   1.00 26.34 ? 126 ASN A ND2 1 
ATOM   507 N N   . PHE A 1 96 ? 8.102   -3.690  -3.475  1.00 19.25 ? 127 PHE A N   1 
ATOM   508 C CA  . PHE A 1 96 ? 7.257   -4.003  -4.624  1.00 19.95 ? 127 PHE A CA  1 
ATOM   509 C C   . PHE A 1 96 ? 7.915   -5.012  -5.549  1.00 20.62 ? 127 PHE A C   1 
ATOM   510 O O   . PHE A 1 96 ? 9.140   -5.190  -5.525  1.00 20.68 ? 127 PHE A O   1 
ATOM   511 C CB  . PHE A 1 96 ? 6.898   -2.726  -5.400  1.00 20.40 ? 127 PHE A CB  1 
ATOM   512 C CG  . PHE A 1 96 ? 8.052   -2.114  -6.161  1.00 20.49 ? 127 PHE A CG  1 
ATOM   513 C CD1 . PHE A 1 96 ? 8.280   -2.435  -7.496  1.00 20.77 ? 127 PHE A CD1 1 
ATOM   514 C CD2 . PHE A 1 96 ? 8.880   -1.188  -5.551  1.00 20.82 ? 127 PHE A CD2 1 
ATOM   515 C CE1 . PHE A 1 96 ? 9.343   -1.872  -8.200  1.00 21.44 ? 127 PHE A CE1 1 
ATOM   516 C CE2 . PHE A 1 96 ? 9.945   -0.613  -6.252  1.00 20.95 ? 127 PHE A CE2 1 
ATOM   517 C CZ  . PHE A 1 96 ? 10.171  -0.957  -7.579  1.00 21.57 ? 127 PHE A CZ  1 
ATOM   518 N N   . THR A 1 97 ? 7.091   -5.674  -6.354  1.00 21.31 ? 128 THR A N   1 
ATOM   519 C CA  . THR A 1 97 ? 7.565   -6.487  -7.471  1.00 22.68 ? 128 THR A CA  1 
ATOM   520 C C   . THR A 1 97 ? 6.907   -5.967  -8.752  1.00 22.70 ? 128 THR A C   1 
ATOM   521 O O   . THR A 1 97 ? 5.900   -5.258  -8.684  1.00 22.16 ? 128 THR A O   1 
ATOM   522 C CB  . THR A 1 97 ? 7.246   -7.985  -7.255  1.00 23.38 ? 128 THR A CB  1 
ATOM   523 O OG1 . THR A 1 97 ? 7.837   -8.760  -8.302  1.00 26.98 ? 128 THR A OG1 1 
ATOM   524 C CG2 . THR A 1 97 ? 5.758   -8.227  -7.236  1.00 23.77 ? 128 THR A CG2 1 
ATOM   525 N N   . GLU A 1 98 ? 7.482   -6.300  -9.909  1.00 23.51 ? 129 GLU A N   1 
ATOM   526 C CA  . GLU A 1 98 ? 6.988   -5.814  -11.207 1.00 24.21 ? 129 GLU A CA  1 
ATOM   527 C C   . GLU A 1 98 ? 6.335   -6.925  -12.018 1.00 24.44 ? 129 GLU A C   1 
ATOM   528 O O   . GLU A 1 98 ? 5.372   -6.676  -12.748 1.00 25.02 ? 129 GLU A O   1 
ATOM   529 C CB  . GLU A 1 98 ? 8.128   -5.187  -12.015 1.00 24.61 ? 129 GLU A CB  1 
ATOM   530 C CG  . GLU A 1 98 ? 8.779   -4.011  -11.315 1.00 25.28 ? 129 GLU A CG  1 
ATOM   531 C CD  . GLU A 1 98 ? 9.815   -3.283  -12.160 1.00 25.66 ? 129 GLU A CD  1 
ATOM   532 O OE1 . GLU A 1 98 ? 10.272  -3.829  -13.188 1.00 28.08 ? 129 GLU A OE1 1 
ATOM   533 O OE2 . GLU A 1 98 ? 10.188  -2.156  -11.779 1.00 27.06 ? 129 GLU A OE2 1 
HETATM 534 O O   . HOH B 2 .  ? -8.047  -6.600  -4.036  1.00 14.48 ? 132 HOH A O   1 
HETATM 535 O O   . HOH B 2 .  ? -7.388  5.406   -1.881  1.00 19.54 ? 133 HOH A O   1 
HETATM 536 O O   . HOH B 2 .  ? -8.663  -4.108  -4.456  1.00 16.69 ? 134 HOH A O   1 
HETATM 537 O O   . HOH B 2 .  ? -1.069  -10.743 -3.823  1.00 18.26 ? 135 HOH A O   1 
HETATM 538 O O   . HOH B 2 .  ? 9.676   0.623   2.463   1.00 17.33 ? 136 HOH A O   1 
HETATM 539 O O   . HOH B 2 .  ? -11.284 -0.728  -4.792  1.00 26.10 ? 137 HOH A O   1 
HETATM 540 O O   . HOH B 2 .  ? 8.706   6.173   -14.765 1.00 39.70 ? 138 HOH A O   1 
HETATM 541 O O   . HOH B 2 .  ? -1.841  7.303   5.065   1.00 23.77 ? 139 HOH A O   1 
HETATM 542 O O   . HOH B 2 .  ? -1.200  5.035   13.222  1.00 29.46 ? 140 HOH A O   1 
HETATM 543 O O   . HOH B 2 .  ? -1.969  -2.220  -7.049  1.00 20.28 ? 141 HOH A O   1 
HETATM 544 O O   . HOH B 2 .  ? 11.012  -2.928  -3.435  1.00 30.75 ? 142 HOH A O   1 
HETATM 545 O O   . HOH B 2 .  ? 2.849   2.459   -11.406 1.00 24.14 ? 143 HOH A O   1 
HETATM 546 O O   . HOH B 2 .  ? 3.037   0.991   15.139  1.00 27.54 ? 144 HOH A O   1 
HETATM 547 O O   . HOH B 2 .  ? -7.354  -3.564  6.470   1.00 23.99 ? 145 HOH A O   1 
HETATM 548 O O   . HOH B 2 .  ? -7.488  4.296   7.224   1.00 27.25 ? 146 HOH A O   1 
HETATM 549 O O   . HOH B 2 .  ? -7.808  -5.540  -1.798  1.00 22.23 ? 147 HOH A O   1 
HETATM 550 O O   . HOH B 2 .  ? -13.688 4.204   -3.476  1.00 25.31 ? 148 HOH A O   1 
HETATM 551 O O   . HOH B 2 .  ? 5.535   -6.722  -2.084  1.00 25.42 ? 149 HOH A O   1 
HETATM 552 O O   . HOH B 2 .  ? 3.756   -8.647  -12.896 1.00 32.84 ? 150 HOH A O   1 
HETATM 553 O O   . HOH B 2 .  ? -0.583  -11.008 -6.494  1.00 23.89 ? 151 HOH A O   1 
HETATM 554 O O   . HOH B 2 .  ? 14.141  5.087   -1.042  1.00 30.57 ? 152 HOH A O   1 
HETATM 555 O O   . HOH B 2 .  ? -7.170  3.753   11.884  1.00 27.93 ? 153 HOH A O   1 
HETATM 556 O O   . HOH B 2 .  ? 10.270  -7.250  -9.697  1.00 39.05 ? 154 HOH A O   1 
HETATM 557 O O   . HOH B 2 .  ? 4.371   -3.672  -16.468 1.00 48.28 ? 155 HOH A O   1 
HETATM 558 O O   . HOH B 2 .  ? -0.915  -2.814  -9.512  1.00 28.47 ? 156 HOH A O   1 
HETATM 559 O O   . HOH B 2 .  ? -12.797 0.857   7.324   1.00 30.46 ? 157 HOH A O   1 
HETATM 560 O O   . HOH B 2 .  ? 10.227  -5.202  -15.487 1.00 40.84 ? 158 HOH A O   1 
HETATM 561 O O   . HOH B 2 .  ? 6.097   -2.823  -14.455 1.00 38.99 ? 159 HOH A O   1 
HETATM 562 O O   . HOH B 2 .  ? -1.762  11.513  0.704   1.00 28.31 ? 160 HOH A O   1 
HETATM 563 O O   . HOH B 2 .  ? 1.544   -9.216  5.125   1.00 25.98 ? 161 HOH A O   1 
HETATM 564 O O   . HOH B 2 .  ? -12.118 0.537   11.253  1.00 28.40 ? 162 HOH A O   1 
HETATM 565 O O   . HOH B 2 .  ? -13.207 5.163   -0.967  1.00 29.90 ? 163 HOH A O   1 
HETATM 566 O O   . HOH B 2 .  ? -3.368  -6.123  -11.401 1.00 52.16 ? 164 HOH A O   1 
HETATM 567 O O   . HOH B 2 .  ? -8.985  -0.859  -3.699  1.00 27.28 ? 165 HOH A O   1 
HETATM 568 O O   . HOH B 2 .  ? 4.875   -6.119  -15.553 1.00 30.43 ? 166 HOH A O   1 
HETATM 569 O O   . HOH B 2 .  ? -11.348 2.251   -7.386  1.00 31.02 ? 167 HOH A O   1 
HETATM 570 O O   . HOH B 2 .  ? 12.146  6.084   -8.284  1.00 29.17 ? 168 HOH A O   1 
HETATM 571 O O   . HOH B 2 .  ? 0.089   6.728   -7.025  1.00 79.11 ? 169 HOH A O   1 
HETATM 572 O O   . HOH B 2 .  ? 0.456   -0.903  -10.676 1.00 24.74 ? 170 HOH A O   1 
HETATM 573 O O   . HOH B 2 .  ? 2.831   0.729   -13.533 1.00 31.94 ? 171 HOH A O   1 
HETATM 574 O O   . HOH B 2 .  ? -6.443  7.155   3.389   1.00 59.18 ? 172 HOH A O   1 
HETATM 575 O O   . HOH B 2 .  ? 6.395   -5.595  1.045   1.00 35.05 ? 173 HOH A O   1 
HETATM 576 O O   . HOH B 2 .  ? -11.425 6.982   -0.676  1.00 38.13 ? 174 HOH A O   1 
HETATM 577 O O   . HOH B 2 .  ? 2.649   -7.076  -14.780 1.00 50.76 ? 175 HOH A O   1 
HETATM 578 O O   . HOH B 2 .  ? -6.529  -4.659  4.450   1.00 26.00 ? 176 HOH A O   1 
HETATM 579 O O   . HOH B 2 .  ? 0.422   14.528  0.210   1.00 58.02 ? 177 HOH A O   1 
HETATM 580 O O   . HOH B 2 .  ? -13.006 -2.312  2.189   1.00 45.83 ? 178 HOH A O   1 
HETATM 581 O O   . HOH B 2 .  ? -18.201 -1.645  -6.960  1.00 40.57 ? 179 HOH A O   1 
HETATM 582 O O   . HOH B 2 .  ? 12.555  0.376   -1.187  1.00 59.37 ? 180 HOH A O   1 
HETATM 583 O O   . HOH B 2 .  ? -7.673  -0.934  12.014  1.00 40.33 ? 181 HOH A O   1 
HETATM 584 O O   . HOH B 2 .  ? -7.147  -9.597  -2.437  0.50 18.11 ? 182 HOH A O   1 
HETATM 585 O O   . HOH B 2 .  ? 5.591   7.467   -14.746 1.00 50.23 ? 183 HOH A O   1 
HETATM 586 O O   . HOH B 2 .  ? 11.830  -1.969  -14.399 1.00 32.96 ? 184 HOH A O   1 
HETATM 587 O O   . HOH B 2 .  ? -2.426  -8.946  7.476   1.00 27.61 ? 185 HOH A O   1 
HETATM 588 O O   . HOH B 2 .  ? 7.327   8.280   14.045  1.00 45.51 ? 186 HOH A O   1 
HETATM 589 O O   . HOH B 2 .  ? -1.679  9.053   1.965   1.00 32.02 ? 187 HOH A O   1 
HETATM 590 O O   . HOH B 2 .  ? 0.136   -9.177  -11.407 1.00 46.40 ? 188 HOH A O   1 
HETATM 591 O O   . HOH B 2 .  ? 15.526  3.802   -5.370  1.00 43.97 ? 189 HOH A O   1 
HETATM 592 O O   . HOH B 2 .  ? -3.581  7.818   3.187   1.00 29.93 ? 190 HOH A O   1 
HETATM 593 O O   . HOH B 2 .  ? 1.330   8.229   10.990  1.00 46.09 ? 191 HOH A O   1 
HETATM 594 O O   . HOH B 2 .  ? 2.535   -0.147  -16.034 1.00 63.24 ? 192 HOH A O   1 
HETATM 595 O O   . HOH B 2 .  ? 11.391  8.355   16.585  1.00 59.12 ? 193 HOH A O   1 
HETATM 596 O O   . HOH B 2 .  ? -12.550 -8.979  -13.914 1.00 31.62 ? 194 HOH A O   1 
HETATM 597 O O   . HOH B 2 .  ? 8.556   8.183   16.421  1.00 57.74 ? 195 HOH A O   1 
HETATM 598 O O   . HOH B 2 .  ? -18.648 -2.880  -3.745  1.00 37.35 ? 196 HOH A O   1 
HETATM 599 O O   . HOH B 2 .  ? -4.322  7.837   6.462   1.00 37.44 ? 197 HOH A O   1 
HETATM 600 O O   . HOH B 2 .  ? -0.459  -4.626  -5.906  1.00 17.34 ? 198 HOH A O   1 
HETATM 601 O O   . HOH B 2 .  ? 11.446  8.791   13.884  1.00 30.38 ? 199 HOH A O   1 
HETATM 602 O O   . HOH B 2 .  ? 0.770   -11.573 -9.503  1.00 64.90 ? 200 HOH A O   1 
HETATM 603 O O   . HOH B 2 .  ? 14.254  3.278   -7.608  1.00 57.54 ? 201 HOH A O   1 
HETATM 604 O O   . HOH B 2 .  ? 7.458   10.012  6.801   1.00 23.68 ? 202 HOH A O   1 
HETATM 605 O O   . HOH B 2 .  ? 8.175   7.417   7.526   1.00 24.08 ? 203 HOH A O   1 
HETATM 606 O O   . HOH B 2 .  ? 1.748   9.247   3.171   1.00 27.23 ? 204 HOH A O   1 
# 
loop_
_atom_site_anisotrop.id 
_atom_site_anisotrop.type_symbol 
_atom_site_anisotrop.pdbx_label_atom_id 
_atom_site_anisotrop.pdbx_label_alt_id 
_atom_site_anisotrop.pdbx_label_comp_id 
_atom_site_anisotrop.pdbx_label_asym_id 
_atom_site_anisotrop.pdbx_label_seq_id 
_atom_site_anisotrop.pdbx_PDB_ins_code 
_atom_site_anisotrop.U[1][1] 
_atom_site_anisotrop.U[2][2] 
_atom_site_anisotrop.U[3][3] 
_atom_site_anisotrop.U[1][2] 
_atom_site_anisotrop.U[1][3] 
_atom_site_anisotrop.U[2][3] 
_atom_site_anisotrop.pdbx_auth_seq_id 
_atom_site_anisotrop.pdbx_auth_comp_id 
_atom_site_anisotrop.pdbx_auth_asym_id 
_atom_site_anisotrop.pdbx_auth_atom_id 
1   N N   . ALA A 1  ? 0.2507 0.2647 0.2868 -0.0159 -0.0048 -0.0020 32  ALA A N   
2   C CA  . ALA A 1  ? 0.2401 0.2461 0.2710 -0.0141 -0.0114 0.0007  32  ALA A CA  
3   C C   . ALA A 1  ? 0.2365 0.2357 0.2639 -0.0134 -0.0090 -0.0010 32  ALA A C   
4   O O   . ALA A 1  ? 0.2344 0.2379 0.2762 -0.0110 -0.0145 0.0005  32  ALA A O   
5   C CB  . ALA A 1  ? 0.2540 0.2620 0.2813 -0.0160 -0.0081 -0.0024 32  ALA A CB  
6   N N   . LEU A 2  ? 0.2296 0.2209 0.2472 -0.0110 -0.0114 0.0043  33  LEU A N   
7   C CA  . LEU A 2  ? 0.2185 0.2098 0.2354 -0.0055 -0.0158 0.0052  33  LEU A CA  
8   C C   . LEU A 2  ? 0.2001 0.1956 0.2306 -0.0057 -0.0216 0.0031  33  LEU A C   
9   O O   . LEU A 2  ? 0.2135 0.1912 0.2372 -0.0088 -0.0140 0.0029  33  LEU A O   
10  C CB  . LEU A 2  ? 0.2295 0.2176 0.2400 0.0010  -0.0101 0.0094  33  LEU A CB  
11  C CG  . LEU A 2  ? 0.2305 0.2367 0.2409 0.0019  -0.0200 0.0099  33  LEU A CG  
12  C CD1 . LEU A 2  ? 0.2473 0.2366 0.2402 0.0141  -0.0251 0.0157  33  LEU A CD1 
13  C CD2 . LEU A 2  ? 0.2402 0.2353 0.2577 0.0145  -0.0195 0.0143  33  LEU A CD2 
14  N N   . CYS A 3  ? 0.1784 0.1827 0.2172 -0.0027 -0.0315 0.0076  34  CYS A N   
15  C CA  . CYS A 3  ? 0.1717 0.1672 0.2099 -0.0012 -0.0373 0.0081  34  CYS A CA  
16  C C   . CYS A 3  ? 0.1674 0.1595 0.2016 0.0065  -0.0434 0.0170  34  CYS A C   
17  O O   . CYS A 3  ? 0.1590 0.1735 0.2065 0.0043  -0.0475 0.0130  34  CYS A O   
18  C CB  . CYS A 3  ? 0.1620 0.1690 0.2152 -0.0026 -0.0414 0.0080  34  CYS A CB  
19  S SG  . CYS A 3  ? 0.1624 0.1962 0.2399 -0.0163 -0.0457 -0.0029 34  CYS A SG  
20  N N   . ALA A 4  ? 0.1555 0.1530 0.1989 0.0029  -0.0497 0.0197  35  ALA A N   
21  C CA  . ALA A 4  ? 0.1654 0.1520 0.2032 0.0027  -0.0494 0.0229  35  ALA A CA  
22  C C   . ALA A 4  ? 0.1643 0.1516 0.2008 0.0094  -0.0523 0.0281  35  ALA A C   
23  O O   . ALA A 4  ? 0.1585 0.1549 0.2173 0.0040  -0.0630 0.0282  35  ALA A O   
24  C CB  . ALA A 4  ? 0.1675 0.1523 0.2153 0.0054  -0.0448 0.0297  35  ALA A CB  
25  N N   . PHE A 5  ? 0.1680 0.1608 0.2201 -0.0011 -0.0521 0.0192  36  PHE A N   
26  C CA  . PHE A 5  ? 0.1838 0.1748 0.2272 -0.0039 -0.0449 0.0158  36  PHE A CA  
27  C C   . PHE A 5  ? 0.1864 0.1771 0.2289 -0.0146 -0.0508 0.0107  36  PHE A C   
28  O O   . PHE A 5  ? 0.1826 0.1705 0.2494 -0.0134 -0.0636 0.0153  36  PHE A O   
29  C CB  . PHE A 5  ? 0.2040 0.2088 0.2356 -0.0051 -0.0380 0.0130  36  PHE A CB  
30  C CG  . PHE A 5  ? 0.2181 0.2006 0.2422 -0.0007 -0.0289 0.0040  36  PHE A CG  
31  C CD1 . PHE A 5  ? 0.2297 0.1987 0.2471 0.0042  -0.0283 0.0052  36  PHE A CD1 
32  C CD2 . PHE A 5  ? 0.2478 0.2234 0.2662 -0.0061 -0.0229 0.0015  36  PHE A CD2 
33  C CE1 . PHE A 5  ? 0.2583 0.2197 0.2736 0.0149  -0.0253 0.0077  36  PHE A CE1 
34  C CE2 . PHE A 5  ? 0.2585 0.2155 0.2762 -0.0078 -0.0225 -0.0131 36  PHE A CE2 
35  C CZ  . PHE A 5  ? 0.2772 0.2360 0.2832 0.0056  -0.0149 0.0034  36  PHE A CZ  
36  N N   . LYS A 6  ? 0.2048 0.1865 0.2456 -0.0224 -0.0468 0.0115  37  LYS A N   
37  C CA  . LYS A 6  ? 0.2280 0.2156 0.2610 -0.0185 -0.0346 0.0108  37  LYS A CA  
38  C C   . LYS A 6  ? 0.2445 0.2163 0.2726 -0.0191 -0.0348 0.0129  37  LYS A C   
39  O O   . LYS A 6  ? 0.2400 0.1942 0.2765 -0.0281 -0.0451 0.0206  37  LYS A O   
40  C CB  . LYS A 6  ? 0.2366 0.2214 0.2629 -0.0188 -0.0337 0.0112  37  LYS A CB  
41  C CG  . LYS A 6  ? 0.2390 0.2354 0.2720 -0.0215 -0.0274 0.0100  37  LYS A CG  
42  C CD  . LYS A 6  ? 0.2740 0.2719 0.2908 -0.0075 -0.0155 0.0049  37  LYS A CD  
43  C CE  . LYS A 6  ? 0.2900 0.2996 0.3203 -0.0134 -0.0075 0.0072  37  LYS A CE  
44  N NZ  . LYS A 6  ? 0.3300 0.3242 0.3470 -0.0085 -0.0174 0.0105  37  LYS A NZ  
45  N N   . ASP A 7  ? 0.2724 0.2416 0.2960 -0.0147 -0.0274 0.0084  38  ASP A N   
46  C CA  . ASP A 7  ? 0.2931 0.2668 0.3100 -0.0051 -0.0198 0.0082  38  ASP A CA  
47  C C   . ASP A 7  ? 0.3053 0.2794 0.3223 -0.0062 -0.0161 0.0050  38  ASP A C   
48  O O   . ASP A 7  ? 0.3126 0.2734 0.3355 -0.0110 -0.0214 0.0043  38  ASP A O   
49  C CB  . ASP A 7  ? 0.2987 0.2692 0.3129 -0.0052 -0.0167 0.0094  38  ASP A CB  
50  C CG  . ASP A 7  ? 0.2956 0.2815 0.3169 0.0021  -0.0181 0.0101  38  ASP A CG  
51  O OD1 . ASP A 7  ? 0.3034 0.2969 0.3507 0.0074  -0.0188 0.0219  38  ASP A OD1 
52  O OD2 . ASP A 7  ? 0.3191 0.3071 0.3408 0.0074  -0.0099 0.0087  38  ASP A OD2 
53  N N   . PRO A 8  ? 0.3231 0.3084 0.3397 -0.0042 -0.0092 0.0032  39  PRO A N   
54  C CA  . PRO A 8  ? 0.3314 0.3178 0.3466 -0.0064 -0.0079 0.0049  39  PRO A CA  
55  C C   . PRO A 8  ? 0.3418 0.3279 0.3602 -0.0050 -0.0074 0.0036  39  PRO A C   
56  O O   . PRO A 8  ? 0.3503 0.3266 0.3744 -0.0102 -0.0106 0.0066  39  PRO A O   
57  C CB  . PRO A 8  ? 0.3385 0.3284 0.3513 -0.0039 -0.0050 0.0026  39  PRO A CB  
58  C CG  . PRO A 8  ? 0.3386 0.3268 0.3464 -0.0030 -0.0026 0.0041  39  PRO A CG  
59  C CD  . PRO A 8  ? 0.3310 0.3140 0.3418 -0.0047 -0.0067 0.0047  39  PRO A CD  
60  N N   . TYR A 9  ? 0.3487 0.3368 0.3657 -0.0046 -0.0048 0.0037  40  TYR A N   
61  C CA  . TYR A 9  ? 0.3532 0.3424 0.3641 -0.0015 -0.0043 0.0018  40  TYR A CA  
62  C C   . TYR A 9  ? 0.3631 0.3577 0.3714 -0.0043 -0.0015 0.0017  40  TYR A C   
63  O O   . TYR A 9  ? 0.3730 0.3744 0.3911 -0.0051 -0.0007 0.0028  40  TYR A O   
64  C CB  . TYR A 9  ? 0.3613 0.3537 0.3937 0.0005  -0.0111 0.0058  40  TYR A CB  
65  C CG  . TYR A 9  ? 0.3568 0.3520 0.3686 0.0048  -0.0050 0.0048  40  TYR A CG  
66  C CD1 . TYR A 9  ? 0.3602 0.3613 0.3963 0.0064  -0.0102 0.0109  40  TYR A CD1 
67  C CD2 . TYR A 9  ? 0.3586 0.3572 0.3785 0.0034  -0.0084 0.0063  40  TYR A CD2 
68  C CE1 . TYR A 9  ? 0.3476 0.3439 0.3512 -0.0102 0.0028  0.0054  40  TYR A CE1 
69  C CE2 . TYR A 9  ? 0.3591 0.3562 0.3529 -0.0025 -0.0022 -0.0036 40  TYR A CE2 
70  C CZ  . TYR A 9  ? 0.3604 0.3668 0.3795 0.0090  -0.0037 0.0050  40  TYR A CZ  
71  O OH  . TYR A 9  ? 0.3698 0.3672 0.3421 -0.0006 -0.0043 0.0004  40  TYR A OH  
72  N N   . ASN A 24 ? 0.2846 0.2775 0.2893 -0.0071 -0.0145 -0.0043 55  ASN A N   
73  C CA  . ASN A 24 ? 0.2741 0.2711 0.2815 -0.0072 -0.0146 -0.0006 55  ASN A CA  
74  C C   . ASN A 24 ? 0.2574 0.2586 0.2758 -0.0074 -0.0195 0.0013  55  ASN A C   
75  O O   . ASN A 24 ? 0.2653 0.2604 0.2890 -0.0133 -0.0217 0.0027  55  ASN A O   
76  C CB  . ASN A 24 ? 0.2845 0.2787 0.2879 -0.0085 -0.0115 -0.0019 55  ASN A CB  
77  C CG  . ASN A 24 ? 0.2854 0.2820 0.2926 -0.0076 -0.0114 0.0019  55  ASN A CG  
78  O OD1 . ASN A 24 ? 0.2941 0.3024 0.2889 -0.0195 -0.0257 -0.0018 55  ASN A OD1 
79  N ND2 . ASN A 24 ? 0.2947 0.2896 0.2942 -0.0027 -0.0091 -0.0002 55  ASN A ND2 
80  N N   . GLY A 25 ? 0.2357 0.2350 0.2611 -0.0111 -0.0219 0.0028  56  GLY A N   
81  C CA  . GLY A 25 ? 0.2196 0.2223 0.2561 -0.0077 -0.0266 0.0049  56  GLY A CA  
82  C C   . GLY A 25 ? 0.1928 0.1963 0.2370 0.0022  -0.0368 0.0106  56  GLY A C   
83  O O   . GLY A 25 ? 0.1797 0.1875 0.2457 0.0094  -0.0562 0.0258  56  GLY A O   
84  N N   . THR A 26 ? 0.1977 0.1919 0.2341 0.0001  -0.0440 0.0058  57  THR A N   
85  C CA  . THR A 26 ? 0.1992 0.1992 0.2364 0.0012  -0.0360 0.0033  57  THR A CA  
86  C C   . THR A 26 ? 0.2042 0.2002 0.2406 0.0011  -0.0354 -0.0038 57  THR A C   
87  O O   . THR A 26 ? 0.1954 0.2111 0.2417 0.0008  -0.0457 -0.0137 57  THR A O   
88  C CB  . THR A 26 ? 0.2049 0.2009 0.2403 0.0051  -0.0348 0.0062  57  THR A CB  
89  O OG1 . THR A 26 ? 0.2238 0.2314 0.2519 0.0058  -0.0378 0.0088  57  THR A OG1 
90  C CG2 . THR A 26 ? 0.1960 0.1988 0.2359 0.0162  -0.0445 0.0200  57  THR A CG2 
91  N N   . ILE A 27 ? 0.1942 0.1996 0.2343 0.0062  -0.0355 0.0031  58  ILE A N   
92  C CA  . ILE A 27 ? 0.2101 0.2096 0.2413 0.0082  -0.0270 0.0013  58  ILE A CA  
93  C C   . ILE A 27 ? 0.2006 0.2134 0.2328 0.0100  -0.0332 0.0057  58  ILE A C   
94  O O   . ILE A 27 ? 0.1890 0.2017 0.2442 0.0065  -0.0359 0.0020  58  ILE A O   
95  C CB  . ILE A 27 ? 0.2085 0.2072 0.2457 0.0037  -0.0294 0.0012  58  ILE A CB  
96  C CG1 . ILE A 27 ? 0.2234 0.2161 0.2472 0.0100  -0.0192 -0.0028 58  ILE A CG1 
97  C CG2 . ILE A 27 ? 0.2076 0.2130 0.2311 0.0093  -0.0393 0.0113  58  ILE A CG2 
98  C CD1 . ILE A 27 ? 0.2363 0.2289 0.2576 0.0119  -0.0161 0.0068  58  ILE A CD1 
99  N N   . LEU A 28 ? 0.2179 0.2252 0.2396 0.0089  -0.0258 0.0040  59  LEU A N   
100 C CA  . LEU A 28 ? 0.2253 0.2388 0.2471 0.0072  -0.0187 0.0057  59  LEU A CA  
101 C C   . LEU A 28 ? 0.2228 0.2317 0.2471 0.0105  -0.0197 0.0072  59  LEU A C   
102 O O   . LEU A 28 ? 0.2409 0.2484 0.2603 0.0152  -0.0163 0.0000  59  LEU A O   
103 C CB  . LEU A 28 ? 0.2383 0.2505 0.2508 0.0052  -0.0142 0.0050  59  LEU A CB  
104 C CG  . LEU A 28 ? 0.2451 0.2562 0.2571 0.0018  -0.0126 0.0074  59  LEU A CG  
105 C CD1 . LEU A 28 ? 0.2698 0.2729 0.2839 -0.0004 -0.0059 0.0038  59  LEU A CD1 
106 C CD2 . LEU A 28 ? 0.2621 0.2750 0.2673 -0.0006 -0.0050 0.0033  59  LEU A CD2 
107 N N   . CYS A 29 ? 0.2184 0.2294 0.2461 0.0130  -0.0224 0.0092  60  CYS A N   
108 C CA  . CYS A 29 ? 0.2238 0.2380 0.2519 0.0074  -0.0210 0.0115  60  CYS A CA  
109 C C   . CYS A 29 ? 0.2319 0.2431 0.2542 0.0029  -0.0174 0.0111  60  CYS A C   
110 O O   . CYS A 29 ? 0.2427 0.2585 0.2630 -0.0024 -0.0138 0.0179  60  CYS A O   
111 C CB  . CYS A 29 ? 0.2089 0.2276 0.2459 0.0085  -0.0278 0.0150  60  CYS A CB  
112 S SG  . CYS A 29 ? 0.1890 0.2157 0.2711 0.0141  -0.0611 0.0267  60  CYS A SG  
113 N N   . SER A 30 ? 0.2403 0.2489 0.2584 0.0018  -0.0128 0.0095  61  SER A N   
114 C CA  . SER A 30 ? 0.2533 0.2637 0.2704 0.0000  -0.0065 0.0065  61  SER A CA  
115 C C   . SER A 30 ? 0.2599 0.2667 0.2728 -0.0052 -0.0045 0.0045  61  SER A C   
116 O O   . SER A 30 ? 0.2508 0.2603 0.2735 -0.0145 -0.0019 0.0007  61  SER A O   
117 C CB  . SER A 30 ? 0.2561 0.2670 0.2779 0.0013  -0.0062 0.0076  61  SER A CB  
118 O OG  . SER A 30 ? 0.2833 0.3042 0.2996 0.0075  -0.0043 0.0093  61  SER A OG  
119 N N   . LYS A 31 ? 0.2714 0.2733 0.2805 -0.0085 0.0003  0.0035  62  LYS A N   
120 C CA  . LYS A 31 ? 0.2777 0.2771 0.2870 -0.0058 -0.0008 0.0016  62  LYS A CA  
121 C C   . LYS A 31 ? 0.2650 0.2663 0.2836 -0.0091 0.0036  0.0009  62  LYS A C   
122 O O   . LYS A 31 ? 0.2693 0.2668 0.2987 -0.0051 0.0011  -0.0034 62  LYS A O   
123 C CB  . LYS A 31 ? 0.2989 0.2895 0.2991 -0.0082 0.0008  0.0028  62  LYS A CB  
124 C CG  . LYS A 31 ? 0.3197 0.3152 0.3166 -0.0027 0.0053  0.0005  62  LYS A CG  
125 C CD  . LYS A 31 ? 0.3129 0.3185 0.3145 -0.0049 0.0077  0.0004  62  LYS A CD  
126 C CE  . LYS A 31 ? 0.3330 0.3424 0.3404 0.0001  0.0042  0.0016  62  LYS A CE  
127 N NZ  . LYS A 31 ? 0.3502 0.3668 0.3468 -0.0028 0.0174  0.0002  62  LYS A NZ  
128 N N   . GLY A 32 ? 0.2395 0.2529 0.2686 -0.0108 0.0052  0.0002  63  GLY A N   
129 C CA  . GLY A 32 ? 0.2303 0.2434 0.2647 -0.0109 0.0032  0.0004  63  GLY A CA  
130 C C   . GLY A 32 ? 0.2165 0.2318 0.2577 -0.0093 -0.0010 -0.0009 63  GLY A C   
131 O O   . GLY A 32 ? 0.2048 0.2429 0.2667 -0.0146 -0.0085 -0.0041 63  GLY A O   
132 N N   . SER A 33 ? 0.2058 0.2174 0.2470 -0.0073 -0.0040 -0.0033 64  SER A N   
133 C CA  . SER A 33 ? 0.2027 0.2043 0.2406 -0.0039 -0.0036 -0.0001 64  SER A CA  
134 C C   . SER A 33 ? 0.1773 0.1798 0.2247 -0.0035 -0.0120 0.0047  64  SER A C   
135 O O   . SER A 33 ? 0.1865 0.1769 0.2343 -0.0051 -0.0044 0.0031  64  SER A O   
136 C CB  . SER A 33 ? 0.2156 0.2107 0.2485 -0.0072 0.0006  -0.0016 64  SER A CB  
137 O OG  . SER A 33 ? 0.2641 0.2503 0.3067 0.0073  0.0022  -0.0006 64  SER A OG  
138 N N   . THR A 34 ? 0.1710 0.1673 0.2234 0.0006  -0.0198 0.0094  65  THR A N   
139 C CA  . THR A 34 ? 0.1681 0.1525 0.2127 -0.0148 -0.0148 0.0073  65  THR A CA  
140 C C   . THR A 34 ? 0.1620 0.1445 0.2055 -0.0129 -0.0235 0.0078  65  THR A C   
141 O O   . THR A 34 ? 0.1604 0.1400 0.2158 -0.0026 -0.0341 0.0182  65  THR A O   
142 C CB  . THR A 34 ? 0.1684 0.1539 0.2158 -0.0137 -0.0176 0.0021  65  THR A CB  
143 O OG1 . THR A 34 ? 0.2023 0.1766 0.2170 -0.0272 -0.0245 0.0203  65  THR A OG1 
144 C CG2 . THR A 34 ? 0.1747 0.1514 0.2246 -0.0233 -0.0282 0.0093  65  THR A CG2 
145 N N   . CYS A 35 ? 0.1607 0.1359 0.2106 -0.0199 -0.0154 0.0034  66  CYS A N   
146 C CA  . CYS A 35 ? 0.1557 0.1407 0.2018 -0.0170 -0.0259 0.0077  66  CYS A CA  
147 C C   . CYS A 35 ? 0.1485 0.1373 0.2016 -0.0171 -0.0299 0.0053  66  CYS A C   
148 O O   . CYS A 35 ? 0.1670 0.1418 0.2103 -0.0261 -0.0226 0.0069  66  CYS A O   
149 C CB  . CYS A 35 ? 0.1608 0.1516 0.2123 -0.0156 -0.0274 0.0081  66  CYS A CB  
150 S SG  . CYS A 35 ? 0.1763 0.1664 0.2310 -0.0271 -0.0477 0.0209  66  CYS A SG  
151 N N   . TYR A 36 ? 0.1460 0.1305 0.2065 -0.0180 -0.0367 0.0141  67  TYR A N   
152 C CA  . TYR A 36 ? 0.1529 0.1368 0.1982 -0.0106 -0.0388 0.0151  67  TYR A CA  
153 C C   . TYR A 36 ? 0.1599 0.1230 0.2000 -0.0095 -0.0374 0.0245  67  TYR A C   
154 O O   . TYR A 36 ? 0.1513 0.1328 0.2064 -0.0052 -0.0430 0.0308  67  TYR A O   
155 C CB  . TYR A 36 ? 0.1567 0.1460 0.2015 -0.0104 -0.0406 0.0253  67  TYR A CB  
156 C CG  . TYR A 36 ? 0.1633 0.1445 0.2039 -0.0130 -0.0548 0.0339  67  TYR A CG  
157 C CD1 . TYR A 36 ? 0.1747 0.1608 0.2276 0.0000  -0.0403 0.0304  67  TYR A CD1 
158 C CD2 . TYR A 36 ? 0.1813 0.1488 0.2220 -0.0150 -0.0462 0.0283  67  TYR A CD2 
159 C CE1 . TYR A 36 ? 0.1779 0.1568 0.2140 -0.0165 -0.0481 0.0286  67  TYR A CE1 
160 C CE2 . TYR A 36 ? 0.2001 0.1614 0.2172 0.0019  -0.0411 0.0224  67  TYR A CE2 
161 C CZ  . TYR A 36 ? 0.1925 0.1482 0.2249 -0.0093 -0.0444 0.0236  67  TYR A CZ  
162 O OH  . TYR A 36 ? 0.2365 0.1686 0.2763 -0.0191 -0.0444 0.0081  67  TYR A OH  
163 N N   . GLY A 37 ? 0.1473 0.1332 0.2009 -0.0094 -0.0386 0.0219  68  GLY A N   
164 C CA  . GLY A 37 ? 0.1601 0.1550 0.2071 -0.0158 -0.0300 0.0206  68  GLY A CA  
165 C C   . GLY A 37 ? 0.1584 0.1631 0.2114 -0.0215 -0.0288 0.0187  68  GLY A C   
166 O O   . GLY A 37 ? 0.1741 0.1569 0.2127 -0.0210 -0.0301 0.0322  68  GLY A O   
167 N N   . LEU A 38 ? 0.1649 0.1712 0.2215 -0.0218 -0.0270 0.0237  69  LEU A N   
168 C CA  . LEU A 38 ? 0.1779 0.1833 0.2254 -0.0203 -0.0208 0.0195  69  LEU A CA  
169 C C   . LEU A 38 ? 0.1827 0.1816 0.2306 -0.0199 -0.0238 0.0229  69  LEU A C   
170 O O   . LEU A 38 ? 0.1778 0.1820 0.2427 -0.0302 -0.0283 0.0302  69  LEU A O   
171 C CB  . LEU A 38 ? 0.1806 0.1860 0.2262 -0.0181 -0.0228 0.0210  69  LEU A CB  
172 C CG  . LEU A 38 ? 0.1885 0.1902 0.2398 -0.0155 -0.0189 0.0303  69  LEU A CG  
173 C CD1 . LEU A 38 ? 0.2284 0.2088 0.2438 -0.0011 -0.0204 0.0343  69  LEU A CD1 
174 C CD2 . LEU A 38 ? 0.1964 0.2010 0.2447 -0.0049 -0.0203 0.0226  69  LEU A CD2 
175 N N   . TRP A 39 ? 0.1858 0.1967 0.2340 -0.0272 -0.0210 0.0189  70  TRP A N   
176 C CA  . TRP A 39 ? 0.1992 0.2168 0.2450 -0.0215 -0.0088 0.0191  70  TRP A CA  
177 C C   . TRP A 39 ? 0.2249 0.2326 0.2606 -0.0243 -0.0052 0.0187  70  TRP A C   
178 O O   . TRP A 39 ? 0.2436 0.2745 0.2895 -0.0288 -0.0070 0.0198  70  TRP A O   
179 C CB  . TRP A 39 ? 0.2295 0.2424 0.2718 -0.0035 -0.0281 -0.0046 70  TRP A CB  
180 C CG  . TRP A 39 ? 0.2816 0.2684 0.2810 0.0378  -0.0353 -0.0213 70  TRP A CG  
181 C CD1 . TRP A 39 ? 0.1382 0.2113 0.2422 -0.0550 -0.0085 0.0296  70  TRP A CD1 
182 C CD2 . TRP A 39 ? 0.2321 0.2312 0.2641 0.0041  -0.0282 0.0069  70  TRP A CD2 
183 N NE1 . TRP A 39 ? 0.3075 0.2513 0.2647 0.0231  -0.0228 0.0156  70  TRP A NE1 
184 C CE2 . TRP A 39 ? 0.2509 0.2263 0.2537 -0.0058 -0.0106 0.0229  70  TRP A CE2 
185 C CE3 . TRP A 39 ? 0.1582 0.2163 0.2318 -0.0199 -0.0287 0.0193  70  TRP A CE3 
186 C CZ2 . TRP A 39 ? 0.1954 0.1974 0.2095 -0.0277 0.0046  0.0446  70  TRP A CZ2 
187 C CZ3 . TRP A 39 ? 0.1533 0.2033 0.2344 -0.0359 -0.0146 0.0203  70  TRP A CZ3 
188 C CH2 . TRP A 39 ? 0.1466 0.2109 0.2348 -0.0456 -0.0072 0.0197  70  TRP A CH2 
189 N N   . ASN A 47 ? 0.3149 0.3229 0.3305 -0.0169 0.0027  0.0034  78  ASN A N   
190 C CA  . ASN A 47 ? 0.3119 0.3234 0.3274 -0.0149 0.0008  0.0042  78  ASN A CA  
191 C C   . ASN A 47 ? 0.2997 0.3138 0.3158 -0.0193 -0.0024 0.0053  78  ASN A C   
192 O O   . ASN A 47 ? 0.2894 0.3121 0.3176 -0.0221 -0.0059 0.0130  78  ASN A O   
193 C CB  . ASN A 47 ? 0.3212 0.3277 0.3339 -0.0144 0.0005  0.0024  78  ASN A CB  
194 C CG  . ASN A 47 ? 0.3398 0.3502 0.3566 -0.0108 0.0033  0.0041  78  ASN A CG  
195 O OD1 . ASN A 47 ? 0.3721 0.3850 0.3977 0.0012  -0.0039 0.0058  78  ASN A OD1 
196 N ND2 . ASN A 47 ? 0.3446 0.3456 0.3544 -0.0154 0.0024  0.0093  78  ASN A ND2 
197 N N   . LEU A 48 ? 0.2859 0.3002 0.3085 -0.0187 -0.0054 0.0073  79  LEU A N   
198 C CA  . LEU A 48 ? 0.2856 0.2909 0.3039 -0.0197 -0.0057 0.0060  79  LEU A CA  
199 C C   . LEU A 48 ? 0.2796 0.2822 0.3048 -0.0250 -0.0090 0.0034  79  LEU A C   
200 O O   . LEU A 48 ? 0.2855 0.2848 0.3202 -0.0337 -0.0105 0.0058  79  LEU A O   
201 C CB  . LEU A 48 ? 0.2817 0.2862 0.2981 -0.0190 -0.0079 0.0059  79  LEU A CB  
202 C CG  . LEU A 48 ? 0.2786 0.2854 0.2974 -0.0160 -0.0096 0.0077  79  LEU A CG  
203 C CD1 . LEU A 48 ? 0.2481 0.2737 0.2900 -0.0126 -0.0139 0.0081  79  LEU A CD1 
204 C CD2 . LEU A 48 ? 0.2875 0.2976 0.2972 -0.0163 -0.0069 0.0080  79  LEU A CD2 
205 N N   . VAL A 49 ? 0.2731 0.2702 0.2995 -0.0255 -0.0083 0.0077  80  VAL A N   
206 C CA  . VAL A 49 ? 0.2672 0.2632 0.2879 -0.0240 -0.0101 0.0054  80  VAL A CA  
207 C C   . VAL A 49 ? 0.2557 0.2475 0.2847 -0.0275 -0.0135 0.0051  80  VAL A C   
208 O O   . VAL A 49 ? 0.2616 0.2601 0.2979 -0.0362 -0.0093 0.0022  80  VAL A O   
209 C CB  . VAL A 49 ? 0.2738 0.2660 0.2917 -0.0187 -0.0087 0.0062  80  VAL A CB  
210 C CG1 . VAL A 49 ? 0.2878 0.2748 0.3132 -0.0177 -0.0024 0.0078  80  VAL A CG1 
211 C CG2 . VAL A 49 ? 0.2798 0.2782 0.2965 -0.0110 -0.0074 0.0090  80  VAL A CG2 
212 N N   . LYS A 50 ? 0.2421 0.2248 0.2673 -0.0260 -0.0226 0.0133  81  LYS A N   
213 C CA  . LYS A 50 ? 0.2302 0.2109 0.2524 -0.0190 -0.0285 0.0113  81  LYS A CA  
214 C C   . LYS A 50 ? 0.1994 0.1919 0.2340 -0.0206 -0.0345 0.0118  81  LYS A C   
215 O O   . LYS A 50 ? 0.1924 0.1891 0.2375 -0.0230 -0.0366 0.0230  81  LYS A O   
216 C CB  . LYS A 50 ? 0.2360 0.2151 0.2556 -0.0187 -0.0255 0.0152  81  LYS A CB  
217 C CG  . LYS A 50 ? 0.2525 0.2329 0.2631 -0.0135 -0.0229 0.0166  81  LYS A CG  
218 C CD  . LYS A 50 ? 0.2593 0.2338 0.2697 -0.0011 -0.0233 0.0154  81  LYS A CD  
219 C CE  . LYS A 50 ? 0.2726 0.2396 0.2798 -0.0048 -0.0065 0.0155  81  LYS A CE  
220 N NZ  . LYS A 50 ? 0.2820 0.2735 0.2954 0.0051  -0.0126 0.0189  81  LYS A NZ  
221 N N   . GLN A 51 ? 0.1864 0.1774 0.2341 -0.0235 -0.0393 0.0117  82  GLN A N   
222 C CA  . GLN A 51 ? 0.1779 0.1656 0.2204 -0.0144 -0.0446 0.0134  82  GLN A CA  
223 C C   . GLN A 51 ? 0.1744 0.1447 0.2080 -0.0102 -0.0512 0.0220  82  GLN A C   
224 O O   . GLN A 51 ? 0.1804 0.1485 0.2265 -0.0054 -0.0610 0.0244  82  GLN A O   
225 C CB  . GLN A 51 ? 0.1848 0.1783 0.2238 -0.0145 -0.0427 0.0138  82  GLN A CB  
226 C CG  . GLN A 51 ? 0.1841 0.1807 0.2309 -0.0044 -0.0518 0.0152  82  GLN A CG  
227 C CD  . GLN A 51 ? 0.1833 0.1735 0.2291 -0.0079 -0.0511 0.0152  82  GLN A CD  
228 O OE1 . GLN A 51 ? 0.1966 0.1697 0.2583 0.0074  -0.0810 0.0201  82  GLN A OE1 
229 N NE2 . GLN A 51 ? 0.1865 0.1790 0.2620 -0.0116 -0.0536 0.0245  82  GLN A NE2 
230 N N   . GLY A 52 ? 0.1668 0.1427 0.2066 -0.0119 -0.0532 0.0197  83  GLY A N   
231 C CA  . GLY A 52 ? 0.1765 0.1512 0.2113 -0.0124 -0.0455 0.0081  83  GLY A CA  
232 C C   . GLY A 52 ? 0.1740 0.1534 0.2076 -0.0096 -0.0411 0.0102  83  GLY A C   
233 O O   . GLY A 52 ? 0.1653 0.1412 0.2217 -0.0064 -0.0539 0.0139  83  GLY A O   
234 N N   . CYS A 53 ? 0.1739 0.1462 0.2173 -0.0068 -0.0359 0.0053  84  CYS A N   
235 C CA  . CYS A 53 ? 0.1793 0.1581 0.2141 -0.0041 -0.0394 0.0137  84  CYS A CA  
236 C C   . CYS A 53 ? 0.1753 0.1503 0.2128 0.0027  -0.0388 0.0179  84  CYS A C   
237 O O   . CYS A 53 ? 0.2094 0.1538 0.2332 0.0026  -0.0492 0.0186  84  CYS A O   
238 C CB  . CYS A 53 ? 0.1791 0.1736 0.2183 -0.0015 -0.0419 0.0130  84  CYS A CB  
239 S SG  . CYS A 53 ? 0.1933 0.1989 0.2614 0.0089  -0.0615 0.0049  84  CYS A SG  
240 N N   . TRP A 54 ? 0.1711 0.1518 0.2072 0.0058  -0.0426 0.0194  85  TRP A N   
241 C CA  . TRP A 54 ? 0.1804 0.1704 0.2118 0.0017  -0.0332 0.0164  85  TRP A CA  
242 C C   . TRP A 54 ? 0.1930 0.1921 0.2289 0.0091  -0.0284 0.0145  85  TRP A C   
243 O O   . TRP A 54 ? 0.1903 0.2072 0.2532 0.0107  -0.0237 0.0209  85  TRP A O   
244 C CB  . TRP A 54 ? 0.1646 0.1703 0.2130 -0.0018 -0.0385 0.0137  85  TRP A CB  
245 C CG  . TRP A 54 ? 0.1659 0.1639 0.2122 0.0054  -0.0438 0.0138  85  TRP A CG  
246 C CD1 . TRP A 54 ? 0.1713 0.1493 0.2083 0.0028  -0.0370 0.0205  85  TRP A CD1 
247 C CD2 . TRP A 54 ? 0.1559 0.1679 0.2197 0.0064  -0.0436 0.0165  85  TRP A CD2 
248 N NE1 . TRP A 54 ? 0.1670 0.1768 0.2133 0.0015  -0.0547 0.0215  85  TRP A NE1 
249 C CE2 . TRP A 54 ? 0.1739 0.1597 0.2032 0.0042  -0.0418 0.0334  85  TRP A CE2 
250 C CE3 . TRP A 54 ? 0.1654 0.1499 0.2099 -0.0084 -0.0385 0.0277  85  TRP A CE3 
251 C CZ2 . TRP A 54 ? 0.1739 0.1635 0.2002 0.0069  -0.0402 0.0409  85  TRP A CZ2 
252 C CZ3 . TRP A 54 ? 0.1805 0.1526 0.2161 -0.0106 -0.0256 0.0276  85  TRP A CZ3 
253 C CH2 . TRP A 54 ? 0.1728 0.1629 0.2234 0.0009  -0.0317 0.0330  85  TRP A CH2 
254 N N   . SER A 55 ? 0.2089 0.2210 0.2459 0.0164  -0.0243 0.0155  86  SER A N   
255 C CA  . SER A 55 ? 0.2234 0.2360 0.2515 0.0097  -0.0199 0.0112  86  SER A CA  
256 C C   . SER A 55 ? 0.2218 0.2385 0.2549 0.0111  -0.0176 0.0112  86  SER A C   
257 O O   . SER A 55 ? 0.2298 0.2673 0.2724 0.0050  -0.0140 0.0123  86  SER A O   
258 C CB  . SER A 55 ? 0.2351 0.2530 0.2625 0.0106  -0.0166 0.0051  86  SER A CB  
259 O OG  . SER A 55 ? 0.3034 0.3073 0.3209 -0.0016 -0.0203 -0.0050 86  SER A OG  
260 N N   . HIS A 56 ? 0.2105 0.2229 0.2471 0.0126  -0.0238 0.0198  87  HIS A N   
261 C CA  . HIS A 56 ? 0.2212 0.2120 0.2507 0.0035  -0.0208 0.0175  87  HIS A CA  
262 C C   . HIS A 56 ? 0.2400 0.2248 0.2630 0.0028  -0.0137 0.0175  87  HIS A C   
263 O O   . HIS A 56 ? 0.2518 0.2281 0.2775 0.0061  -0.0144 0.0277  87  HIS A O   
264 C CB  . HIS A 56 ? 0.2108 0.1830 0.2397 0.0029  -0.0279 0.0257  87  HIS A CB  
265 C CG  . HIS A 56 ? 0.1806 0.1534 0.2395 -0.0010 -0.0378 0.0201  87  HIS A CG  
266 N ND1 . HIS A 56 ? 0.1923 0.1624 0.2379 -0.0014 -0.0417 0.0322  87  HIS A ND1 
267 C CD2 . HIS A 56 ? 0.1951 0.1923 0.2390 0.0061  -0.0316 0.0180  87  HIS A CD2 
268 C CE1 . HIS A 56 ? 0.2011 0.1724 0.2340 -0.0102 -0.0318 0.0287  87  HIS A CE1 
269 N NE2 . HIS A 56 ? 0.1822 0.1832 0.2438 0.0061  -0.0477 0.0367  87  HIS A NE2 
270 N N   . ILE A 57 ? 0.2461 0.2358 0.2754 -0.0001 -0.0095 0.0122  88  ILE A N   
271 C CA  . ILE A 57 ? 0.2631 0.2559 0.2841 -0.0050 -0.0060 0.0077  88  ILE A CA  
272 C C   . ILE A 57 ? 0.2629 0.2599 0.2897 -0.0077 -0.0074 0.0059  88  ILE A C   
273 O O   . ILE A 57 ? 0.2722 0.2704 0.3024 -0.0140 -0.0189 0.0043  88  ILE A O   
274 C CB  . ILE A 57 ? 0.2762 0.2731 0.2962 -0.0069 -0.0025 0.0058  88  ILE A CB  
275 C CG1 . ILE A 57 ? 0.2780 0.2845 0.3017 -0.0055 0.0014  0.0035  88  ILE A CG1 
276 C CG2 . ILE A 57 ? 0.2977 0.2897 0.2972 -0.0053 -0.0012 0.0020  88  ILE A CG2 
277 C CD1 . ILE A 57 ? 0.2941 0.2897 0.3027 0.0015  0.0013  0.0051  88  ILE A CD1 
278 N N   . GLY A 58 ? 0.2688 0.2611 0.2897 -0.0047 -0.0072 0.0008  89  GLY A N   
279 C CA  . GLY A 58 ? 0.2618 0.2606 0.2839 -0.0050 -0.0084 0.0024  89  GLY A CA  
280 C C   . GLY A 58 ? 0.2578 0.2568 0.2835 -0.0037 -0.0113 -0.0011 89  GLY A C   
281 O O   . GLY A 58 ? 0.2664 0.2712 0.2982 -0.0050 -0.0150 -0.0029 89  GLY A O   
282 N N   . ASP A 59 ? 0.2469 0.2448 0.2710 -0.0052 -0.0155 0.0013  90  ASP A N   
283 C CA  . ASP A 59 ? 0.2398 0.2358 0.2608 -0.0056 -0.0141 0.0052  90  ASP A CA  
284 C C   . ASP A 59 ? 0.2185 0.2153 0.2505 -0.0095 -0.0111 0.0027  90  ASP A C   
285 O O   . ASP A 59 ? 0.1960 0.1850 0.2355 -0.0166 -0.0153 0.0030  90  ASP A O   
286 C CB  . ASP A 59 ? 0.2476 0.2457 0.2619 -0.0002 -0.0152 0.0084  90  ASP A CB  
287 C CG  . ASP A 59 ? 0.2594 0.2594 0.2728 -0.0059 -0.0125 0.0043  90  ASP A CG  
288 O OD1 . ASP A 59 ? 0.2941 0.2709 0.2859 0.0048  -0.0268 0.0128  90  ASP A OD1 
289 O OD2 . ASP A 59 ? 0.2923 0.2833 0.2799 -0.0049 -0.0097 0.0135  90  ASP A OD2 
290 N N   . PRO A 60 ? 0.2014 0.2020 0.2430 -0.0172 -0.0118 -0.0029 91  PRO A N   
291 C CA  . PRO A 60 ? 0.2113 0.1969 0.2311 -0.0177 -0.0081 -0.0011 91  PRO A CA  
292 C C   . PRO A 60 ? 0.2077 0.1820 0.2219 -0.0204 -0.0083 -0.0033 91  PRO A C   
293 O O   . PRO A 60 ? 0.2023 0.1757 0.2250 -0.0196 -0.0129 -0.0016 91  PRO A O   
294 C CB  . PRO A 60 ? 0.2089 0.1936 0.2360 -0.0246 -0.0041 0.0000  91  PRO A CB  
295 C CG  . PRO A 60 ? 0.2186 0.2168 0.2487 -0.0161 -0.0064 -0.0037 91  PRO A CG  
296 C CD  . PRO A 60 ? 0.2084 0.2193 0.2515 -0.0222 -0.0059 -0.0038 91  PRO A CD  
297 N N   A GLN A 61 ? 0.2051 0.1873 0.2194 -0.0165 -0.0103 0.0002  92  GLN A N   
298 N N   B GLN A 61 ? 0.2079 0.1908 0.2219 -0.0163 -0.0102 0.0001  92  GLN A N   
299 C CA  A GLN A 61 ? 0.2122 0.1955 0.2180 -0.0131 -0.0071 0.0028  92  GLN A CA  
300 C CA  B GLN A 61 ? 0.2187 0.2041 0.2251 -0.0127 -0.0062 0.0027  92  GLN A CA  
301 C C   A GLN A 61 ? 0.2059 0.1926 0.2123 -0.0114 -0.0085 0.0088  92  GLN A C   
302 C C   B GLN A 61 ? 0.2084 0.1961 0.2149 -0.0107 -0.0087 0.0087  92  GLN A C   
303 O O   A GLN A 61 ? 0.2187 0.1938 0.2205 -0.0140 0.0033  0.0146  92  GLN A O   
304 O O   B GLN A 61 ? 0.2198 0.1980 0.2232 -0.0115 0.0002  0.0143  92  GLN A O   
305 C CB  A GLN A 61 ? 0.2180 0.2049 0.2203 -0.0084 -0.0077 0.0011  92  GLN A CB  
306 C CB  B GLN A 61 ? 0.2239 0.2122 0.2260 -0.0085 -0.0076 0.0009  92  GLN A CB  
307 C CG  A GLN A 61 ? 0.2320 0.2231 0.2362 -0.0069 -0.0051 -0.0012 92  GLN A CG  
308 C CG  B GLN A 61 ? 0.2463 0.2379 0.2514 -0.0083 -0.0064 -0.0019 92  GLN A CG  
309 C CD  A GLN A 61 ? 0.2270 0.2137 0.2366 -0.0007 0.0012  0.0007  92  GLN A CD  
310 C CD  B GLN A 61 ? 0.2520 0.2507 0.2482 -0.0090 -0.0068 -0.0048 92  GLN A CD  
311 O OE1 A GLN A 61 ? 0.2404 0.2220 0.2553 -0.0026 -0.0033 0.0118  92  GLN A OE1 
312 O OE1 B GLN A 61 ? 0.2941 0.3088 0.3020 0.0130  -0.0090 0.0039  92  GLN A OE1 
313 N NE2 A GLN A 61 ? 0.2239 0.2263 0.2318 -0.0054 0.0031  -0.0008 92  GLN A NE2 
314 N NE2 B GLN A 61 ? 0.2865 0.2832 0.3016 -0.0003 -0.0033 -0.0042 92  GLN A NE2 
315 N N   . GLU A 62 ? 0.1966 0.1861 0.2119 -0.0170 -0.0111 0.0138  93  GLU A N   
316 C CA  . GLU A 62 ? 0.1973 0.1880 0.2125 -0.0156 -0.0133 0.0110  93  GLU A CA  
317 C C   . GLU A 62 ? 0.1823 0.1777 0.2099 -0.0208 -0.0121 0.0149  93  GLU A C   
318 O O   . GLU A 62 ? 0.1849 0.1945 0.2232 -0.0245 -0.0047 0.0253  93  GLU A O   
319 C CB  . GLU A 62 ? 0.1906 0.1910 0.2115 -0.0146 -0.0168 0.0128  93  GLU A CB  
320 C CG  . GLU A 62 ? 0.2117 0.2019 0.2367 -0.0167 -0.0156 0.0092  93  GLU A CG  
321 C CD  . GLU A 62 ? 0.2273 0.2102 0.2546 -0.0065 -0.0228 0.0061  93  GLU A CD  
322 O OE1 . GLU A 62 ? 0.2566 0.2779 0.3266 -0.0063 -0.0172 0.0142  93  GLU A OE1 
323 O OE2 . GLU A 62 ? 0.2411 0.1851 0.2635 -0.0090 -0.0334 0.0328  93  GLU A OE2 
324 N N   . CYS A 63 ? 0.1752 0.1721 0.2039 -0.0206 -0.0185 0.0142  94  CYS A N   
325 C CA  . CYS A 63 ? 0.1714 0.1597 0.2092 -0.0188 -0.0174 0.0126  94  CYS A CA  
326 C C   . CYS A 63 ? 0.1722 0.1495 0.2063 -0.0211 -0.0178 0.0079  94  CYS A C   
327 O O   . CYS A 63 ? 0.1738 0.1446 0.2152 -0.0302 -0.0215 0.0105  94  CYS A O   
328 C CB  . CYS A 63 ? 0.1742 0.1458 0.2125 -0.0182 -0.0196 0.0130  94  CYS A CB  
329 S SG  . CYS A 63 ? 0.1815 0.1557 0.2571 -0.0147 -0.0421 0.0086  94  CYS A SG  
330 N N   . HIS A 64 ? 0.1660 0.1475 0.2063 -0.0244 -0.0167 0.0150  95  HIS A N   
331 C CA  . HIS A 64 ? 0.1740 0.1551 0.2038 -0.0212 -0.0086 0.0063  95  HIS A CA  
332 C C   . HIS A 64 ? 0.1663 0.1516 0.1998 -0.0161 -0.0119 0.0059  95  HIS A C   
333 O O   . HIS A 64 ? 0.1776 0.1490 0.2067 -0.0103 -0.0182 0.0152  95  HIS A O   
334 C CB  . HIS A 64 ? 0.1882 0.1708 0.2210 -0.0205 -0.0036 0.0030  95  HIS A CB  
335 C CG  . HIS A 64 ? 0.1984 0.1964 0.2311 -0.0338 -0.0022 0.0036  95  HIS A CG  
336 N ND1 . HIS A 64 ? 0.2348 0.2385 0.2491 -0.0277 -0.0046 0.0013  95  HIS A ND1 
337 C CD2 . HIS A 64 ? 0.1986 0.2096 0.2363 -0.0367 0.0051  -0.0022 95  HIS A CD2 
338 C CE1 . HIS A 64 ? 0.2163 0.2204 0.2359 -0.0290 0.0057  0.0146  95  HIS A CE1 
339 N NE2 . HIS A 64 ? 0.2180 0.2524 0.2431 -0.0398 0.0121  -0.0014 95  HIS A NE2 
340 N N   . TYR A 65 ? 0.1723 0.1466 0.1997 -0.0164 -0.0090 0.0040  96  TYR A N   
341 C CA  . TYR A 65 ? 0.1730 0.1531 0.2017 -0.0183 -0.0078 0.0015  96  TYR A CA  
342 C C   . TYR A 65 ? 0.1706 0.1511 0.2036 -0.0114 -0.0118 0.0050  96  TYR A C   
343 O O   . TYR A 65 ? 0.1713 0.1512 0.2203 -0.0159 -0.0229 -0.0004 96  TYR A O   
344 C CB  . TYR A 65 ? 0.1799 0.1539 0.1994 -0.0177 -0.0059 0.0000  96  TYR A CB  
345 C CG  . TYR A 65 ? 0.1729 0.1478 0.2045 -0.0237 -0.0089 0.0006  96  TYR A CG  
346 C CD1 . TYR A 65 ? 0.1914 0.1732 0.2000 -0.0202 0.0019  -0.0035 96  TYR A CD1 
347 C CD2 . TYR A 65 ? 0.1902 0.1622 0.2029 -0.0291 -0.0044 0.0083  96  TYR A CD2 
348 C CE1 . TYR A 65 ? 0.1877 0.1815 0.1958 -0.0162 -0.0047 0.0004  96  TYR A CE1 
349 C CE2 . TYR A 65 ? 0.1923 0.1776 0.2042 -0.0217 -0.0033 0.0044  96  TYR A CE2 
350 C CZ  . TYR A 65 ? 0.1905 0.1692 0.1943 -0.0248 0.0023  0.0014  96  TYR A CZ  
351 O OH  . TYR A 65 ? 0.2178 0.1957 0.2081 -0.0172 0.0034  0.0145  96  TYR A OH  
352 N N   . GLU A 66 ? 0.1747 0.1573 0.2182 -0.0071 -0.0184 0.0113  97  GLU A N   
353 C CA  . GLU A 66 ? 0.1914 0.1844 0.2313 -0.0059 -0.0113 0.0103  97  GLU A CA  
354 C C   . GLU A 66 ? 0.1946 0.1939 0.2469 -0.0064 -0.0078 0.0056  97  GLU A C   
355 O O   . GLU A 66 ? 0.2002 0.2189 0.2677 -0.0208 -0.0057 -0.0033 97  GLU A O   
356 C CB  . GLU A 66 ? 0.1951 0.1945 0.2405 -0.0001 -0.0127 0.0148  97  GLU A CB  
357 C CG  . GLU A 66 ? 0.2240 0.2137 0.2608 0.0044  -0.0004 0.0093  97  GLU A CG  
358 C CD  . GLU A 66 ? 0.2639 0.2437 0.2776 0.0122  -0.0056 0.0031  97  GLU A CD  
359 O OE1 . GLU A 66 ? 0.2544 0.2170 0.3014 -0.0034 -0.0034 -0.0082 97  GLU A OE1 
360 O OE2 . GLU A 66 ? 0.2959 0.2733 0.3021 0.0155  0.0014  -0.0233 97  GLU A OE2 
361 N N   . GLU A 67 ? 0.1977 0.1911 0.2523 -0.0079 -0.0016 0.0128  98  GLU A N   
362 C CA  . GLU A 67 ? 0.2224 0.2132 0.2568 -0.0031 -0.0023 0.0150  98  GLU A CA  
363 C C   . GLU A 67 ? 0.2087 0.1943 0.2492 -0.0064 -0.0065 0.0194  98  GLU A C   
364 O O   . GLU A 67 ? 0.2066 0.1748 0.2605 -0.0194 -0.0195 0.0284  98  GLU A O   
365 C CB  . GLU A 67 ? 0.2338 0.2249 0.2609 -0.0069 0.0021  0.0095  98  GLU A CB  
366 C CG  . GLU A 67 ? 0.2810 0.2645 0.2922 0.0047  0.0020  0.0068  98  GLU A CG  
367 C CD  . GLU A 67 ? 0.2902 0.2767 0.3000 0.0060  0.0005  -0.0026 98  GLU A CD  
368 O OE1 . GLU A 67 ? 0.3545 0.3555 0.3513 0.0086  -0.0069 -0.0005 98  GLU A OE1 
369 O OE2 . GLU A 67 ? 0.3513 0.3723 0.3863 0.0137  0.0081  -0.0050 98  GLU A OE2 
370 N N   . CYS A 68 ? 0.1913 0.1828 0.2468 -0.0006 -0.0108 0.0243  99  CYS A N   
371 C CA  . CYS A 68 ? 0.1942 0.1916 0.2326 -0.0010 -0.0113 0.0179  99  CYS A CA  
372 C C   . CYS A 68 ? 0.1940 0.1959 0.2343 -0.0076 -0.0047 0.0127  99  CYS A C   
373 O O   . CYS A 68 ? 0.2043 0.2315 0.2462 -0.0105 -0.0026 0.0141  99  CYS A O   
374 C CB  . CYS A 68 ? 0.1771 0.1806 0.2228 0.0065  -0.0163 0.0243  99  CYS A CB  
375 S SG  . CYS A 68 ? 0.1729 0.1759 0.2544 -0.0036 -0.0407 0.0364  99  CYS A SG  
376 N N   . VAL A 69 ? 0.2072 0.2066 0.2355 -0.0070 -0.0017 0.0161  100 VAL A N   
377 C CA  . VAL A 69 ? 0.2225 0.2248 0.2468 -0.0038 -0.0023 0.0078  100 VAL A CA  
378 C C   . VAL A 69 ? 0.2244 0.2309 0.2459 -0.0031 -0.0010 0.0079  100 VAL A C   
379 O O   . VAL A 69 ? 0.2218 0.2405 0.2511 -0.0051 -0.0039 0.0079  100 VAL A O   
380 C CB  . VAL A 69 ? 0.2296 0.2270 0.2391 -0.0059 -0.0031 0.0071  100 VAL A CB  
381 C CG1 . VAL A 69 ? 0.2626 0.2471 0.2537 -0.0086 0.0033  -0.0034 100 VAL A CG1 
382 C CG2 . VAL A 69 ? 0.2424 0.2284 0.2572 -0.0041 -0.0047 0.0088  100 VAL A CG2 
383 N N   . VAL A 70 ? 0.2394 0.2447 0.2596 -0.0062 0.0026  0.0105  101 VAL A N   
384 C CA  . VAL A 70 ? 0.2523 0.2565 0.2711 -0.0028 0.0005  0.0099  101 VAL A CA  
385 C C   . VAL A 70 ? 0.2653 0.2698 0.2760 -0.0012 0.0029  0.0065  101 VAL A C   
386 O O   . VAL A 70 ? 0.2693 0.2749 0.2875 -0.0047 0.0055  0.0049  101 VAL A O   
387 C CB  . VAL A 70 ? 0.2535 0.2551 0.2706 -0.0025 -0.0009 0.0119  101 VAL A CB  
388 C CG1 . VAL A 70 ? 0.2619 0.2608 0.2832 -0.0014 -0.0026 0.0191  101 VAL A CG1 
389 C CG2 . VAL A 70 ? 0.2445 0.2444 0.2737 -0.0083 -0.0095 0.0143  101 VAL A CG2 
390 N N   . THR A 71 ? 0.2809 0.2906 0.2915 -0.0017 0.0017  0.0032  102 THR A N   
391 C CA  . THR A 71 ? 0.2910 0.2978 0.2978 -0.0012 0.0006  0.0010  102 THR A CA  
392 C C   . THR A 71 ? 0.3033 0.3059 0.3126 -0.0012 0.0046  0.0053  102 THR A C   
393 O O   . THR A 71 ? 0.3233 0.3134 0.3210 0.0002  0.0061  0.0044  102 THR A O   
394 C CB  . THR A 71 ? 0.2982 0.3054 0.3071 -0.0028 0.0017  -0.0003 102 THR A CB  
395 O OG1 . THR A 71 ? 0.3107 0.3324 0.3217 0.0031  0.0023  -0.0062 102 THR A OG1 
396 C CG2 . THR A 71 ? 0.3088 0.3076 0.3140 -0.0002 -0.0024 -0.0003 102 THR A CG2 
397 N N   . TYR A 82 ? 0.2967 0.2772 0.2793 -0.0138 0.0019  0.0081  113 TYR A N   
398 C CA  . TYR A 82 ? 0.2878 0.2689 0.2803 -0.0149 0.0010  0.0085  113 TYR A CA  
399 C C   . TYR A 82 ? 0.2886 0.2670 0.2761 -0.0171 0.0005  0.0073  113 TYR A C   
400 O O   . TYR A 82 ? 0.3099 0.2867 0.2900 -0.0210 0.0067  0.0105  113 TYR A O   
401 C CB  . TYR A 82 ? 0.2956 0.3079 0.2922 -0.0106 0.0050  0.0171  113 TYR A CB  
402 C CG  . TYR A 82 ? 0.2948 0.2814 0.2895 -0.0064 -0.0010 0.0103  113 TYR A CG  
403 C CD1 . TYR A 82 ? 0.3026 0.3131 0.3057 -0.0127 0.0066  0.0050  113 TYR A CD1 
404 C CD2 . TYR A 82 ? 0.3039 0.3056 0.3211 -0.0007 0.0109  0.0272  113 TYR A CD2 
405 C CE1 . TYR A 82 ? 0.3017 0.2759 0.3092 -0.0080 0.0024  0.0060  113 TYR A CE1 
406 C CE2 . TYR A 82 ? 0.2943 0.2600 0.2795 -0.0055 0.0014  0.0041  113 TYR A CE2 
407 C CZ  . TYR A 82 ? 0.3013 0.2885 0.3017 -0.0115 0.0043  0.0099  113 TYR A CZ  
408 O OH  . TYR A 82 ? 0.3071 0.2538 0.2960 -0.0080 0.0066  -0.0047 113 TYR A OH  
409 N N   . ARG A 83 ? 0.2701 0.2516 0.2687 -0.0172 -0.0002 0.0098  114 ARG A N   
410 C CA  . ARG A 83 ? 0.2506 0.2397 0.2566 -0.0125 -0.0028 0.0107  114 ARG A CA  
411 C C   . ARG A 83 ? 0.2354 0.2223 0.2473 -0.0098 -0.0076 0.0128  114 ARG A C   
412 O O   . ARG A 83 ? 0.2261 0.2181 0.2494 -0.0116 -0.0129 0.0176  114 ARG A O   
413 C CB  . ARG A 83 ? 0.2609 0.2470 0.2723 -0.0131 -0.0025 0.0121  114 ARG A CB  
414 C CG  . ARG A 83 ? 0.2806 0.2759 0.2815 -0.0093 0.0081  0.0047  114 ARG A CG  
415 C CD  . ARG A 83 ? 0.3732 0.3562 0.3818 0.0141  -0.0520 -0.0320 114 ARG A CD  
416 N NE  . ARG A 83 ? 0.3040 0.3029 0.2990 0.0044  0.0306  -0.0069 114 ARG A NE  
417 C CZ  . ARG A 83 ? 0.3443 0.3394 0.3412 -0.0009 0.0037  -0.0002 114 ARG A CZ  
418 N NH1 . ARG A 83 ? 0.3576 0.3784 0.3791 0.0318  -0.0071 -0.0314 114 ARG A NH1 
419 N NH2 . ARG A 83 ? 0.3242 0.3692 0.3162 -0.0079 0.0393  -0.0095 114 ARG A NH2 
420 N N   . PHE A 84 ? 0.2096 0.1942 0.2270 -0.0043 -0.0172 0.0197  115 PHE A N   
421 C CA  . PHE A 84 ? 0.2052 0.1851 0.2230 -0.0091 -0.0191 0.0183  115 PHE A CA  
422 C C   . PHE A 84 ? 0.1957 0.1740 0.2128 -0.0097 -0.0194 0.0184  115 PHE A C   
423 O O   . PHE A 84 ? 0.2140 0.1674 0.2219 -0.0195 -0.0177 0.0276  115 PHE A O   
424 C CB  . PHE A 84 ? 0.2025 0.1805 0.2149 -0.0009 -0.0194 0.0207  115 PHE A CB  
425 C CG  . PHE A 84 ? 0.1931 0.1740 0.2173 0.0036  -0.0237 0.0272  115 PHE A CG  
426 C CD1 . PHE A 84 ? 0.1900 0.1673 0.2077 0.0121  -0.0271 0.0370  115 PHE A CD1 
427 C CD2 . PHE A 84 ? 0.1967 0.1811 0.2159 0.0025  -0.0338 0.0236  115 PHE A CD2 
428 C CE1 . PHE A 84 ? 0.1802 0.1636 0.2074 0.0105  -0.0320 0.0305  115 PHE A CE1 
429 C CE2 . PHE A 84 ? 0.1869 0.1741 0.2100 0.0114  -0.0381 0.0310  115 PHE A CE2 
430 C CZ  . PHE A 84 ? 0.1756 0.1599 0.2135 0.0143  -0.0261 0.0345  115 PHE A CZ  
431 N N   . CYS A 85 ? 0.1828 0.1629 0.2154 -0.0154 -0.0229 0.0231  116 CYS A N   
432 C CA  . CYS A 85 ? 0.1743 0.1580 0.2160 -0.0132 -0.0286 0.0194  116 CYS A CA  
433 C C   . CYS A 85 ? 0.1659 0.1414 0.2142 -0.0067 -0.0329 0.0251  116 CYS A C   
434 O O   . CYS A 85 ? 0.1646 0.1436 0.2223 -0.0094 -0.0355 0.0307  116 CYS A O   
435 C CB  . CYS A 85 ? 0.1743 0.1712 0.2220 -0.0094 -0.0253 0.0197  116 CYS A CB  
436 S SG  . CYS A 85 ? 0.1809 0.1793 0.2715 -0.0160 -0.0318 0.0487  116 CYS A SG  
437 N N   . CYS A 86 ? 0.1569 0.1390 0.2141 -0.0155 -0.0368 0.0198  117 CYS A N   
438 C CA  . CYS A 86 ? 0.1648 0.1419 0.2085 -0.0100 -0.0331 0.0161  117 CYS A CA  
439 C C   . CYS A 86 ? 0.1567 0.1439 0.1991 -0.0133 -0.0257 0.0157  117 CYS A C   
440 O O   . CYS A 86 ? 0.1664 0.1409 0.2040 -0.0119 -0.0306 0.0185  117 CYS A O   
441 C CB  . CYS A 86 ? 0.1716 0.1437 0.2127 -0.0099 -0.0338 0.0137  117 CYS A CB  
442 S SG  . CYS A 86 ? 0.1697 0.1505 0.2491 -0.0217 -0.0593 0.0318  117 CYS A SG  
443 N N   . CYS A 87 ? 0.1545 0.1352 0.1948 -0.0070 -0.0268 0.0166  118 CYS A N   
444 C CA  . CYS A 87 ? 0.1644 0.1408 0.2009 -0.0039 -0.0193 0.0143  118 CYS A CA  
445 C C   . CYS A 87 ? 0.1536 0.1385 0.1992 -0.0060 -0.0212 0.0135  118 CYS A C   
446 O O   . CYS A 87 ? 0.1710 0.1454 0.2224 -0.0116 -0.0169 0.0153  118 CYS A O   
447 C CB  . CYS A 87 ? 0.1708 0.1423 0.2027 -0.0028 -0.0172 0.0134  118 CYS A CB  
448 S SG  . CYS A 87 ? 0.1425 0.1606 0.2389 -0.0135 -0.0365 0.0390  118 CYS A SG  
449 N N   . SER A 88 ? 0.1585 0.1328 0.1940 -0.0077 -0.0149 0.0171  119 SER A N   
450 C CA  . SER A 88 ? 0.1670 0.1594 0.2020 -0.0065 -0.0093 0.0110  119 SER A CA  
451 C C   . SER A 88 ? 0.1848 0.1728 0.2115 -0.0008 -0.0039 0.0167  119 SER A C   
452 O O   . SER A 88 ? 0.2243 0.2239 0.2289 0.0250  0.0079  0.0336  119 SER A O   
453 C CB  . SER A 88 ? 0.1660 0.1642 0.2094 -0.0117 -0.0064 0.0124  119 SER A CB  
454 O OG  . SER A 88 ? 0.1600 0.1794 0.2195 -0.0183 -0.0206 0.0000  119 SER A OG  
455 N N   . THR A 89 ? 0.1761 0.1642 0.2039 -0.0139 -0.0117 0.0169  120 THR A N   
456 C CA  . THR A 89 ? 0.1824 0.1654 0.2068 -0.0127 -0.0149 0.0148  120 THR A CA  
457 C C   . THR A 89 ? 0.1804 0.1668 0.2104 -0.0158 -0.0173 0.0165  120 THR A C   
458 O O   . THR A 89 ? 0.1669 0.1488 0.2142 -0.0136 -0.0330 0.0234  120 THR A O   
459 C CB  . THR A 89 ? 0.1956 0.1675 0.2090 -0.0167 -0.0162 0.0126  120 THR A CB  
460 O OG1 . THR A 89 ? 0.2160 0.1588 0.2253 -0.0030 -0.0009 0.0128  120 THR A OG1 
461 C CG2 . THR A 89 ? 0.2190 0.1746 0.2148 -0.0283 -0.0232 0.0095  120 THR A CG2 
462 N N   . ASP A 90 ? 0.1864 0.1619 0.2156 -0.0165 -0.0250 0.0189  121 ASP A N   
463 C CA  . ASP A 90 ? 0.1944 0.1822 0.2202 -0.0129 -0.0207 0.0153  121 ASP A CA  
464 C C   . ASP A 90 ? 0.1896 0.1734 0.2161 -0.0081 -0.0246 0.0149  121 ASP A C   
465 O O   . ASP A 90 ? 0.1789 0.1608 0.2201 -0.0060 -0.0378 0.0247  121 ASP A O   
466 C CB  . ASP A 90 ? 0.2085 0.1904 0.2182 -0.0134 -0.0184 0.0141  121 ASP A CB  
467 C CG  . ASP A 90 ? 0.2180 0.2141 0.2286 -0.0288 -0.0109 0.0131  121 ASP A CG  
468 O OD1 . ASP A 90 ? 0.2421 0.2235 0.2605 -0.0245 0.0266  0.0030  121 ASP A OD1 
469 O OD2 . ASP A 90 ? 0.2553 0.2549 0.2609 -0.0184 -0.0054 0.0305  121 ASP A OD2 
470 N N   . LEU A 91 ? 0.1682 0.1567 0.2048 -0.0044 -0.0338 0.0258  122 LEU A N   
471 C CA  . LEU A 91 ? 0.1696 0.1574 0.2060 0.0031  -0.0281 0.0275  122 LEU A CA  
472 C C   . LEU A 91 ? 0.1700 0.1641 0.2092 0.0021  -0.0279 0.0254  122 LEU A C   
473 O O   . LEU A 91 ? 0.1694 0.1832 0.2146 0.0126  -0.0297 0.0287  122 LEU A O   
474 C CB  . LEU A 91 ? 0.1711 0.1626 0.2093 0.0031  -0.0281 0.0331  122 LEU A CB  
475 C CG  . LEU A 91 ? 0.1629 0.1718 0.2183 0.0020  -0.0370 0.0301  122 LEU A CG  
476 C CD1 . LEU A 91 ? 0.1881 0.1963 0.2165 0.0190  -0.0455 0.0333  122 LEU A CD1 
477 C CD2 . LEU A 91 ? 0.2260 0.1862 0.2369 -0.0163 -0.0324 0.0251  122 LEU A CD2 
478 N N   . CYS A 92 ? 0.1614 0.1539 0.2066 0.0098  -0.0322 0.0257  123 CYS A N   
479 C CA  . CYS A 92 ? 0.1680 0.1541 0.2049 0.0051  -0.0260 0.0279  123 CYS A CA  
480 C C   . CYS A 92 ? 0.1543 0.1547 0.1999 0.0046  -0.0276 0.0256  123 CYS A C   
481 O O   . CYS A 92 ? 0.1550 0.1550 0.2094 0.0098  -0.0324 0.0343  123 CYS A O   
482 C CB  . CYS A 92 ? 0.1736 0.1553 0.2094 0.0021  -0.0270 0.0257  123 CYS A CB  
483 S SG  . CYS A 92 ? 0.1621 0.1521 0.2384 -0.0180 -0.0449 0.0284  123 CYS A SG  
484 N N   . ASN A 93 ? 0.1558 0.1510 0.1988 0.0019  -0.0261 0.0233  124 ASN A N   
485 C CA  . ASN A 93 ? 0.1554 0.1548 0.2094 -0.0023 -0.0292 0.0228  124 ASN A CA  
486 C C   . ASN A 93 ? 0.1522 0.1643 0.2116 0.0043  -0.0309 0.0263  124 ASN A C   
487 O O   . ASN A 93 ? 0.1448 0.1706 0.2449 -0.0025 -0.0359 0.0297  124 ASN A O   
488 C CB  . ASN A 93 ? 0.1532 0.1464 0.2022 -0.0013 -0.0321 0.0257  124 ASN A CB  
489 C CG  . ASN A 93 ? 0.1443 0.1401 0.2088 -0.0008 -0.0351 0.0293  124 ASN A CG  
490 O OD1 . ASN A 93 ? 0.1593 0.1452 0.2035 -0.0024 -0.0452 0.0278  124 ASN A OD1 
491 N ND2 . ASN A 93 ? 0.1375 0.1449 0.2138 -0.0024 -0.0368 0.0221  124 ASN A ND2 
492 N N   . VAL A 94 ? 0.1573 0.1595 0.2174 0.0052  -0.0344 0.0260  125 VAL A N   
493 C CA  . VAL A 94 ? 0.1699 0.1876 0.2223 0.0065  -0.0330 0.0223  125 VAL A CA  
494 C C   . VAL A 94 ? 0.1737 0.1947 0.2278 0.0125  -0.0337 0.0267  125 VAL A C   
495 O O   . VAL A 94 ? 0.1776 0.2174 0.2493 -0.0019 -0.0373 0.0277  125 VAL A O   
496 C CB  . VAL A 94 ? 0.1676 0.1813 0.2241 0.0080  -0.0385 0.0251  125 VAL A CB  
497 C CG1 . VAL A 94 ? 0.1850 0.2225 0.2410 0.0100  -0.0276 0.0222  125 VAL A CG1 
498 C CG2 . VAL A 94 ? 0.1799 0.2001 0.2229 0.0128  -0.0377 0.0274  125 VAL A CG2 
499 N N   . ASN A 95 ? 0.1888 0.2202 0.2366 0.0096  -0.0217 0.0181  126 ASN A N   
500 C CA  . ASN A 95 ? 0.2111 0.2397 0.2459 0.0063  -0.0152 0.0119  126 ASN A CA  
501 C C   . ASN A 95 ? 0.2106 0.2474 0.2484 0.0039  -0.0122 0.0098  126 ASN A C   
502 O O   . ASN A 95 ? 0.1977 0.2565 0.2537 -0.0025 -0.0066 0.0110  126 ASN A O   
503 C CB  . ASN A 95 ? 0.2291 0.2582 0.2571 0.0127  -0.0093 0.0085  126 ASN A CB  
504 C CG  . ASN A 95 ? 0.2891 0.2919 0.3008 0.0039  -0.0090 0.0084  126 ASN A CG  
505 O OD1 . ASN A 95 ? 0.3338 0.3444 0.3580 -0.0126 -0.0150 0.0008  126 ASN A OD1 
506 N ND2 . ASN A 95 ? 0.3236 0.3439 0.3332 0.0202  -0.0246 0.0168  126 ASN A ND2 
507 N N   . PHE A 96 ? 0.2187 0.2596 0.2530 -0.0014 -0.0087 0.0089  127 PHE A N   
508 C CA  . PHE A 96 ? 0.2341 0.2628 0.2608 0.0000  -0.0089 0.0075  127 PHE A CA  
509 C C   . PHE A 96 ? 0.2444 0.2693 0.2696 0.0018  -0.0059 0.0053  127 PHE A C   
510 O O   . PHE A 96 ? 0.2321 0.2756 0.2777 0.0112  -0.0055 0.0110  127 PHE A O   
511 C CB  . PHE A 96 ? 0.2448 0.2637 0.2667 0.0015  -0.0087 0.0032  127 PHE A CB  
512 C CG  . PHE A 96 ? 0.2467 0.2673 0.2646 0.0014  -0.0049 0.0051  127 PHE A CG  
513 C CD1 . PHE A 96 ? 0.2553 0.2620 0.2716 -0.0034 -0.0015 0.0000  127 PHE A CD1 
514 C CD2 . PHE A 96 ? 0.2555 0.2654 0.2700 -0.0009 -0.0011 0.0026  127 PHE A CD2 
515 C CE1 . PHE A 96 ? 0.2677 0.2740 0.2726 -0.0032 0.0013  0.0027  127 PHE A CE1 
516 C CE2 . PHE A 96 ? 0.2579 0.2668 0.2714 -0.0095 -0.0037 0.0011  127 PHE A CE2 
517 C CZ  . PHE A 96 ? 0.2696 0.2713 0.2787 -0.0054 0.0022  0.0046  127 PHE A CZ  
518 N N   . THR A 97 ? 0.2585 0.2752 0.2760 0.0014  -0.0036 0.0068  128 THR A N   
519 C CA  . THR A 97 ? 0.2821 0.2881 0.2915 0.0013  -0.0005 0.0009  128 THR A CA  
520 C C   . THR A 97 ? 0.2837 0.2867 0.2921 0.0024  -0.0008 0.0018  128 THR A C   
521 O O   . THR A 97 ? 0.2754 0.2824 0.2839 0.0097  0.0043  0.0015  128 THR A O   
522 C CB  . THR A 97 ? 0.2948 0.2938 0.2993 -0.0002 -0.0006 0.0023  128 THR A CB  
523 O OG1 . THR A 97 ? 0.3460 0.3385 0.3406 0.0070  0.0070  -0.0081 128 THR A OG1 
524 C CG2 . THR A 97 ? 0.2977 0.2973 0.3081 0.0014  0.0012  -0.0027 128 THR A CG2 
525 N N   . GLU A 98 ? 0.2953 0.2982 0.2997 0.0037  0.0025  0.0022  129 GLU A N   
526 C CA  . GLU A 98 ? 0.3067 0.3086 0.3045 0.0007  0.0025  0.0002  129 GLU A CA  
527 C C   . GLU A 98 ? 0.3094 0.3133 0.3055 -0.0009 0.0020  -0.0006 129 GLU A C   
528 O O   . GLU A 98 ? 0.3191 0.3180 0.3135 -0.0016 0.0010  -0.0013 129 GLU A O   
529 C CB  . GLU A 98 ? 0.3115 0.3148 0.3085 0.0014  0.0043  0.0011  129 GLU A CB  
530 C CG  . GLU A 98 ? 0.3220 0.3212 0.3173 -0.0024 0.0047  -0.0012 129 GLU A CG  
531 C CD  . GLU A 98 ? 0.3251 0.3285 0.3212 -0.0055 0.0073  -0.0030 129 GLU A CD  
532 O OE1 . GLU A 98 ? 0.3590 0.3649 0.3427 0.0021  0.0139  -0.0128 129 GLU A OE1 
533 O OE2 . GLU A 98 ? 0.3483 0.3365 0.3430 -0.0091 0.0149  0.0000  129 GLU A OE2 
534 O O   . HOH B .  ? 0.1587 0.2008 0.1903 -0.0233 -0.0248 -0.0099 132 HOH A O   
535 O O   . HOH B .  ? 0.2301 0.1959 0.3163 0.0328  -0.0512 0.0434  133 HOH A O   
536 O O   . HOH B .  ? 0.1949 0.2172 0.2221 -0.0195 -0.0088 0.0220  134 HOH A O   
537 O O   . HOH B .  ? 0.2266 0.2119 0.2554 0.0173  0.0081  0.0091  135 HOH A O   
538 O O   . HOH B .  ? 0.1965 0.2231 0.2388 0.0152  -0.0562 0.0591  136 HOH A O   
539 O O   . HOH B .  ? 0.3219 0.3234 0.3461 -0.0320 -0.0083 -0.0022 137 HOH A O   
540 O O   . HOH B .  ? 0.5025 0.5059 0.4999 -0.0100 0.0086  0.0095  138 HOH A O   
541 O O   . HOH B .  ? 0.3391 0.2312 0.3326 -0.0151 -0.0201 -0.0218 139 HOH A O   
542 O O   . HOH B .  ? 0.3718 0.3653 0.3819 -0.0175 -0.0091 -0.0209 140 HOH A O   
543 O O   . HOH B .  ? 0.2534 0.2487 0.2683 -0.0302 -0.0228 0.0050  141 HOH A O   
544 O O   . HOH B .  ? 0.3528 0.4053 0.4099 -0.0142 -0.0091 0.0006  142 HOH A O   
545 O O   . HOH B .  ? 0.3150 0.3011 0.3008 0.0043  -0.0057 0.0129  143 HOH A O   
546 O O   . HOH B .  ? 0.3463 0.3520 0.3479 0.0038  -0.0070 0.0129  144 HOH A O   
547 O O   . HOH B .  ? 0.2852 0.3053 0.3209 0.0066  -0.0111 0.0076  145 HOH A O   
548 O O   . HOH B .  ? 0.3342 0.3356 0.3655 0.0274  -0.0185 0.0359  146 HOH A O   
549 O O   . HOH B .  ? 0.2928 0.2484 0.3032 -0.0186 -0.0017 0.0077  147 HOH A O   
550 O O   . HOH B .  ? 0.3256 0.2648 0.3711 0.0001  -0.0204 0.0300  148 HOH A O   
551 O O   . HOH B .  ? 0.2892 0.2961 0.3805 0.0129  -0.0353 0.0143  149 HOH A O   
552 O O   . HOH B .  ? 0.4251 0.4181 0.4045 -0.0049 0.0069  -0.0069 150 HOH A O   
553 O O   . HOH B .  ? 0.3002 0.2845 0.3226 -0.0112 0.0243  -0.0031 151 HOH A O   
554 O O   . HOH B .  ? 0.3680 0.4003 0.3931 -0.0107 -0.0048 0.0030  152 HOH A O   
555 O O   . HOH B .  ? 0.3335 0.3712 0.3563 0.0180  0.0263  -0.0001 153 HOH A O   
556 O O   . HOH B .  ? 0.4907 0.5015 0.4916 0.0051  0.0064  0.0018  154 HOH A O   
557 O O   . HOH B .  ? 0.6133 0.6141 0.6071 0.0034  0.0057  0.0020  155 HOH A O   
558 O O   . HOH B .  ? 0.3510 0.3666 0.3638 -0.0025 0.0039  -0.0068 156 HOH A O   
559 O O   . HOH B .  ? 0.3855 0.3918 0.3799 0.0117  -0.0056 -0.0054 157 HOH A O   
560 O O   . HOH B .  ? 0.5163 0.5138 0.5216 0.0012  -0.0029 -0.0046 158 HOH A O   
561 O O   . HOH B .  ? 0.5048 0.4867 0.4897 0.0149  0.0067  0.0088  159 HOH A O   
562 O O   . HOH B .  ? 0.3722 0.3506 0.3528 0.0107  -0.0165 0.0280  160 HOH A O   
563 O O   . HOH B .  ? 0.3143 0.3076 0.3650 0.0058  -0.0472 -0.0140 161 HOH A O   
564 O O   . HOH B .  ? 0.3744 0.3617 0.3426 -0.0151 0.0103  -0.0140 162 HOH A O   
565 O O   . HOH B .  ? 0.3704 0.3723 0.3931 0.0141  -0.0049 0.0138  163 HOH A O   
566 O O   . HOH B .  ? 0.6604 0.6599 0.6613 0.0011  0.0001  0.0018  164 HOH A O   
567 O O   . HOH B .  ? 0.3345 0.3430 0.3589 0.0011  -0.0198 0.0153  165 HOH A O   
568 O O   . HOH B .  ? 0.3783 0.3885 0.3893 -0.0018 0.0061  -0.0114 166 HOH A O   
569 O O   . HOH B .  ? 0.3864 0.3812 0.4110 -0.0046 -0.0169 0.0100  167 HOH A O   
570 O O   . HOH B .  ? 0.3470 0.3872 0.3739 -0.0153 0.0190  0.0096  168 HOH A O   
571 O O   . HOH B .  ? 1.0023 1.0011 1.0025 0.0002  -0.0008 -0.0002 169 HOH A O   
572 O O   . HOH B .  ? 0.2957 0.3285 0.3158 0.0175  -0.0248 0.0022  170 HOH A O   
573 O O   . HOH B .  ? 0.4155 0.4056 0.3922 0.0047  0.0051  0.0061  171 HOH A O   
574 O O   . HOH B .  ? 0.7500 0.7493 0.7494 0.0031  0.0019  0.0043  172 HOH A O   
575 O O   . HOH B .  ? 0.4368 0.4421 0.4525 -0.0045 0.0059  0.0014  173 HOH A O   
576 O O   . HOH B .  ? 0.4730 0.4952 0.4804 0.0005  -0.0102 0.0153  174 HOH A O   
577 O O   . HOH B .  ? 0.6444 0.6447 0.6394 0.0010  0.0004  0.0007  175 HOH A O   
578 O O   . HOH B .  ? 0.3167 0.3235 0.3476 -0.0035 -0.0093 0.0041  176 HOH A O   
579 O O   . HOH B .  ? 0.7364 0.7337 0.7341 0.0008  -0.0008 0.0016  177 HOH A O   
580 O O   . HOH B .  ? 0.5775 0.5797 0.5841 0.0001  -0.0087 0.0032  178 HOH A O   
581 O O   . HOH B .  ? 0.5046 0.5128 0.5239 -0.0020 -0.0056 -0.0007 179 HOH A O   
582 O O   . HOH B .  ? 0.7528 0.7540 0.7489 -0.0019 0.0009  0.0008  180 HOH A O   
583 O O   . HOH B .  ? 0.5065 0.5129 0.5129 0.0030  0.0022  0.0006  181 HOH A O   
584 O O   . HOH B .  ? 0.2326 0.2292 0.2262 -0.0060 0.0124  -0.0072 182 HOH A O   
585 O O   . HOH B .  ? 0.6382 0.6356 0.6346 0.0016  -0.0005 0.0009  183 HOH A O   
586 O O   . HOH B .  ? 0.4141 0.4188 0.4195 0.0010  0.0122  -0.0016 184 HOH A O   
587 O O   . HOH B .  ? 0.3735 0.3289 0.3466 -0.0604 0.0106  0.0050  185 HOH A O   
588 O O   . HOH B .  ? 0.5754 0.5758 0.5777 -0.0023 0.0021  -0.0043 186 HOH A O   
589 O O   . HOH B .  ? 0.4089 0.3950 0.4125 -0.0103 0.0040  -0.0015 187 HOH A O   
590 O O   . HOH B .  ? 0.5906 0.5858 0.5864 -0.0075 0.0013  -0.0060 188 HOH A O   
591 O O   . HOH B .  ? 0.5561 0.5527 0.5618 0.0015  0.0001  0.0008  189 HOH A O   
592 O O   . HOH B .  ? 0.3881 0.3560 0.3930 -0.0021 -0.0203 -0.0004 190 HOH A O   
593 O O   . HOH B .  ? 0.5849 0.5855 0.5806 -0.0007 0.0036  -0.0050 191 HOH A O   
594 O O   . HOH B .  ? 0.7993 0.8004 0.8032 0.0021  -0.0019 0.0007  192 HOH A O   
595 O O   . HOH B .  ? 0.7480 0.7516 0.7466 -0.0011 0.0014  -0.0012 193 HOH A O   
596 O O   . HOH B .  ? 0.4022 0.3911 0.4081 -0.0095 -0.0007 0.0022  194 HOH A O   
597 O O   . HOH B .  ? 0.7313 0.7322 0.7302 -0.0001 -0.0001 -0.0020 195 HOH A O   
598 O O   . HOH B .  ? 0.4748 0.4756 0.4688 -0.0024 0.0032  0.0044  196 HOH A O   
599 O O   . HOH B .  ? 0.4715 0.4690 0.4817 0.0077  -0.0017 -0.0031 197 HOH A O   
600 O O   . HOH B .  ? 0.2033 0.1876 0.2678 -0.0266 0.0031  0.0064  198 HOH A O   
601 O O   . HOH B .  ? 0.3768 0.3777 0.3997 0.0003  -0.0073 0.0073  199 HOH A O   
602 O O   . HOH B .  ? 0.8230 0.8214 0.8213 -0.0011 0.0013  -0.0012 200 HOH A O   
603 O O   . HOH B .  ? 0.7273 0.7299 0.7287 0.0008  0.0020  0.0017  201 HOH A O   
604 O O   . HOH B .  ? 0.2883 0.2771 0.3343 -0.0371 -0.0521 -0.0175 202 HOH A O   
605 O O   . HOH B .  ? 0.2805 0.2864 0.3479 -0.0492 -0.0541 -0.0022 203 HOH A O   
606 O O   . HOH B .  ? 0.3457 0.3372 0.3514 0.0369  -0.0340 0.0297  204 HOH A O   
# 
